data_1WFL
#
_entry.id   1WFL
#
loop_
_entity.id
_entity.type
_entity.pdbx_description
1 polymer 'Zinc finger protein 216'
2 non-polymer 'ZINC ION'
#
_entity_poly.entity_id   1
_entity_poly.type   'polypeptide(L)'
_entity_poly.pdbx_seq_one_letter_code
;GSSGSSGPSSSQSEEKAPELPKPKKNRCFMCRKKVGLTGFDCRCGNLFCGLHRYSDKHNCPYDYKAEASGPSSG
;
_entity_poly.pdbx_strand_id   A
#
loop_
_chem_comp.id
_chem_comp.type
_chem_comp.name
_chem_comp.formula
ZN non-polymer 'ZINC ION' 'Zn 2'
#
# COMPACT_ATOMS: atom_id res chain seq x y z
N GLY A 1 -9.51 -27.61 20.97
CA GLY A 1 -9.66 -26.76 22.14
C GLY A 1 -8.86 -27.27 23.33
N SER A 2 -8.09 -26.38 23.94
CA SER A 2 -7.26 -26.74 25.09
C SER A 2 -6.86 -25.49 25.87
N SER A 3 -6.61 -25.67 27.17
CA SER A 3 -6.22 -24.57 28.02
C SER A 3 -4.72 -24.28 27.89
N GLY A 4 -3.93 -25.34 27.74
CA GLY A 4 -2.49 -25.17 27.60
C GLY A 4 -1.91 -24.29 28.68
N SER A 5 -1.53 -24.90 29.80
CA SER A 5 -0.95 -24.16 30.92
C SER A 5 0.43 -24.71 31.28
N SER A 6 1.46 -23.92 30.98
CA SER A 6 2.84 -24.32 31.26
C SER A 6 3.71 -23.11 31.59
N GLY A 7 4.87 -23.36 32.16
CA GLY A 7 5.78 -22.28 32.51
C GLY A 7 6.02 -21.34 31.35
N PRO A 8 6.23 -20.05 31.66
CA PRO A 8 6.22 -19.56 33.04
C PRO A 8 4.83 -19.59 33.66
N SER A 9 4.76 -19.78 34.97
CA SER A 9 3.49 -19.84 35.68
C SER A 9 2.96 -18.43 35.94
N SER A 10 3.87 -17.49 36.17
CA SER A 10 3.50 -16.11 36.46
C SER A 10 3.35 -15.32 35.16
N SER A 11 2.22 -14.62 35.02
CA SER A 11 1.95 -13.83 33.82
C SER A 11 1.24 -12.53 34.19
N GLN A 12 1.80 -11.41 33.73
CA GLN A 12 1.22 -10.10 34.00
C GLN A 12 1.17 -9.25 32.73
N SER A 13 0.80 -9.87 31.62
CA SER A 13 0.73 -9.17 30.35
C SER A 13 -0.40 -9.75 29.49
N GLU A 14 -1.46 -8.96 29.31
CA GLU A 14 -2.61 -9.39 28.51
C GLU A 14 -3.61 -8.26 28.36
N GLU A 15 -3.95 -7.94 27.12
CA GLU A 15 -4.92 -6.87 26.84
C GLU A 15 -5.28 -6.85 25.36
N LYS A 16 -6.52 -6.48 25.07
CA LYS A 16 -7.00 -6.42 23.69
C LYS A 16 -6.17 -5.44 22.87
N ALA A 17 -5.81 -5.85 21.67
CA ALA A 17 -5.01 -5.02 20.77
C ALA A 17 -5.52 -5.08 19.35
N PRO A 18 -5.34 -3.98 18.60
CA PRO A 18 -5.78 -3.90 17.20
C PRO A 18 -4.96 -4.78 16.28
N GLU A 19 -5.63 -5.50 15.38
CA GLU A 19 -4.96 -6.38 14.45
C GLU A 19 -3.65 -5.76 13.96
N LEU A 20 -2.73 -6.62 13.52
CA LEU A 20 -1.44 -6.15 13.03
C LEU A 20 -1.60 -5.01 12.04
N PRO A 21 -0.58 -4.15 11.95
CA PRO A 21 -0.59 -3.00 11.04
C PRO A 21 -0.49 -3.41 9.58
N LYS A 22 -1.61 -3.32 8.87
CA LYS A 22 -1.65 -3.68 7.46
C LYS A 22 -0.52 -3.01 6.69
N PRO A 23 -0.14 -3.61 5.55
CA PRO A 23 0.94 -3.09 4.70
C PRO A 23 0.55 -1.79 4.00
N LYS A 24 -0.75 -1.52 3.98
CA LYS A 24 -1.26 -0.31 3.33
C LYS A 24 -2.22 0.44 4.26
N LYS A 25 -3.19 -0.29 4.80
CA LYS A 25 -4.18 0.30 5.70
C LYS A 25 -4.70 1.62 5.14
N ASN A 26 -4.93 1.65 3.84
CA ASN A 26 -5.44 2.86 3.19
C ASN A 26 -4.79 4.11 3.76
N ARG A 27 -3.47 4.06 3.93
CA ARG A 27 -2.72 5.19 4.47
C ARG A 27 -1.46 5.44 3.65
N CYS A 28 -1.09 6.71 3.53
CA CYS A 28 0.09 7.10 2.77
C CYS A 28 1.29 6.24 3.16
N PHE A 29 2.20 6.05 2.21
CA PHE A 29 3.40 5.25 2.45
C PHE A 29 4.61 6.13 2.72
N MET A 30 4.38 7.43 2.73
CA MET A 30 5.45 8.40 2.96
C MET A 30 5.22 9.16 4.27
N CYS A 31 3.98 9.57 4.49
CA CYS A 31 3.63 10.31 5.70
C CYS A 31 2.75 9.47 6.62
N ARG A 32 2.19 8.40 6.07
CA ARG A 32 1.32 7.51 6.84
C ARG A 32 0.07 8.24 7.31
N LYS A 33 -0.66 8.83 6.36
CA LYS A 33 -1.87 9.56 6.67
C LYS A 33 -3.08 8.92 6.00
N LYS A 34 -4.24 9.01 6.65
CA LYS A 34 -5.47 8.43 6.10
C LYS A 34 -5.80 9.05 4.75
N VAL A 35 -5.70 8.25 3.70
CA VAL A 35 -6.00 8.71 2.35
C VAL A 35 -7.27 8.07 1.80
N GLY A 36 -7.51 6.83 2.23
CA GLY A 36 -8.70 6.11 1.78
C GLY A 36 -8.96 6.31 0.29
N LEU A 37 -9.96 7.11 -0.03
CA LEU A 37 -10.32 7.38 -1.42
C LEU A 37 -9.33 8.35 -2.05
N THR A 38 -8.79 9.25 -1.25
CA THR A 38 -7.83 10.24 -1.73
C THR A 38 -6.43 9.66 -1.79
N GLY A 39 -6.33 8.37 -2.08
CA GLY A 39 -5.05 7.70 -2.16
C GLY A 39 -4.41 7.83 -3.53
N PHE A 40 -3.12 7.53 -3.62
CA PHE A 40 -2.40 7.62 -4.88
C PHE A 40 -1.44 6.44 -5.04
N ASP A 41 -1.67 5.65 -6.08
CA ASP A 41 -0.83 4.48 -6.36
C ASP A 41 0.33 4.85 -7.28
N CYS A 42 1.55 4.79 -6.75
CA CYS A 42 2.73 5.11 -7.53
C CYS A 42 3.22 3.89 -8.31
N ARG A 43 4.11 4.14 -9.26
CA ARG A 43 4.66 3.07 -10.10
C ARG A 43 5.51 2.11 -9.25
N CYS A 44 6.15 2.65 -8.23
CA CYS A 44 7.00 1.85 -7.35
C CYS A 44 6.17 0.85 -6.54
N GLY A 45 4.86 0.92 -6.72
CA GLY A 45 3.97 0.01 -6.01
C GLY A 45 3.72 0.46 -4.59
N ASN A 46 3.45 1.75 -4.40
CA ASN A 46 3.18 2.29 -3.08
C ASN A 46 1.95 3.19 -3.10
N LEU A 47 1.50 3.60 -1.91
CA LEU A 47 0.33 4.46 -1.79
C LEU A 47 0.72 5.82 -1.22
N PHE A 48 0.15 6.88 -1.79
CA PHE A 48 0.44 8.24 -1.33
C PHE A 48 -0.84 9.07 -1.26
N CYS A 49 -0.84 10.07 -0.40
CA CYS A 49 -2.00 10.94 -0.23
C CYS A 49 -2.03 12.00 -1.32
N GLY A 50 -1.34 11.75 -2.43
CA GLY A 50 -1.31 12.69 -3.53
C GLY A 50 -0.29 13.79 -3.31
N LEU A 51 -0.06 14.15 -2.05
CA LEU A 51 0.90 15.20 -1.71
C LEU A 51 2.32 14.70 -1.88
N HIS A 52 2.50 13.38 -1.86
CA HIS A 52 3.82 12.79 -2.02
C HIS A 52 3.87 11.91 -3.27
N ARG A 53 2.71 11.70 -3.89
CA ARG A 53 2.64 10.89 -5.10
C ARG A 53 3.85 11.11 -5.99
N TYR A 54 4.15 12.38 -6.26
CA TYR A 54 5.29 12.73 -7.11
C TYR A 54 6.48 11.83 -6.81
N SER A 55 7.40 11.72 -7.77
CA SER A 55 8.59 10.91 -7.61
C SER A 55 9.67 11.66 -6.85
N ASP A 56 9.67 12.98 -6.99
CA ASP A 56 10.66 13.82 -6.31
C ASP A 56 10.11 14.33 -4.99
N LYS A 57 9.08 13.68 -4.48
CA LYS A 57 8.47 14.07 -3.22
C LYS A 57 8.75 13.03 -2.13
N HIS A 58 8.64 11.76 -2.50
CA HIS A 58 8.88 10.67 -1.55
C HIS A 58 10.12 9.87 -1.95
N ASN A 59 10.96 10.46 -2.78
CA ASN A 59 12.18 9.81 -3.25
C ASN A 59 11.86 8.48 -3.91
N CYS A 60 10.92 8.51 -4.86
CA CYS A 60 10.52 7.30 -5.57
C CYS A 60 11.74 6.59 -6.16
N PRO A 61 11.93 5.32 -5.75
CA PRO A 61 13.06 4.51 -6.22
C PRO A 61 12.90 4.11 -7.69
N TYR A 62 11.67 3.94 -8.13
CA TYR A 62 11.39 3.56 -9.51
C TYR A 62 12.23 4.38 -10.48
N ASP A 63 12.18 4.02 -11.76
CA ASP A 63 12.95 4.72 -12.78
C ASP A 63 12.07 5.00 -14.01
N TYR A 64 10.84 4.53 -13.97
CA TYR A 64 9.90 4.72 -15.07
C TYR A 64 10.14 6.08 -15.75
N LYS A 65 10.52 7.07 -14.95
CA LYS A 65 10.79 8.40 -15.47
C LYS A 65 11.89 8.37 -16.52
N ALA A 66 13.01 7.73 -16.18
CA ALA A 66 14.14 7.63 -17.10
C ALA A 66 14.19 6.24 -17.74
N GLU A 67 13.02 5.67 -18.02
CA GLU A 67 12.94 4.35 -18.62
C GLU A 67 12.36 4.44 -20.03
N ALA A 68 11.12 4.92 -20.12
CA ALA A 68 10.45 5.06 -21.41
C ALA A 68 10.48 6.50 -21.90
N SER A 69 10.69 6.68 -23.20
CA SER A 69 10.74 8.01 -23.79
C SER A 69 11.55 8.97 -22.91
N GLY A 70 12.61 8.44 -22.30
CA GLY A 70 13.45 9.26 -21.44
C GLY A 70 14.92 8.91 -21.56
N PRO A 71 15.55 9.37 -22.66
CA PRO A 71 16.97 9.11 -22.91
C PRO A 71 17.88 9.86 -21.95
N SER A 72 17.27 10.69 -21.09
CA SER A 72 18.04 11.47 -20.12
C SER A 72 19.13 10.61 -19.47
N SER A 73 20.37 10.86 -19.87
CA SER A 73 21.50 10.12 -19.34
C SER A 73 21.39 9.97 -17.82
N GLY A 74 21.49 8.73 -17.34
CA GLY A 74 21.39 8.47 -15.92
C GLY A 74 20.50 7.29 -15.60
ZN ZN B . 1.39 11.56 2.20
ZN ZN C . 6.98 5.86 -5.92
N GLY A 1 38.85 -32.44 33.89
CA GLY A 1 38.13 -32.20 35.14
C GLY A 1 37.31 -30.92 35.10
N SER A 2 36.00 -31.08 34.94
CA SER A 2 35.10 -29.93 34.87
C SER A 2 33.65 -30.38 34.84
N SER A 3 32.77 -29.61 35.47
CA SER A 3 31.35 -29.92 35.52
C SER A 3 30.57 -28.80 36.20
N GLY A 4 29.24 -28.89 36.12
CA GLY A 4 28.39 -27.88 36.71
C GLY A 4 27.48 -27.22 35.72
N SER A 5 26.50 -27.97 35.23
CA SER A 5 25.56 -27.45 34.24
C SER A 5 24.14 -27.91 34.56
N SER A 6 23.19 -26.96 34.52
CA SER A 6 21.80 -27.26 34.81
C SER A 6 20.89 -26.12 34.35
N GLY A 7 19.91 -26.47 33.52
CA GLY A 7 18.99 -25.47 33.00
C GLY A 7 19.68 -24.16 32.67
N PRO A 8 18.89 -23.07 32.59
CA PRO A 8 17.44 -23.13 32.78
C PRO A 8 16.73 -23.88 31.66
N SER A 9 15.41 -23.99 31.78
CA SER A 9 14.61 -24.68 30.78
C SER A 9 13.31 -23.93 30.51
N SER A 10 13.12 -23.51 29.26
CA SER A 10 11.92 -22.78 28.87
C SER A 10 11.80 -22.69 27.35
N SER A 11 10.85 -23.43 26.80
CA SER A 11 10.63 -23.45 25.35
C SER A 11 9.18 -23.13 25.02
N GLN A 12 8.78 -21.88 25.25
CA GLN A 12 7.42 -21.45 24.97
C GLN A 12 7.39 -20.07 24.31
N SER A 13 6.91 -20.02 23.08
CA SER A 13 6.84 -18.76 22.35
C SER A 13 5.85 -18.87 21.19
N GLU A 14 4.74 -18.15 21.30
CA GLU A 14 3.71 -18.16 20.26
C GLU A 14 2.65 -17.10 20.53
N GLU A 15 2.46 -16.21 19.56
CA GLU A 15 1.48 -15.14 19.69
C GLU A 15 0.41 -15.24 18.61
N LYS A 16 -0.69 -15.90 18.93
CA LYS A 16 -1.79 -16.07 17.98
C LYS A 16 -2.82 -14.96 18.14
N ALA A 17 -3.41 -14.54 17.02
CA ALA A 17 -4.41 -13.48 17.03
C ALA A 17 -5.13 -13.39 15.68
N PRO A 18 -6.38 -12.91 15.72
CA PRO A 18 -7.19 -12.76 14.51
C PRO A 18 -6.68 -11.65 13.59
N GLU A 19 -6.25 -12.03 12.40
CA GLU A 19 -5.73 -11.06 11.43
C GLU A 19 -6.06 -11.49 10.01
N LEU A 20 -6.20 -10.51 9.12
CA LEU A 20 -6.51 -10.79 7.71
C LEU A 20 -5.41 -10.26 6.79
N PRO A 21 -5.30 -10.85 5.61
CA PRO A 21 -4.29 -10.46 4.61
C PRO A 21 -4.59 -9.09 4.00
N LYS A 22 -3.80 -8.10 4.39
CA LYS A 22 -3.98 -6.74 3.89
C LYS A 22 -2.64 -6.13 3.46
N PRO A 23 -2.51 -5.83 2.16
CA PRO A 23 -1.30 -5.24 1.60
C PRO A 23 -1.08 -3.81 2.06
N LYS A 24 -2.18 -3.09 2.25
CA LYS A 24 -2.11 -1.70 2.69
C LYS A 24 -3.33 -1.33 3.54
N LYS A 25 -3.17 -0.34 4.40
CA LYS A 25 -4.25 0.10 5.28
C LYS A 25 -4.80 1.45 4.81
N ASN A 26 -4.90 1.62 3.49
CA ASN A 26 -5.41 2.85 2.91
C ASN A 26 -4.76 4.06 3.56
N ARG A 27 -3.45 3.98 3.76
CA ARG A 27 -2.70 5.08 4.37
C ARG A 27 -1.42 5.37 3.58
N CYS A 28 -1.09 6.65 3.46
CA CYS A 28 0.10 7.06 2.72
C CYS A 28 1.30 6.21 3.11
N PHE A 29 2.24 6.05 2.19
CA PHE A 29 3.43 5.25 2.43
C PHE A 29 4.63 6.15 2.73
N MET A 30 4.39 7.45 2.76
CA MET A 30 5.46 8.41 3.03
C MET A 30 5.21 9.13 4.36
N CYS A 31 3.97 9.57 4.56
CA CYS A 31 3.61 10.28 5.79
C CYS A 31 2.70 9.41 6.66
N ARG A 32 2.10 8.39 6.06
CA ARG A 32 1.21 7.50 6.78
C ARG A 32 -0.03 8.23 7.27
N LYS A 33 -0.73 8.88 6.34
CA LYS A 33 -1.95 9.62 6.66
C LYS A 33 -3.15 9.03 5.94
N LYS A 34 -4.24 8.84 6.68
CA LYS A 34 -5.47 8.29 6.11
C LYS A 34 -5.80 8.96 4.78
N VAL A 35 -5.65 8.21 3.69
CA VAL A 35 -5.93 8.73 2.36
C VAL A 35 -7.26 8.21 1.84
N GLY A 36 -7.58 6.96 2.17
CA GLY A 36 -8.83 6.37 1.72
C GLY A 36 -9.04 6.52 0.23
N LEU A 37 -10.04 7.31 -0.14
CA LEU A 37 -10.35 7.54 -1.55
C LEU A 37 -9.35 8.49 -2.18
N THR A 38 -8.80 9.38 -1.37
CA THR A 38 -7.82 10.35 -1.85
C THR A 38 -6.42 9.74 -1.89
N GLY A 39 -6.35 8.43 -2.11
CA GLY A 39 -5.08 7.76 -2.18
C GLY A 39 -4.43 7.86 -3.55
N PHE A 40 -3.13 7.57 -3.62
CA PHE A 40 -2.40 7.64 -4.87
C PHE A 40 -1.46 6.45 -5.02
N ASP A 41 -1.70 5.63 -6.04
CA ASP A 41 -0.89 4.45 -6.30
C ASP A 41 0.25 4.79 -7.26
N CYS A 42 1.48 4.76 -6.75
CA CYS A 42 2.65 5.06 -7.57
C CYS A 42 3.12 3.81 -8.32
N ARG A 43 3.99 4.01 -9.31
CA ARG A 43 4.52 2.90 -10.10
C ARG A 43 5.42 2.02 -9.26
N CYS A 44 6.11 2.62 -8.29
CA CYS A 44 7.00 1.88 -7.41
C CYS A 44 6.24 0.86 -6.58
N GLY A 45 4.91 0.91 -6.67
CA GLY A 45 4.09 -0.02 -5.92
C GLY A 45 3.83 0.45 -4.50
N ASN A 46 3.54 1.74 -4.35
CA ASN A 46 3.27 2.32 -3.04
C ASN A 46 2.04 3.23 -3.07
N LEU A 47 1.59 3.64 -1.90
CA LEU A 47 0.42 4.51 -1.80
C LEU A 47 0.80 5.87 -1.24
N PHE A 48 0.20 6.92 -1.79
CA PHE A 48 0.48 8.29 -1.35
C PHE A 48 -0.80 9.11 -1.27
N CYS A 49 -0.81 10.11 -0.41
CA CYS A 49 -1.98 10.96 -0.23
C CYS A 49 -2.02 12.04 -1.32
N GLY A 50 -1.36 11.77 -2.44
CA GLY A 50 -1.34 12.73 -3.54
C GLY A 50 -0.32 13.82 -3.33
N LEU A 51 -0.08 14.18 -2.07
CA LEU A 51 0.88 15.23 -1.74
C LEU A 51 2.32 14.73 -1.89
N HIS A 52 2.49 13.41 -1.85
CA HIS A 52 3.80 12.80 -1.98
C HIS A 52 3.88 11.95 -3.25
N ARG A 53 2.73 11.72 -3.88
CA ARG A 53 2.67 10.91 -5.08
C ARG A 53 3.88 11.18 -5.97
N TYR A 54 4.17 12.44 -6.23
CA TYR A 54 5.31 12.82 -7.06
C TYR A 54 6.51 11.94 -6.77
N SER A 55 7.43 11.87 -7.73
CA SER A 55 8.63 11.05 -7.58
C SER A 55 9.68 11.79 -6.76
N ASP A 56 9.70 13.11 -6.88
CA ASP A 56 10.66 13.94 -6.16
C ASP A 56 10.07 14.41 -4.84
N LYS A 57 9.06 13.71 -4.35
CA LYS A 57 8.41 14.06 -3.10
C LYS A 57 8.62 12.97 -2.05
N HIS A 58 8.60 11.72 -2.50
CA HIS A 58 8.80 10.59 -1.60
C HIS A 58 10.02 9.78 -1.99
N ASN A 59 10.90 10.40 -2.77
CA ASN A 59 12.12 9.73 -3.23
C ASN A 59 11.79 8.42 -3.94
N CYS A 60 10.87 8.48 -4.90
CA CYS A 60 10.47 7.30 -5.66
C CYS A 60 11.69 6.56 -6.20
N PRO A 61 11.85 5.30 -5.78
CA PRO A 61 12.97 4.46 -6.21
C PRO A 61 12.86 4.06 -7.68
N TYR A 62 11.63 3.94 -8.16
CA TYR A 62 11.38 3.56 -9.55
C TYR A 62 12.28 4.35 -10.50
N ASP A 63 12.21 4.03 -11.79
CA ASP A 63 13.01 4.70 -12.79
C ASP A 63 12.14 5.16 -13.96
N TYR A 64 10.90 4.68 -13.99
CA TYR A 64 9.97 5.04 -15.06
C TYR A 64 10.14 6.49 -15.47
N LYS A 65 10.58 7.32 -14.53
CA LYS A 65 10.79 8.74 -14.79
C LYS A 65 11.60 8.94 -16.07
N ALA A 66 12.69 8.19 -16.19
CA ALA A 66 13.55 8.28 -17.37
C ALA A 66 13.17 7.22 -18.40
N GLU A 67 13.01 5.99 -17.94
CA GLU A 67 12.65 4.88 -18.83
C GLU A 67 11.57 5.30 -19.81
N ALA A 68 10.56 6.02 -19.31
CA ALA A 68 9.46 6.49 -20.15
C ALA A 68 9.90 7.65 -21.02
N SER A 69 9.07 7.98 -22.02
CA SER A 69 9.38 9.07 -22.94
C SER A 69 9.07 10.42 -22.29
N GLY A 70 10.11 11.17 -21.97
CA GLY A 70 9.93 12.48 -21.35
C GLY A 70 11.25 13.15 -21.03
N PRO A 71 11.30 13.83 -19.87
CA PRO A 71 12.51 14.54 -19.43
C PRO A 71 13.63 13.58 -19.04
N SER A 72 14.85 13.93 -19.41
CA SER A 72 16.02 13.10 -19.10
C SER A 72 16.81 13.69 -17.95
N SER A 73 16.10 14.12 -16.91
CA SER A 73 16.74 14.71 -15.74
C SER A 73 15.92 14.43 -14.48
N GLY A 74 16.57 13.84 -13.48
CA GLY A 74 15.88 13.53 -12.23
C GLY A 74 16.81 12.92 -11.21
ZN ZN B . 1.39 11.55 2.28
ZN ZN C . 6.93 5.96 -6.14
N GLY A 1 -59.63 -4.16 -26.96
CA GLY A 1 -58.85 -4.03 -25.75
C GLY A 1 -57.38 -3.81 -26.04
N SER A 2 -56.60 -3.58 -24.99
CA SER A 2 -55.16 -3.34 -25.13
C SER A 2 -54.48 -3.30 -23.77
N SER A 3 -53.36 -4.00 -23.65
CA SER A 3 -52.60 -4.04 -22.40
C SER A 3 -51.22 -4.65 -22.62
N GLY A 4 -50.39 -4.58 -21.58
CA GLY A 4 -49.04 -5.12 -21.68
C GLY A 4 -48.09 -4.49 -20.69
N SER A 5 -47.15 -5.28 -20.18
CA SER A 5 -46.17 -4.79 -19.21
C SER A 5 -45.10 -5.84 -18.95
N SER A 6 -43.91 -5.60 -19.51
CA SER A 6 -42.79 -6.53 -19.33
C SER A 6 -41.46 -5.82 -19.61
N GLY A 7 -40.49 -6.04 -18.74
CA GLY A 7 -39.19 -5.43 -18.91
C GLY A 7 -39.28 -3.93 -19.12
N PRO A 8 -38.13 -3.31 -19.43
CA PRO A 8 -36.85 -4.02 -19.58
C PRO A 8 -36.32 -4.53 -18.26
N SER A 9 -35.57 -5.62 -18.30
CA SER A 9 -35.00 -6.22 -17.10
C SER A 9 -33.56 -6.68 -17.34
N SER A 10 -32.61 -5.96 -16.79
CA SER A 10 -31.19 -6.29 -16.95
C SER A 10 -30.33 -5.40 -16.07
N SER A 11 -29.82 -5.98 -14.97
CA SER A 11 -28.97 -5.24 -14.05
C SER A 11 -28.06 -6.19 -13.29
N GLN A 12 -26.76 -6.12 -13.59
CA GLN A 12 -25.78 -6.98 -12.94
C GLN A 12 -24.36 -6.60 -13.36
N SER A 13 -23.53 -6.26 -12.38
CA SER A 13 -22.15 -5.87 -12.65
C SER A 13 -21.36 -5.74 -11.35
N GLU A 14 -20.49 -6.71 -11.09
CA GLU A 14 -19.67 -6.71 -9.89
C GLU A 14 -18.53 -7.72 -10.00
N GLU A 15 -17.32 -7.27 -9.68
CA GLU A 15 -16.14 -8.12 -9.75
C GLU A 15 -15.19 -7.85 -8.59
N LYS A 16 -14.68 -8.92 -7.99
CA LYS A 16 -13.76 -8.78 -6.85
C LYS A 16 -12.72 -9.91 -6.87
N ALA A 17 -11.55 -9.63 -6.31
CA ALA A 17 -10.48 -10.61 -6.26
C ALA A 17 -9.83 -10.64 -4.88
N PRO A 18 -9.58 -11.85 -4.37
CA PRO A 18 -8.96 -12.05 -3.06
C PRO A 18 -7.50 -11.64 -3.04
N GLU A 19 -7.20 -10.56 -2.32
CA GLU A 19 -5.83 -10.07 -2.23
C GLU A 19 -5.33 -10.10 -0.78
N LEU A 20 -4.04 -10.34 -0.62
CA LEU A 20 -3.44 -10.40 0.71
C LEU A 20 -3.46 -9.03 1.38
N PRO A 21 -3.42 -9.03 2.73
CA PRO A 21 -3.43 -7.80 3.52
C PRO A 21 -2.13 -7.00 3.37
N LYS A 22 -2.14 -5.77 3.87
CA LYS A 22 -0.97 -4.91 3.79
C LYS A 22 -0.91 -3.96 4.98
N PRO A 23 0.30 -3.53 5.35
CA PRO A 23 0.51 -2.61 6.48
C PRO A 23 0.01 -1.20 6.17
N LYS A 24 -0.34 -0.96 4.91
CA LYS A 24 -0.84 0.34 4.49
C LYS A 24 -2.10 0.19 3.64
N LYS A 25 -3.19 -0.24 4.27
CA LYS A 25 -4.46 -0.43 3.58
C LYS A 25 -4.87 0.86 2.86
N ASN A 26 -5.19 1.89 3.62
CA ASN A 26 -5.59 3.17 3.06
C ASN A 26 -4.85 4.33 3.72
N ARG A 27 -3.54 4.16 3.88
CA ARG A 27 -2.71 5.19 4.50
C ARG A 27 -1.45 5.45 3.67
N CYS A 28 -1.08 6.72 3.55
CA CYS A 28 0.10 7.09 2.78
C CYS A 28 1.29 6.22 3.16
N PHE A 29 2.22 6.05 2.21
CA PHE A 29 3.40 5.24 2.44
C PHE A 29 4.62 6.12 2.72
N MET A 30 4.40 7.43 2.76
CA MET A 30 5.47 8.38 3.01
C MET A 30 5.24 9.12 4.33
N CYS A 31 4.01 9.55 4.56
CA CYS A 31 3.66 10.26 5.78
C CYS A 31 2.77 9.41 6.68
N ARG A 32 2.15 8.39 6.09
CA ARG A 32 1.27 7.50 6.84
C ARG A 32 0.01 8.23 7.29
N LYS A 33 -0.69 8.84 6.34
CA LYS A 33 -1.91 9.57 6.65
C LYS A 33 -3.11 8.93 5.97
N LYS A 34 -4.27 9.03 6.63
CA LYS A 34 -5.50 8.46 6.08
C LYS A 34 -5.84 9.07 4.73
N VAL A 35 -5.73 8.28 3.68
CA VAL A 35 -6.03 8.75 2.33
C VAL A 35 -7.32 8.13 1.80
N GLY A 36 -7.58 6.88 2.21
CA GLY A 36 -8.78 6.20 1.76
C GLY A 36 -9.00 6.32 0.28
N LEU A 37 -10.05 7.04 -0.10
CA LEU A 37 -10.38 7.24 -1.51
C LEU A 37 -9.42 8.23 -2.16
N THR A 38 -8.88 9.14 -1.35
CA THR A 38 -7.95 10.14 -1.85
C THR A 38 -6.52 9.59 -1.88
N GLY A 39 -6.39 8.30 -2.15
CA GLY A 39 -5.08 7.67 -2.21
C GLY A 39 -4.45 7.81 -3.58
N PHE A 40 -3.15 7.52 -3.65
CA PHE A 40 -2.42 7.61 -4.90
C PHE A 40 -1.45 6.44 -5.06
N ASP A 41 -1.69 5.61 -6.08
CA ASP A 41 -0.84 4.46 -6.34
C ASP A 41 0.31 4.82 -7.27
N CYS A 42 1.53 4.78 -6.74
CA CYS A 42 2.71 5.11 -7.53
C CYS A 42 3.20 3.89 -8.31
N ARG A 43 4.09 4.14 -9.27
CA ARG A 43 4.63 3.05 -10.09
C ARG A 43 5.49 2.12 -9.25
N CYS A 44 6.15 2.67 -8.24
CA CYS A 44 7.00 1.88 -7.36
C CYS A 44 6.19 0.87 -6.55
N GLY A 45 4.87 0.94 -6.71
CA GLY A 45 3.99 0.03 -5.99
C GLY A 45 3.74 0.47 -4.57
N ASN A 46 3.47 1.76 -4.39
CA ASN A 46 3.21 2.31 -3.07
C ASN A 46 1.97 3.20 -3.08
N LEU A 47 1.52 3.62 -1.91
CA LEU A 47 0.34 4.47 -1.78
C LEU A 47 0.71 5.82 -1.19
N PHE A 48 0.20 6.89 -1.80
CA PHE A 48 0.48 8.25 -1.33
C PHE A 48 -0.80 9.07 -1.26
N CYS A 49 -0.80 10.08 -0.39
CA CYS A 49 -1.97 10.94 -0.23
C CYS A 49 -2.01 12.01 -1.32
N GLY A 50 -1.34 11.74 -2.44
CA GLY A 50 -1.32 12.68 -3.53
C GLY A 50 -0.29 13.78 -3.32
N LEU A 51 -0.07 14.16 -2.07
CA LEU A 51 0.90 15.21 -1.75
C LEU A 51 2.32 14.69 -1.90
N HIS A 52 2.48 13.37 -1.89
CA HIS A 52 3.80 12.75 -2.03
C HIS A 52 3.85 11.90 -3.29
N ARG A 53 2.70 11.67 -3.91
CA ARG A 53 2.62 10.86 -5.12
C ARG A 53 3.84 11.10 -6.01
N TYR A 54 4.13 12.37 -6.27
CA TYR A 54 5.27 12.73 -7.11
C TYR A 54 6.49 11.86 -6.79
N SER A 55 7.37 11.73 -7.76
CA SER A 55 8.58 10.93 -7.59
C SER A 55 9.65 11.71 -6.83
N ASP A 56 9.64 13.02 -7.00
CA ASP A 56 10.61 13.89 -6.33
C ASP A 56 10.06 14.39 -5.01
N LYS A 57 9.04 13.72 -4.49
CA LYS A 57 8.42 14.10 -3.22
C LYS A 57 8.69 13.06 -2.14
N HIS A 58 8.64 11.79 -2.53
CA HIS A 58 8.88 10.69 -1.60
C HIS A 58 10.12 9.89 -2.00
N ASN A 59 10.95 10.50 -2.84
CA ASN A 59 12.17 9.85 -3.30
C ASN A 59 11.85 8.50 -3.96
N CYS A 60 10.93 8.53 -4.92
CA CYS A 60 10.53 7.32 -5.63
C CYS A 60 11.75 6.60 -6.20
N PRO A 61 11.96 5.35 -5.79
CA PRO A 61 13.09 4.53 -6.26
C PRO A 61 12.93 4.13 -7.73
N TYR A 62 11.70 3.97 -8.17
CA TYR A 62 11.41 3.58 -9.55
C TYR A 62 12.26 4.39 -10.52
N ASP A 63 12.20 4.01 -11.79
CA ASP A 63 12.96 4.71 -12.83
C ASP A 63 12.10 5.01 -14.04
N TYR A 64 10.85 4.54 -14.00
CA TYR A 64 9.92 4.75 -15.10
C TYR A 64 10.14 6.12 -15.74
N LYS A 65 10.43 7.11 -14.92
CA LYS A 65 10.66 8.47 -15.40
C LYS A 65 11.54 8.44 -16.66
N ALA A 66 12.66 7.76 -16.58
CA ALA A 66 13.58 7.66 -17.71
C ALA A 66 13.05 6.69 -18.76
N GLU A 67 12.45 5.60 -18.31
CA GLU A 67 11.90 4.60 -19.21
C GLU A 67 10.77 5.19 -20.06
N ALA A 68 10.96 5.23 -21.37
CA ALA A 68 9.97 5.76 -22.28
C ALA A 68 10.03 5.07 -23.63
N SER A 69 8.86 4.67 -24.14
CA SER A 69 8.78 3.99 -25.42
C SER A 69 7.91 4.77 -26.41
N GLY A 70 8.41 4.95 -27.63
CA GLY A 70 7.66 5.68 -28.64
C GLY A 70 8.52 6.71 -29.35
N PRO A 71 8.43 7.97 -28.88
CA PRO A 71 9.20 9.08 -29.46
C PRO A 71 10.69 8.97 -29.18
N SER A 72 11.49 9.48 -30.10
CA SER A 72 12.95 9.44 -29.97
C SER A 72 13.58 10.75 -30.43
N SER A 73 14.78 11.04 -29.93
CA SER A 73 15.49 12.25 -30.30
C SER A 73 17.00 12.01 -30.32
N GLY A 74 17.69 12.70 -31.23
CA GLY A 74 19.13 12.54 -31.35
C GLY A 74 19.78 13.73 -32.03
ZN ZN B . 1.40 11.57 2.28
ZN ZN C . 6.97 5.90 -5.96
N GLY A 1 -19.72 -46.44 46.90
CA GLY A 1 -19.88 -45.29 47.76
C GLY A 1 -19.51 -44.00 47.06
N SER A 2 -20.50 -43.10 46.93
CA SER A 2 -20.28 -41.81 46.27
C SER A 2 -20.78 -40.67 47.14
N SER A 3 -19.89 -39.72 47.43
CA SER A 3 -20.24 -38.57 48.26
C SER A 3 -19.30 -37.41 47.99
N GLY A 4 -19.87 -36.26 47.64
CA GLY A 4 -19.07 -35.08 47.38
C GLY A 4 -19.83 -34.02 46.60
N SER A 5 -19.23 -32.84 46.45
CA SER A 5 -19.86 -31.75 45.72
C SER A 5 -19.02 -31.34 44.52
N SER A 6 -19.55 -30.42 43.72
CA SER A 6 -18.86 -29.95 42.53
C SER A 6 -19.36 -28.56 42.13
N GLY A 7 -18.47 -27.76 41.54
CA GLY A 7 -18.83 -26.42 41.12
C GLY A 7 -19.94 -26.42 40.09
N PRO A 8 -19.56 -26.15 38.82
CA PRO A 8 -18.19 -25.86 38.45
C PRO A 8 -17.70 -24.52 38.99
N SER A 9 -16.54 -24.52 39.63
CA SER A 9 -15.97 -23.31 40.19
C SER A 9 -14.71 -22.90 39.44
N SER A 10 -14.89 -22.17 38.34
CA SER A 10 -13.76 -21.72 37.53
C SER A 10 -14.20 -20.66 36.53
N SER A 11 -13.73 -19.44 36.73
CA SER A 11 -14.08 -18.33 35.84
C SER A 11 -12.98 -18.10 34.80
N GLN A 12 -13.15 -18.69 33.63
CA GLN A 12 -12.17 -18.56 32.56
C GLN A 12 -12.86 -18.18 31.24
N SER A 13 -12.97 -16.87 30.99
CA SER A 13 -13.61 -16.40 29.77
C SER A 13 -12.57 -16.05 28.72
N GLU A 14 -12.07 -17.06 28.02
CA GLU A 14 -11.06 -16.86 26.99
C GLU A 14 -11.66 -17.11 25.61
N GLU A 15 -11.79 -16.03 24.82
CA GLU A 15 -12.34 -16.13 23.48
C GLU A 15 -11.75 -15.05 22.57
N LYS A 16 -11.19 -15.47 21.44
CA LYS A 16 -10.59 -14.55 20.49
C LYS A 16 -10.24 -15.26 19.19
N ALA A 17 -9.73 -14.50 18.22
CA ALA A 17 -9.35 -15.06 16.94
C ALA A 17 -8.05 -14.43 16.43
N PRO A 18 -7.33 -15.17 15.58
CA PRO A 18 -6.06 -14.71 15.00
C PRO A 18 -6.26 -13.58 14.00
N GLU A 19 -5.54 -12.48 14.22
CA GLU A 19 -5.64 -11.32 13.34
C GLU A 19 -4.27 -10.93 12.80
N LEU A 20 -4.24 -10.43 11.56
CA LEU A 20 -3.00 -10.03 10.93
C LEU A 20 -2.98 -8.53 10.68
N PRO A 21 -1.77 -7.94 10.66
CA PRO A 21 -1.59 -6.50 10.43
C PRO A 21 -1.90 -6.10 9.00
N LYS A 22 -2.10 -4.81 8.77
CA LYS A 22 -2.40 -4.29 7.45
C LYS A 22 -1.14 -3.84 6.73
N PRO A 23 -1.02 -4.20 5.45
CA PRO A 23 0.14 -3.84 4.63
C PRO A 23 0.19 -2.36 4.31
N LYS A 24 -0.96 -1.78 3.98
CA LYS A 24 -1.04 -0.37 3.66
C LYS A 24 -2.04 0.35 4.59
N LYS A 25 -3.24 -0.22 4.70
CA LYS A 25 -4.27 0.35 5.55
C LYS A 25 -4.76 1.69 5.00
N ASN A 26 -5.01 1.73 3.69
CA ASN A 26 -5.48 2.95 3.04
C ASN A 26 -4.80 4.18 3.66
N ARG A 27 -3.50 4.08 3.87
CA ARG A 27 -2.73 5.18 4.45
C ARG A 27 -1.46 5.44 3.65
N CYS A 28 -1.10 6.71 3.50
CA CYS A 28 0.10 7.09 2.76
C CYS A 28 1.28 6.22 3.18
N PHE A 29 2.21 6.01 2.24
CA PHE A 29 3.39 5.21 2.52
C PHE A 29 4.60 6.08 2.80
N MET A 30 4.38 7.40 2.82
CA MET A 30 5.45 8.35 3.07
C MET A 30 5.21 9.10 4.38
N CYS A 31 3.98 9.58 4.57
CA CYS A 31 3.62 10.31 5.77
C CYS A 31 2.73 9.47 6.68
N ARG A 32 2.14 8.43 6.11
CA ARG A 32 1.26 7.54 6.86
C ARG A 32 -0.01 8.27 7.29
N LYS A 33 -0.69 8.86 6.33
CA LYS A 33 -1.93 9.60 6.61
C LYS A 33 -3.13 8.90 5.97
N LYS A 34 -4.29 9.07 6.57
CA LYS A 34 -5.52 8.47 6.06
C LYS A 34 -5.90 9.07 4.71
N VAL A 35 -5.71 8.29 3.65
CA VAL A 35 -6.04 8.74 2.31
C VAL A 35 -7.35 8.12 1.82
N GLY A 36 -7.59 6.88 2.21
CA GLY A 36 -8.81 6.19 1.80
C GLY A 36 -9.08 6.34 0.33
N LEU A 37 -10.05 7.18 -0.02
CA LEU A 37 -10.42 7.39 -1.41
C LEU A 37 -9.42 8.34 -2.09
N THR A 38 -8.92 9.30 -1.33
CA THR A 38 -7.96 10.27 -1.85
C THR A 38 -6.55 9.70 -1.87
N GLY A 39 -6.44 8.41 -2.17
CA GLY A 39 -5.14 7.77 -2.21
C GLY A 39 -4.49 7.87 -3.58
N PHE A 40 -3.19 7.59 -3.63
CA PHE A 40 -2.45 7.65 -4.89
C PHE A 40 -1.51 6.46 -5.03
N ASP A 41 -1.69 5.69 -6.09
CA ASP A 41 -0.86 4.52 -6.35
C ASP A 41 0.30 4.87 -7.28
N CYS A 42 1.52 4.80 -6.75
CA CYS A 42 2.70 5.11 -7.54
C CYS A 42 3.17 3.88 -8.31
N ARG A 43 4.07 4.11 -9.26
CA ARG A 43 4.60 3.02 -10.09
C ARG A 43 5.47 2.08 -9.25
N CYS A 44 6.15 2.65 -8.26
CA CYS A 44 7.02 1.86 -7.40
C CYS A 44 6.22 0.83 -6.60
N GLY A 45 4.89 0.92 -6.70
CA GLY A 45 4.03 0.00 -6.00
C GLY A 45 3.76 0.43 -4.57
N ASN A 46 3.51 1.72 -4.38
CA ASN A 46 3.23 2.26 -3.05
C ASN A 46 2.00 3.16 -3.08
N LEU A 47 1.56 3.60 -1.90
CA LEU A 47 0.41 4.46 -1.78
C LEU A 47 0.79 5.83 -1.23
N PHE A 48 0.19 6.88 -1.77
CA PHE A 48 0.49 8.24 -1.32
C PHE A 48 -0.80 9.07 -1.25
N CYS A 49 -0.79 10.08 -0.38
CA CYS A 49 -1.95 10.94 -0.21
C CYS A 49 -1.99 12.02 -1.30
N GLY A 50 -1.33 11.75 -2.42
CA GLY A 50 -1.31 12.70 -3.52
C GLY A 50 -0.27 13.78 -3.31
N LEU A 51 -0.06 14.16 -2.05
CA LEU A 51 0.92 15.20 -1.73
C LEU A 51 2.35 14.69 -1.89
N HIS A 52 2.50 13.37 -1.90
CA HIS A 52 3.81 12.75 -2.04
C HIS A 52 3.86 11.89 -3.31
N ARG A 53 2.70 11.68 -3.93
CA ARG A 53 2.62 10.88 -5.14
C ARG A 53 3.83 11.11 -6.04
N TYR A 54 4.12 12.38 -6.31
CA TYR A 54 5.26 12.74 -7.15
C TYR A 54 6.46 11.85 -6.85
N SER A 55 7.34 11.70 -7.84
CA SER A 55 8.54 10.88 -7.68
C SER A 55 9.64 11.65 -6.96
N ASP A 56 9.61 12.97 -7.09
CA ASP A 56 10.60 13.82 -6.44
C ASP A 56 10.08 14.35 -5.11
N LYS A 57 9.05 13.70 -4.58
CA LYS A 57 8.46 14.10 -3.31
C LYS A 57 8.75 13.06 -2.23
N HIS A 58 8.61 11.79 -2.58
CA HIS A 58 8.86 10.71 -1.64
C HIS A 58 10.09 9.91 -2.03
N ASN A 59 10.94 10.52 -2.87
CA ASN A 59 12.16 9.86 -3.33
C ASN A 59 11.85 8.52 -3.98
N CYS A 60 10.91 8.54 -4.94
CA CYS A 60 10.52 7.33 -5.65
C CYS A 60 11.74 6.63 -6.23
N PRO A 61 11.96 5.37 -5.82
CA PRO A 61 13.09 4.56 -6.29
C PRO A 61 12.94 4.16 -7.76
N TYR A 62 11.70 4.00 -8.19
CA TYR A 62 11.41 3.61 -9.57
C TYR A 62 12.25 4.41 -10.55
N ASP A 63 12.21 4.02 -11.81
CA ASP A 63 12.96 4.71 -12.85
C ASP A 63 12.10 4.95 -14.09
N TYR A 64 10.84 4.53 -14.02
CA TYR A 64 9.91 4.70 -15.13
C TYR A 64 10.11 6.07 -15.79
N LYS A 65 10.38 7.08 -14.97
CA LYS A 65 10.59 8.44 -15.48
C LYS A 65 11.63 8.45 -16.59
N ALA A 66 12.73 7.72 -16.36
CA ALA A 66 13.81 7.65 -17.34
C ALA A 66 13.86 6.28 -18.01
N GLU A 67 12.68 5.70 -18.24
CA GLU A 67 12.59 4.38 -18.86
C GLU A 67 12.11 4.50 -20.31
N ALA A 68 11.06 5.29 -20.52
CA ALA A 68 10.50 5.48 -21.85
C ALA A 68 11.50 6.19 -22.77
N SER A 69 11.27 6.08 -24.08
CA SER A 69 12.16 6.70 -25.05
C SER A 69 11.87 8.20 -25.17
N GLY A 70 12.88 9.01 -24.83
CA GLY A 70 12.72 10.45 -24.89
C GLY A 70 14.03 11.17 -25.12
N PRO A 71 14.01 12.24 -25.91
CA PRO A 71 15.20 13.03 -26.22
C PRO A 71 15.69 13.83 -25.01
N SER A 72 16.76 13.36 -24.40
CA SER A 72 17.33 14.03 -23.23
C SER A 72 18.85 14.15 -23.36
N SER A 73 19.34 15.37 -23.30
CA SER A 73 20.77 15.62 -23.41
C SER A 73 21.34 16.17 -22.10
N GLY A 74 22.36 15.49 -21.58
CA GLY A 74 22.97 15.91 -20.33
C GLY A 74 24.39 16.40 -20.51
ZN ZN B . 1.45 11.54 2.22
ZN ZN C . 6.97 5.88 -5.99
N GLY A 1 -29.92 11.93 57.94
CA GLY A 1 -30.43 10.77 57.24
C GLY A 1 -29.66 10.49 55.96
N SER A 2 -28.86 9.43 55.97
CA SER A 2 -28.07 9.06 54.80
C SER A 2 -28.71 7.88 54.06
N SER A 3 -28.35 7.73 52.79
CA SER A 3 -28.88 6.64 51.97
C SER A 3 -27.82 6.11 51.02
N GLY A 4 -27.68 4.79 51.00
CA GLY A 4 -26.70 4.16 50.12
C GLY A 4 -27.32 3.61 48.86
N SER A 5 -26.48 3.32 47.86
CA SER A 5 -26.95 2.79 46.59
C SER A 5 -25.77 2.38 45.71
N SER A 6 -25.92 1.27 45.00
CA SER A 6 -24.88 0.77 44.11
C SER A 6 -25.41 -0.36 43.23
N GLY A 7 -24.93 -0.40 41.99
CA GLY A 7 -25.36 -1.43 41.06
C GLY A 7 -26.86 -1.58 41.01
N PRO A 8 -27.34 -2.71 40.50
CA PRO A 8 -26.47 -3.78 40.00
C PRO A 8 -25.74 -3.38 38.72
N SER A 9 -24.73 -4.16 38.36
CA SER A 9 -23.94 -3.89 37.15
C SER A 9 -23.45 -5.19 36.52
N SER A 10 -23.85 -5.42 35.28
CA SER A 10 -23.46 -6.63 34.56
C SER A 10 -23.26 -6.34 33.08
N SER A 11 -22.25 -6.96 32.48
CA SER A 11 -21.96 -6.78 31.07
C SER A 11 -22.92 -7.59 30.20
N GLN A 12 -22.91 -7.32 28.90
CA GLN A 12 -23.78 -8.04 27.96
C GLN A 12 -22.96 -8.96 27.07
N SER A 13 -21.87 -8.44 26.53
CA SER A 13 -21.01 -9.22 25.65
C SER A 13 -19.66 -8.54 25.47
N GLU A 14 -18.58 -9.27 25.76
CA GLU A 14 -17.23 -8.74 25.62
C GLU A 14 -16.33 -9.71 24.85
N GLU A 15 -16.89 -10.31 23.81
CA GLU A 15 -16.14 -11.26 23.00
C GLU A 15 -16.03 -10.77 21.56
N LYS A 16 -14.81 -10.76 21.03
CA LYS A 16 -14.56 -10.32 19.66
C LYS A 16 -13.37 -11.04 19.07
N ALA A 17 -13.16 -10.86 17.77
CA ALA A 17 -12.04 -11.48 17.07
C ALA A 17 -10.95 -10.46 16.75
N PRO A 18 -9.70 -10.94 16.67
CA PRO A 18 -8.55 -10.09 16.36
C PRO A 18 -8.56 -9.59 14.93
N GLU A 19 -8.65 -8.27 14.76
CA GLU A 19 -8.65 -7.67 13.43
C GLU A 19 -7.56 -8.27 12.55
N LEU A 20 -7.97 -8.85 11.43
CA LEU A 20 -7.01 -9.45 10.49
C LEU A 20 -5.93 -8.46 10.10
N PRO A 21 -4.77 -8.99 9.67
CA PRO A 21 -3.63 -8.17 9.26
C PRO A 21 -3.89 -7.42 7.96
N LYS A 22 -3.37 -6.21 7.87
CA LYS A 22 -3.54 -5.38 6.67
C LYS A 22 -2.23 -4.72 6.27
N PRO A 23 -1.80 -4.97 5.03
CA PRO A 23 -0.56 -4.41 4.49
C PRO A 23 -0.64 -2.90 4.26
N LYS A 24 -1.80 -2.44 3.78
CA LYS A 24 -2.02 -1.03 3.52
C LYS A 24 -3.36 -0.57 4.09
N LYS A 25 -3.33 0.05 5.26
CA LYS A 25 -4.54 0.53 5.91
C LYS A 25 -5.02 1.83 5.27
N ASN A 26 -5.05 1.86 3.95
CA ASN A 26 -5.48 3.04 3.21
C ASN A 26 -4.80 4.29 3.75
N ARG A 27 -3.49 4.20 3.97
CA ARG A 27 -2.72 5.32 4.49
C ARG A 27 -1.45 5.54 3.66
N CYS A 28 -1.06 6.80 3.51
CA CYS A 28 0.13 7.14 2.74
C CYS A 28 1.32 6.27 3.17
N PHE A 29 2.22 6.01 2.22
CA PHE A 29 3.40 5.20 2.49
C PHE A 29 4.62 6.07 2.77
N MET A 30 4.40 7.38 2.80
CA MET A 30 5.47 8.33 3.06
C MET A 30 5.23 9.10 4.35
N CYS A 31 4.02 9.62 4.49
CA CYS A 31 3.65 10.39 5.68
C CYS A 31 2.72 9.59 6.59
N ARG A 32 2.12 8.54 6.02
CA ARG A 32 1.21 7.70 6.79
C ARG A 32 -0.05 8.46 7.17
N LYS A 33 -0.72 9.03 6.18
CA LYS A 33 -1.95 9.79 6.42
C LYS A 33 -3.15 9.09 5.80
N LYS A 34 -4.29 9.18 6.46
CA LYS A 34 -5.51 8.55 5.98
C LYS A 34 -5.90 9.11 4.61
N VAL A 35 -5.74 8.30 3.58
CA VAL A 35 -6.08 8.71 2.22
C VAL A 35 -7.42 8.11 1.78
N GLY A 36 -7.65 6.86 2.15
CA GLY A 36 -8.88 6.21 1.78
C GLY A 36 -9.18 6.28 0.30
N LEU A 37 -10.06 7.20 -0.09
CA LEU A 37 -10.42 7.38 -1.48
C LEU A 37 -9.43 8.30 -2.19
N THR A 38 -8.87 9.25 -1.44
CA THR A 38 -7.92 10.19 -2.00
C THR A 38 -6.51 9.60 -2.01
N GLY A 39 -6.42 8.30 -2.27
CA GLY A 39 -5.13 7.64 -2.31
C GLY A 39 -4.47 7.73 -3.68
N PHE A 40 -3.15 7.58 -3.69
CA PHE A 40 -2.40 7.65 -4.94
C PHE A 40 -1.47 6.45 -5.09
N ASP A 41 -1.67 5.68 -6.14
CA ASP A 41 -0.86 4.50 -6.40
C ASP A 41 0.32 4.84 -7.32
N CYS A 42 1.53 4.81 -6.76
CA CYS A 42 2.72 5.12 -7.53
C CYS A 42 3.19 3.89 -8.33
N ARG A 43 4.12 4.12 -9.26
CA ARG A 43 4.64 3.05 -10.09
C ARG A 43 5.51 2.10 -9.27
N CYS A 44 6.14 2.64 -8.23
CA CYS A 44 7.00 1.84 -7.36
C CYS A 44 6.19 0.84 -6.55
N GLY A 45 4.88 0.86 -6.74
CA GLY A 45 4.00 -0.05 -6.03
C GLY A 45 3.76 0.38 -4.60
N ASN A 46 3.46 1.67 -4.42
CA ASN A 46 3.20 2.21 -3.09
C ASN A 46 1.97 3.10 -3.10
N LEU A 47 1.52 3.51 -1.92
CA LEU A 47 0.35 4.37 -1.78
C LEU A 47 0.74 5.74 -1.22
N PHE A 48 0.18 6.79 -1.79
CA PHE A 48 0.47 8.15 -1.34
C PHE A 48 -0.81 8.97 -1.23
N CYS A 49 -0.80 9.99 -0.37
CA CYS A 49 -1.95 10.85 -0.18
C CYS A 49 -1.99 11.95 -1.23
N GLY A 50 -1.34 11.71 -2.37
CA GLY A 50 -1.32 12.69 -3.43
C GLY A 50 -0.30 13.79 -3.18
N LEU A 51 -0.05 14.08 -1.91
CA LEU A 51 0.90 15.12 -1.55
C LEU A 51 2.34 14.66 -1.78
N HIS A 52 2.54 13.35 -1.78
CA HIS A 52 3.86 12.79 -2.01
C HIS A 52 3.88 11.93 -3.27
N ARG A 53 2.70 11.73 -3.86
CA ARG A 53 2.59 10.93 -5.07
C ARG A 53 3.78 11.14 -5.98
N TYR A 54 4.12 12.40 -6.23
CA TYR A 54 5.25 12.74 -7.09
C TYR A 54 6.46 11.86 -6.77
N SER A 55 7.31 11.65 -7.77
CA SER A 55 8.50 10.82 -7.61
C SER A 55 9.60 11.61 -6.89
N ASP A 56 9.63 12.92 -7.11
CA ASP A 56 10.62 13.78 -6.49
C ASP A 56 10.12 14.32 -5.15
N LYS A 57 9.11 13.66 -4.60
CA LYS A 57 8.53 14.07 -3.32
C LYS A 57 8.83 13.04 -2.24
N HIS A 58 8.70 11.77 -2.59
CA HIS A 58 8.96 10.69 -1.64
C HIS A 58 10.19 9.88 -2.04
N ASN A 59 11.03 10.48 -2.88
CA ASN A 59 12.25 9.82 -3.34
C ASN A 59 11.92 8.49 -4.01
N CYS A 60 10.98 8.51 -4.94
CA CYS A 60 10.57 7.31 -5.65
C CYS A 60 11.78 6.61 -6.28
N PRO A 61 12.01 5.35 -5.88
CA PRO A 61 13.13 4.56 -6.39
C PRO A 61 12.95 4.17 -7.85
N TYR A 62 11.70 3.97 -8.25
CA TYR A 62 11.39 3.59 -9.62
C TYR A 62 12.18 4.44 -10.61
N ASP A 63 12.16 4.03 -11.89
CA ASP A 63 12.87 4.76 -12.93
C ASP A 63 12.00 4.93 -14.17
N TYR A 64 10.74 4.50 -14.06
CA TYR A 64 9.80 4.60 -15.17
C TYR A 64 10.08 5.85 -16.00
N LYS A 65 10.52 6.91 -15.35
CA LYS A 65 10.82 8.16 -16.02
C LYS A 65 11.60 7.91 -17.31
N ALA A 66 12.80 7.35 -17.17
CA ALA A 66 13.64 7.04 -18.33
C ALA A 66 13.26 5.70 -18.95
N GLU A 67 11.96 5.41 -18.97
CA GLU A 67 11.48 4.16 -19.54
C GLU A 67 11.08 4.35 -21.00
N ALA A 68 10.32 5.40 -21.28
CA ALA A 68 9.87 5.70 -22.63
C ALA A 68 10.09 7.16 -22.99
N SER A 69 11.22 7.44 -23.65
CA SER A 69 11.55 8.81 -24.03
C SER A 69 10.33 9.53 -24.60
N GLY A 70 9.90 10.58 -23.90
CA GLY A 70 8.74 11.34 -24.35
C GLY A 70 8.58 12.64 -23.59
N PRO A 71 7.35 13.18 -23.59
CA PRO A 71 7.04 14.43 -22.91
C PRO A 71 7.08 14.29 -21.38
N SER A 72 7.08 15.42 -20.69
CA SER A 72 7.13 15.42 -19.23
C SER A 72 5.86 16.04 -18.65
N SER A 73 5.49 15.58 -17.45
CA SER A 73 4.29 16.09 -16.79
C SER A 73 4.46 16.06 -15.28
N GLY A 74 3.45 16.54 -14.56
CA GLY A 74 3.51 16.57 -13.11
C GLY A 74 2.19 16.98 -12.48
ZN ZN B . 1.51 11.56 2.06
ZN ZN C . 6.99 5.85 -5.96
N GLY A 1 -32.45 -50.21 26.89
CA GLY A 1 -31.13 -49.76 26.48
C GLY A 1 -31.11 -49.20 25.08
N SER A 2 -30.19 -48.28 24.82
CA SER A 2 -30.07 -47.65 23.51
C SER A 2 -28.81 -46.81 23.42
N SER A 3 -28.31 -46.63 22.20
CA SER A 3 -27.09 -45.85 21.97
C SER A 3 -26.84 -45.66 20.48
N GLY A 4 -25.81 -44.89 20.16
CA GLY A 4 -25.47 -44.64 18.77
C GLY A 4 -24.90 -43.25 18.55
N SER A 5 -23.65 -43.19 18.09
CA SER A 5 -22.99 -41.92 17.86
C SER A 5 -21.69 -42.12 17.07
N SER A 6 -21.66 -41.58 15.86
CA SER A 6 -20.49 -41.71 15.00
C SER A 6 -20.62 -40.85 13.75
N GLY A 7 -19.54 -40.73 12.99
CA GLY A 7 -19.56 -39.94 11.78
C GLY A 7 -20.46 -40.54 10.71
N PRO A 8 -19.91 -40.67 9.49
CA PRO A 8 -18.54 -40.27 9.19
C PRO A 8 -18.36 -38.76 9.21
N SER A 9 -17.16 -38.32 9.60
CA SER A 9 -16.86 -36.89 9.67
C SER A 9 -15.36 -36.65 9.67
N SER A 10 -14.89 -35.84 8.74
CA SER A 10 -13.47 -35.52 8.65
C SER A 10 -13.26 -34.09 8.17
N SER A 11 -12.67 -33.27 9.03
CA SER A 11 -12.42 -31.87 8.71
C SER A 11 -11.56 -31.21 9.78
N GLN A 12 -10.38 -30.75 9.39
CA GLN A 12 -9.47 -30.10 10.32
C GLN A 12 -9.15 -28.68 9.86
N SER A 13 -8.88 -28.53 8.57
CA SER A 13 -8.55 -27.22 8.01
C SER A 13 -8.74 -27.23 6.50
N GLU A 14 -9.16 -26.08 5.96
CA GLU A 14 -9.38 -25.96 4.52
C GLU A 14 -9.65 -24.51 4.14
N GLU A 15 -8.67 -23.88 3.50
CA GLU A 15 -8.81 -22.49 3.07
C GLU A 15 -7.67 -22.08 2.14
N LYS A 16 -7.94 -21.09 1.30
CA LYS A 16 -6.94 -20.60 0.35
C LYS A 16 -7.41 -19.32 -0.34
N ALA A 17 -6.50 -18.37 -0.49
CA ALA A 17 -6.83 -17.10 -1.14
C ALA A 17 -5.56 -16.31 -1.47
N PRO A 18 -5.57 -15.62 -2.61
CA PRO A 18 -4.45 -14.82 -3.07
C PRO A 18 -4.22 -13.58 -2.21
N GLU A 19 -3.00 -13.43 -1.68
CA GLU A 19 -2.68 -12.29 -0.84
C GLU A 19 -1.21 -11.90 -1.01
N LEU A 20 -0.98 -10.68 -1.49
CA LEU A 20 0.37 -10.19 -1.70
C LEU A 20 0.75 -9.15 -0.65
N PRO A 21 2.05 -8.98 -0.41
CA PRO A 21 2.57 -8.03 0.57
C PRO A 21 2.37 -6.59 0.13
N LYS A 22 1.94 -5.74 1.06
CA LYS A 22 1.72 -4.33 0.77
C LYS A 22 2.25 -3.45 1.89
N PRO A 23 2.72 -2.24 1.53
CA PRO A 23 3.26 -1.28 2.50
C PRO A 23 2.19 -0.71 3.42
N LYS A 24 1.03 -0.39 2.84
CA LYS A 24 -0.07 0.16 3.61
C LYS A 24 -1.41 -0.17 2.95
N LYS A 25 -2.48 -0.14 3.74
CA LYS A 25 -3.81 -0.43 3.24
C LYS A 25 -4.46 0.81 2.64
N ASN A 26 -4.91 1.72 3.50
CA ASN A 26 -5.54 2.95 3.05
C ASN A 26 -4.86 4.17 3.67
N ARG A 27 -3.54 4.10 3.80
CA ARG A 27 -2.77 5.20 4.38
C ARG A 27 -1.50 5.46 3.57
N CYS A 28 -1.09 6.72 3.52
CA CYS A 28 0.10 7.11 2.77
C CYS A 28 1.29 6.23 3.16
N PHE A 29 2.22 6.08 2.23
CA PHE A 29 3.40 5.25 2.47
C PHE A 29 4.61 6.12 2.78
N MET A 30 4.40 7.43 2.81
CA MET A 30 5.47 8.38 3.11
C MET A 30 5.21 9.11 4.42
N CYS A 31 3.97 9.60 4.59
CA CYS A 31 3.60 10.31 5.80
C CYS A 31 2.70 9.45 6.68
N ARG A 32 2.12 8.41 6.10
CA ARG A 32 1.24 7.51 6.82
C ARG A 32 -0.01 8.25 7.30
N LYS A 33 -0.71 8.88 6.38
CA LYS A 33 -1.92 9.62 6.71
C LYS A 33 -3.13 9.03 6.00
N LYS A 34 -4.29 9.09 6.66
CA LYS A 34 -5.52 8.55 6.09
C LYS A 34 -5.79 9.14 4.71
N VAL A 35 -5.83 8.28 3.70
CA VAL A 35 -6.07 8.71 2.33
C VAL A 35 -7.38 8.13 1.80
N GLY A 36 -7.63 6.87 2.10
CA GLY A 36 -8.84 6.22 1.65
C GLY A 36 -8.92 6.13 0.13
N LEU A 37 -9.87 6.85 -0.45
CA LEU A 37 -10.06 6.85 -1.90
C LEU A 37 -9.12 7.86 -2.56
N THR A 38 -8.83 8.95 -1.86
CA THR A 38 -7.95 9.98 -2.38
C THR A 38 -6.52 9.48 -2.50
N GLY A 39 -6.30 8.24 -2.06
CA GLY A 39 -4.97 7.66 -2.12
C GLY A 39 -4.35 7.77 -3.50
N PHE A 40 -3.05 7.52 -3.59
CA PHE A 40 -2.34 7.59 -4.86
C PHE A 40 -1.42 6.38 -5.03
N ASP A 41 -1.70 5.58 -6.06
CA ASP A 41 -0.89 4.40 -6.34
C ASP A 41 0.24 4.72 -7.31
N CYS A 42 1.47 4.75 -6.79
CA CYS A 42 2.63 5.05 -7.61
C CYS A 42 3.10 3.80 -8.36
N ARG A 43 3.98 4.01 -9.35
CA ARG A 43 4.51 2.91 -10.14
C ARG A 43 5.40 2.01 -9.30
N CYS A 44 6.11 2.61 -8.34
CA CYS A 44 7.01 1.87 -7.47
C CYS A 44 6.23 0.88 -6.62
N GLY A 45 4.91 0.94 -6.69
CA GLY A 45 4.07 0.03 -5.93
C GLY A 45 3.85 0.52 -4.51
N ASN A 46 3.56 1.80 -4.37
CA ASN A 46 3.32 2.40 -3.06
C ASN A 46 2.06 3.27 -3.08
N LEU A 47 1.58 3.64 -1.89
CA LEU A 47 0.41 4.47 -1.77
C LEU A 47 0.75 5.83 -1.16
N PHE A 48 0.27 6.90 -1.78
CA PHE A 48 0.52 8.25 -1.31
C PHE A 48 -0.77 9.05 -1.24
N CYS A 49 -0.79 10.07 -0.38
CA CYS A 49 -1.96 10.92 -0.21
C CYS A 49 -2.03 11.97 -1.31
N GLY A 50 -1.33 11.72 -2.41
CA GLY A 50 -1.32 12.66 -3.51
C GLY A 50 -0.31 13.78 -3.33
N LEU A 51 -0.06 14.13 -2.07
CA LEU A 51 0.89 15.20 -1.76
C LEU A 51 2.33 14.71 -1.91
N HIS A 52 2.51 13.40 -1.86
CA HIS A 52 3.83 12.80 -2.01
C HIS A 52 3.92 11.95 -3.27
N ARG A 53 2.77 11.71 -3.89
CA ARG A 53 2.71 10.90 -5.10
C ARG A 53 3.93 11.18 -5.99
N TYR A 54 4.21 12.45 -6.22
CA TYR A 54 5.35 12.84 -7.05
C TYR A 54 6.57 11.98 -6.75
N SER A 55 7.47 11.89 -7.72
CA SER A 55 8.67 11.09 -7.56
C SER A 55 9.71 11.83 -6.72
N ASP A 56 9.80 13.14 -6.93
CA ASP A 56 10.75 13.97 -6.19
C ASP A 56 10.14 14.44 -4.87
N LYS A 57 9.11 13.73 -4.41
CA LYS A 57 8.45 14.07 -3.15
C LYS A 57 8.67 12.98 -2.11
N HIS A 58 8.57 11.73 -2.54
CA HIS A 58 8.76 10.60 -1.64
C HIS A 58 9.99 9.79 -2.04
N ASN A 59 10.87 10.40 -2.83
CA ASN A 59 12.08 9.73 -3.28
C ASN A 59 11.75 8.43 -3.99
N CYS A 60 10.85 8.50 -4.96
CA CYS A 60 10.44 7.32 -5.72
C CYS A 60 11.66 6.60 -6.29
N PRO A 61 11.84 5.34 -5.87
CA PRO A 61 12.97 4.50 -6.32
C PRO A 61 12.83 4.10 -7.79
N TYR A 62 11.59 3.99 -8.26
CA TYR A 62 11.33 3.62 -9.63
C TYR A 62 12.20 4.40 -10.60
N ASP A 63 12.12 4.07 -11.89
CA ASP A 63 12.91 4.76 -12.90
C ASP A 63 12.02 5.21 -14.06
N TYR A 64 10.78 4.72 -14.08
CA TYR A 64 9.85 5.08 -15.13
C TYR A 64 10.00 6.53 -15.54
N LYS A 65 10.46 7.36 -14.60
CA LYS A 65 10.66 8.78 -14.87
C LYS A 65 11.51 8.99 -16.11
N ALA A 66 12.62 8.27 -16.19
CA ALA A 66 13.51 8.37 -17.34
C ALA A 66 13.66 7.04 -18.04
N GLU A 67 12.57 6.27 -18.10
CA GLU A 67 12.58 4.96 -18.74
C GLU A 67 12.38 5.10 -20.25
N ALA A 68 11.44 5.95 -20.64
CA ALA A 68 11.15 6.18 -22.05
C ALA A 68 11.58 7.57 -22.49
N SER A 69 11.30 8.56 -21.65
CA SER A 69 11.65 9.94 -21.95
C SER A 69 11.43 10.84 -20.73
N GLY A 70 12.11 11.99 -20.72
CA GLY A 70 11.98 12.91 -19.61
C GLY A 70 12.37 14.33 -19.99
N PRO A 71 11.67 15.31 -19.39
CA PRO A 71 11.92 16.74 -19.66
C PRO A 71 13.26 17.20 -19.09
N SER A 72 14.24 17.40 -19.98
CA SER A 72 15.57 17.84 -19.56
C SER A 72 15.52 19.26 -19.01
N SER A 73 16.39 19.54 -18.04
CA SER A 73 16.45 20.86 -17.42
C SER A 73 17.87 21.40 -17.43
N GLY A 74 18.03 22.64 -17.89
CA GLY A 74 19.33 23.25 -17.94
C GLY A 74 20.18 22.91 -16.73
ZN ZN B . 1.42 11.57 2.24
ZN ZN C . 6.92 5.93 -6.16
N GLY A 1 -2.03 -46.43 47.41
CA GLY A 1 -3.01 -45.76 46.59
C GLY A 1 -3.67 -44.60 47.29
N SER A 2 -4.12 -43.61 46.53
CA SER A 2 -4.77 -42.44 47.08
C SER A 2 -5.36 -41.56 45.98
N SER A 3 -6.58 -41.08 46.20
CA SER A 3 -7.25 -40.24 45.22
C SER A 3 -6.80 -38.78 45.36
N GLY A 4 -6.96 -38.23 46.56
CA GLY A 4 -6.57 -36.85 46.80
C GLY A 4 -7.59 -35.86 46.29
N SER A 5 -7.67 -34.71 46.93
CA SER A 5 -8.61 -33.67 46.54
C SER A 5 -8.05 -32.82 45.40
N SER A 6 -8.88 -31.94 44.86
CA SER A 6 -8.46 -31.07 43.76
C SER A 6 -9.54 -30.03 43.46
N GLY A 7 -9.17 -28.76 43.57
CA GLY A 7 -10.12 -27.69 43.31
C GLY A 7 -10.77 -27.16 44.56
N PRO A 8 -11.89 -26.45 44.40
CA PRO A 8 -12.48 -26.19 43.09
C PRO A 8 -11.63 -25.22 42.25
N SER A 9 -11.61 -25.45 40.94
CA SER A 9 -10.84 -24.60 40.04
C SER A 9 -11.10 -24.98 38.59
N SER A 10 -10.98 -23.99 37.70
CA SER A 10 -11.21 -24.22 36.27
C SER A 10 -10.10 -23.60 35.44
N SER A 11 -9.86 -24.18 34.26
CA SER A 11 -8.81 -23.69 33.37
C SER A 11 -9.40 -22.78 32.29
N GLN A 12 -8.57 -21.91 31.74
CA GLN A 12 -9.00 -21.00 30.70
C GLN A 12 -8.35 -21.33 29.35
N SER A 13 -9.08 -21.10 28.27
CA SER A 13 -8.56 -21.39 26.93
C SER A 13 -8.80 -20.21 26.00
N GLU A 14 -7.71 -19.62 25.52
CA GLU A 14 -7.80 -18.48 24.61
C GLU A 14 -6.79 -18.60 23.48
N GLU A 15 -7.29 -18.88 22.27
CA GLU A 15 -6.43 -19.03 21.10
C GLU A 15 -6.94 -18.19 19.94
N LYS A 16 -6.46 -16.95 19.86
CA LYS A 16 -6.86 -16.04 18.80
C LYS A 16 -5.98 -16.21 17.57
N ALA A 17 -6.60 -16.48 16.43
CA ALA A 17 -5.87 -16.66 15.18
C ALA A 17 -4.90 -15.52 14.95
N PRO A 18 -3.61 -15.85 14.77
CA PRO A 18 -2.55 -14.87 14.53
C PRO A 18 -2.67 -14.22 13.17
N GLU A 19 -3.06 -12.95 13.14
CA GLU A 19 -3.21 -12.22 11.89
C GLU A 19 -2.14 -11.13 11.77
N LEU A 20 -1.61 -10.96 10.57
CA LEU A 20 -0.57 -9.96 10.32
C LEU A 20 -1.20 -8.63 9.91
N PRO A 21 -0.55 -7.52 10.30
CA PRO A 21 -1.01 -6.17 9.98
C PRO A 21 -0.88 -5.86 8.49
N LYS A 22 -1.99 -5.45 7.88
CA LYS A 22 -2.00 -5.10 6.46
C LYS A 22 -0.77 -4.27 6.10
N PRO A 23 -0.31 -4.41 4.84
CA PRO A 23 0.85 -3.67 4.35
C PRO A 23 0.58 -2.18 4.18
N LYS A 24 -0.54 -1.86 3.56
CA LYS A 24 -0.93 -0.47 3.35
C LYS A 24 -2.39 -0.24 3.72
N LYS A 25 -2.64 0.01 5.00
CA LYS A 25 -4.00 0.24 5.49
C LYS A 25 -4.54 1.58 4.97
N ASN A 26 -4.85 1.63 3.69
CA ASN A 26 -5.38 2.83 3.07
C ASN A 26 -4.73 4.08 3.67
N ARG A 27 -3.42 4.02 3.87
CA ARG A 27 -2.68 5.13 4.45
C ARG A 27 -1.40 5.42 3.65
N CYS A 28 -1.08 6.68 3.50
CA CYS A 28 0.12 7.08 2.76
C CYS A 28 1.32 6.24 3.17
N PHE A 29 2.23 6.02 2.23
CA PHE A 29 3.43 5.22 2.50
C PHE A 29 4.62 6.13 2.76
N MET A 30 4.39 7.44 2.77
CA MET A 30 5.45 8.40 3.01
C MET A 30 5.21 9.15 4.32
N CYS A 31 3.99 9.60 4.53
CA CYS A 31 3.63 10.33 5.74
C CYS A 31 2.75 9.47 6.65
N ARG A 32 2.12 8.45 6.07
CA ARG A 32 1.26 7.57 6.83
C ARG A 32 -0.01 8.29 7.30
N LYS A 33 -0.71 8.91 6.35
CA LYS A 33 -1.93 9.64 6.65
C LYS A 33 -3.12 9.04 5.93
N LYS A 34 -4.24 8.92 6.63
CA LYS A 34 -5.46 8.36 6.05
C LYS A 34 -5.76 9.01 4.70
N VAL A 35 -5.78 8.19 3.65
CA VAL A 35 -6.06 8.66 2.31
C VAL A 35 -7.36 8.10 1.78
N GLY A 36 -7.62 6.83 2.10
CA GLY A 36 -8.85 6.19 1.64
C GLY A 36 -9.11 6.42 0.17
N LEU A 37 -10.10 7.23 -0.13
CA LEU A 37 -10.47 7.53 -1.51
C LEU A 37 -9.44 8.46 -2.15
N THR A 38 -8.92 9.39 -1.36
CA THR A 38 -7.93 10.35 -1.84
C THR A 38 -6.53 9.73 -1.84
N GLY A 39 -6.46 8.45 -2.18
CA GLY A 39 -5.18 7.76 -2.22
C GLY A 39 -4.53 7.81 -3.58
N PHE A 40 -3.22 7.65 -3.62
CA PHE A 40 -2.48 7.69 -4.87
C PHE A 40 -1.57 6.46 -5.01
N ASP A 41 -1.69 5.75 -6.12
CA ASP A 41 -0.88 4.57 -6.37
C ASP A 41 0.28 4.89 -7.30
N CYS A 42 1.50 4.84 -6.75
CA CYS A 42 2.70 5.13 -7.54
C CYS A 42 3.14 3.89 -8.32
N ARG A 43 4.05 4.11 -9.26
CA ARG A 43 4.56 3.02 -10.09
C ARG A 43 5.44 2.07 -9.27
N CYS A 44 6.15 2.64 -8.29
CA CYS A 44 7.03 1.85 -7.43
C CYS A 44 6.24 0.84 -6.62
N GLY A 45 4.91 0.93 -6.71
CA GLY A 45 4.05 0.01 -5.98
C GLY A 45 3.81 0.46 -4.55
N ASN A 46 3.54 1.75 -4.38
CA ASN A 46 3.29 2.30 -3.05
C ASN A 46 2.06 3.21 -3.07
N LEU A 47 1.60 3.59 -1.88
CA LEU A 47 0.43 4.46 -1.75
C LEU A 47 0.83 5.84 -1.22
N PHE A 48 0.19 6.87 -1.76
CA PHE A 48 0.47 8.25 -1.34
C PHE A 48 -0.82 9.06 -1.27
N CYS A 49 -0.82 10.07 -0.41
CA CYS A 49 -1.98 10.94 -0.25
C CYS A 49 -2.01 12.02 -1.33
N GLY A 50 -1.35 11.74 -2.45
CA GLY A 50 -1.31 12.69 -3.54
C GLY A 50 -0.29 13.79 -3.32
N LEU A 51 -0.07 14.16 -2.07
CA LEU A 51 0.89 15.21 -1.72
C LEU A 51 2.32 14.70 -1.88
N HIS A 52 2.48 13.38 -1.86
CA HIS A 52 3.79 12.77 -2.00
C HIS A 52 3.85 11.90 -3.25
N ARG A 53 2.71 11.69 -3.89
CA ARG A 53 2.63 10.87 -5.08
C ARG A 53 3.84 11.11 -5.98
N TYR A 54 4.15 12.37 -6.24
CA TYR A 54 5.29 12.72 -7.09
C TYR A 54 6.48 11.82 -6.77
N SER A 55 7.38 11.68 -7.75
CA SER A 55 8.56 10.85 -7.59
C SER A 55 9.65 11.61 -6.83
N ASP A 56 9.67 12.93 -7.00
CA ASP A 56 10.66 13.77 -6.34
C ASP A 56 10.11 14.30 -5.01
N LYS A 57 9.09 13.64 -4.49
CA LYS A 57 8.48 14.04 -3.23
C LYS A 57 8.74 13.00 -2.14
N HIS A 58 8.68 11.72 -2.53
CA HIS A 58 8.90 10.63 -1.59
C HIS A 58 10.12 9.81 -1.99
N ASN A 59 10.98 10.40 -2.82
CA ASN A 59 12.19 9.73 -3.27
C ASN A 59 11.85 8.40 -3.93
N CYS A 60 10.94 8.44 -4.90
CA CYS A 60 10.53 7.24 -5.61
C CYS A 60 11.74 6.50 -6.20
N PRO A 61 11.93 5.25 -5.78
CA PRO A 61 13.04 4.42 -6.25
C PRO A 61 12.89 4.02 -7.71
N TYR A 62 11.65 3.93 -8.16
CA TYR A 62 11.37 3.54 -9.55
C TYR A 62 12.27 4.31 -10.51
N ASP A 63 12.18 3.97 -11.79
CA ASP A 63 12.98 4.62 -12.82
C ASP A 63 12.13 4.97 -14.03
N TYR A 64 10.85 4.61 -13.97
CA TYR A 64 9.93 4.87 -15.07
C TYR A 64 10.14 6.28 -15.63
N LYS A 65 10.47 7.22 -14.75
CA LYS A 65 10.71 8.60 -15.16
C LYS A 65 11.92 8.70 -16.09
N ALA A 66 12.94 7.90 -15.80
CA ALA A 66 14.15 7.90 -16.62
C ALA A 66 14.28 6.60 -17.40
N GLU A 67 13.14 6.01 -17.76
CA GLU A 67 13.13 4.77 -18.52
C GLU A 67 12.51 4.97 -19.90
N ALA A 68 13.35 5.09 -20.91
CA ALA A 68 12.88 5.29 -22.28
C ALA A 68 11.88 4.22 -22.68
N SER A 69 10.67 4.64 -22.99
CA SER A 69 9.60 3.71 -23.37
C SER A 69 8.86 4.22 -24.61
N GLY A 70 9.01 3.51 -25.72
CA GLY A 70 8.35 3.90 -26.95
C GLY A 70 8.74 5.31 -27.38
N PRO A 71 8.35 5.67 -28.62
CA PRO A 71 8.65 6.99 -29.19
C PRO A 71 7.86 8.10 -28.50
N SER A 72 6.57 7.85 -28.27
CA SER A 72 5.71 8.83 -27.63
C SER A 72 6.42 9.48 -26.43
N SER A 73 6.18 10.78 -26.24
CA SER A 73 6.79 11.51 -25.14
C SER A 73 6.36 10.93 -23.80
N GLY A 74 7.22 10.10 -23.21
CA GLY A 74 6.91 9.49 -21.93
C GLY A 74 6.94 10.49 -20.79
ZN ZN B . 1.40 11.55 2.20
ZN ZN C . 6.97 5.85 -5.97
N GLY A 1 18.96 -21.70 -23.67
CA GLY A 1 18.13 -20.92 -22.77
C GLY A 1 18.40 -21.24 -21.31
N SER A 2 17.44 -20.91 -20.44
CA SER A 2 17.57 -21.16 -19.02
C SER A 2 16.22 -21.15 -18.33
N SER A 3 15.83 -22.31 -17.79
CA SER A 3 14.54 -22.44 -17.11
C SER A 3 14.50 -23.73 -16.30
N GLY A 4 13.56 -23.80 -15.36
CA GLY A 4 13.43 -24.98 -14.53
C GLY A 4 12.45 -24.78 -13.38
N SER A 5 11.24 -24.33 -13.71
CA SER A 5 10.22 -24.09 -12.70
C SER A 5 8.84 -24.45 -13.24
N SER A 6 8.20 -25.42 -12.59
CA SER A 6 6.87 -25.86 -13.01
C SER A 6 6.30 -26.87 -12.01
N GLY A 7 5.25 -26.48 -11.30
CA GLY A 7 4.62 -27.36 -10.33
C GLY A 7 5.50 -27.57 -9.11
N PRO A 8 4.97 -28.32 -8.14
CA PRO A 8 3.64 -28.92 -8.22
C PRO A 8 2.53 -27.87 -8.14
N SER A 9 1.54 -28.00 -9.01
CA SER A 9 0.42 -27.06 -9.05
C SER A 9 -0.73 -27.56 -8.19
N SER A 10 -0.89 -26.96 -7.01
CA SER A 10 -1.96 -27.34 -6.09
C SER A 10 -2.84 -26.15 -5.74
N SER A 11 -3.90 -25.96 -6.51
CA SER A 11 -4.82 -24.85 -6.28
C SER A 11 -6.26 -25.35 -6.16
N GLN A 12 -6.61 -25.81 -4.97
CA GLN A 12 -7.95 -26.31 -4.71
C GLN A 12 -8.16 -26.59 -3.23
N SER A 13 -9.24 -26.03 -2.68
CA SER A 13 -9.55 -26.21 -1.27
C SER A 13 -10.96 -25.70 -0.95
N GLU A 14 -11.75 -26.55 -0.31
CA GLU A 14 -13.12 -26.18 0.05
C GLU A 14 -13.29 -26.15 1.57
N GLU A 15 -12.92 -25.03 2.17
CA GLU A 15 -13.03 -24.86 3.61
C GLU A 15 -13.20 -23.40 3.99
N LYS A 16 -14.42 -23.02 4.36
CA LYS A 16 -14.71 -21.65 4.75
C LYS A 16 -13.58 -21.07 5.60
N ALA A 17 -13.29 -19.79 5.38
CA ALA A 17 -12.24 -19.11 6.13
C ALA A 17 -12.29 -17.60 5.90
N PRO A 18 -12.19 -16.84 6.99
CA PRO A 18 -12.22 -15.37 6.94
C PRO A 18 -10.96 -14.78 6.30
N GLU A 19 -11.12 -13.67 5.60
CA GLU A 19 -10.00 -13.01 4.95
C GLU A 19 -9.72 -11.66 5.57
N LEU A 20 -8.44 -11.27 5.59
CA LEU A 20 -8.04 -9.99 6.17
C LEU A 20 -7.78 -8.96 5.08
N PRO A 21 -8.02 -7.68 5.40
CA PRO A 21 -7.82 -6.57 4.45
C PRO A 21 -6.33 -6.33 4.16
N LYS A 22 -6.06 -5.82 2.96
CA LYS A 22 -4.69 -5.53 2.55
C LYS A 22 -3.85 -5.05 3.75
N PRO A 23 -2.53 -5.29 3.68
CA PRO A 23 -1.60 -4.88 4.73
C PRO A 23 -1.43 -3.36 4.81
N LYS A 24 -2.24 -2.65 4.03
CA LYS A 24 -2.17 -1.19 4.02
C LYS A 24 -3.47 -0.58 4.55
N LYS A 25 -3.37 0.12 5.68
CA LYS A 25 -4.53 0.75 6.29
C LYS A 25 -4.93 2.01 5.53
N ASN A 26 -5.07 1.90 4.22
CA ASN A 26 -5.44 3.03 3.38
C ASN A 26 -4.77 4.31 3.86
N ARG A 27 -3.46 4.25 4.06
CA ARG A 27 -2.70 5.40 4.53
C ARG A 27 -1.44 5.59 3.69
N CYS A 28 -1.03 6.85 3.53
CA CYS A 28 0.15 7.17 2.75
C CYS A 28 1.34 6.30 3.18
N PHE A 29 2.22 6.00 2.23
CA PHE A 29 3.40 5.18 2.52
C PHE A 29 4.62 6.05 2.77
N MET A 30 4.41 7.36 2.81
CA MET A 30 5.50 8.30 3.05
C MET A 30 5.24 9.12 4.31
N CYS A 31 4.02 9.64 4.43
CA CYS A 31 3.65 10.45 5.59
C CYS A 31 2.72 9.67 6.52
N ARG A 32 2.14 8.60 6.00
CA ARG A 32 1.23 7.76 6.78
C ARG A 32 -0.02 8.54 7.16
N LYS A 33 -0.69 9.10 6.15
CA LYS A 33 -1.91 9.87 6.38
C LYS A 33 -3.13 9.15 5.79
N LYS A 34 -4.25 9.25 6.48
CA LYS A 34 -5.49 8.62 6.02
C LYS A 34 -5.89 9.15 4.65
N VAL A 35 -5.71 8.33 3.62
CA VAL A 35 -6.06 8.71 2.26
C VAL A 35 -7.40 8.12 1.86
N GLY A 36 -7.64 6.87 2.26
CA GLY A 36 -8.88 6.21 1.92
C GLY A 36 -9.18 6.26 0.44
N LEU A 37 -10.05 7.18 0.03
CA LEU A 37 -10.42 7.31 -1.37
C LEU A 37 -9.44 8.24 -2.10
N THR A 38 -8.88 9.19 -1.37
CA THR A 38 -7.93 10.13 -1.95
C THR A 38 -6.52 9.54 -2.00
N GLY A 39 -6.45 8.22 -2.19
CA GLY A 39 -5.17 7.55 -2.26
C GLY A 39 -4.51 7.67 -3.61
N PHE A 40 -3.20 7.53 -3.66
CA PHE A 40 -2.44 7.63 -4.91
C PHE A 40 -1.49 6.46 -5.07
N ASP A 41 -1.65 5.71 -6.15
CA ASP A 41 -0.79 4.56 -6.42
C ASP A 41 0.37 4.94 -7.32
N CYS A 42 1.58 4.84 -6.79
CA CYS A 42 2.78 5.19 -7.54
C CYS A 42 3.27 3.99 -8.36
N ARG A 43 4.20 4.25 -9.27
CA ARG A 43 4.74 3.20 -10.13
C ARG A 43 5.59 2.23 -9.30
N CYS A 44 6.18 2.73 -8.23
CA CYS A 44 7.02 1.91 -7.37
C CYS A 44 6.18 0.89 -6.61
N GLY A 45 4.86 0.92 -6.83
CA GLY A 45 3.98 0.00 -6.16
C GLY A 45 3.71 0.39 -4.72
N ASN A 46 3.43 1.67 -4.50
CA ASN A 46 3.16 2.17 -3.16
C ASN A 46 1.93 3.08 -3.15
N LEU A 47 1.50 3.49 -1.97
CA LEU A 47 0.35 4.37 -1.83
C LEU A 47 0.75 5.71 -1.25
N PHE A 48 0.15 6.78 -1.78
CA PHE A 48 0.45 8.13 -1.32
C PHE A 48 -0.84 8.96 -1.20
N CYS A 49 -0.80 9.97 -0.34
CA CYS A 49 -1.96 10.83 -0.13
C CYS A 49 -2.00 11.95 -1.18
N GLY A 50 -1.38 11.69 -2.32
CA GLY A 50 -1.36 12.68 -3.38
C GLY A 50 -0.33 13.77 -3.15
N LEU A 51 -0.08 14.07 -1.89
CA LEU A 51 0.89 15.11 -1.54
C LEU A 51 2.32 14.63 -1.80
N HIS A 52 2.50 13.31 -1.81
CA HIS A 52 3.82 12.72 -2.05
C HIS A 52 3.79 11.83 -3.29
N ARG A 53 2.61 11.69 -3.88
CA ARG A 53 2.45 10.87 -5.08
C ARG A 53 3.65 11.01 -6.01
N TYR A 54 4.10 12.24 -6.19
CA TYR A 54 5.25 12.52 -7.06
C TYR A 54 6.41 11.59 -6.75
N SER A 55 7.50 11.74 -7.49
CA SER A 55 8.68 10.91 -7.29
C SER A 55 9.71 11.61 -6.42
N ASP A 56 10.11 12.81 -6.85
CA ASP A 56 11.09 13.59 -6.10
C ASP A 56 10.53 14.04 -4.75
N LYS A 57 9.25 13.71 -4.52
CA LYS A 57 8.59 14.08 -3.28
C LYS A 57 8.87 13.05 -2.18
N HIS A 58 8.77 11.78 -2.55
CA HIS A 58 9.03 10.69 -1.60
C HIS A 58 10.26 9.89 -2.00
N ASN A 59 11.09 10.48 -2.85
CA ASN A 59 12.30 9.82 -3.31
C ASN A 59 11.98 8.47 -3.95
N CYS A 60 11.06 8.48 -4.90
CA CYS A 60 10.65 7.25 -5.58
C CYS A 60 11.86 6.53 -6.17
N PRO A 61 12.06 5.27 -5.75
CA PRO A 61 13.18 4.45 -6.21
C PRO A 61 13.03 4.04 -7.68
N TYR A 62 11.79 3.82 -8.09
CA TYR A 62 11.51 3.42 -9.47
C TYR A 62 12.30 4.28 -10.45
N ASP A 63 12.24 3.90 -11.72
CA ASP A 63 12.96 4.64 -12.76
C ASP A 63 12.06 4.85 -13.99
N TYR A 64 10.76 4.62 -13.81
CA TYR A 64 9.80 4.78 -14.89
C TYR A 64 10.20 5.93 -15.81
N LYS A 65 10.84 6.95 -15.22
CA LYS A 65 11.27 8.11 -15.98
C LYS A 65 11.91 7.70 -17.30
N ALA A 66 13.08 7.07 -17.22
CA ALA A 66 13.80 6.62 -18.40
C ALA A 66 13.02 5.51 -19.11
N GLU A 67 12.61 4.50 -18.35
CA GLU A 67 11.87 3.37 -18.90
C GLU A 67 10.80 3.86 -19.88
N ALA A 68 10.80 3.27 -21.07
CA ALA A 68 9.83 3.64 -22.10
C ALA A 68 9.92 2.71 -23.30
N SER A 69 8.76 2.37 -23.86
CA SER A 69 8.72 1.48 -25.02
C SER A 69 8.95 2.25 -26.32
N GLY A 70 10.02 1.90 -27.02
CA GLY A 70 10.34 2.58 -28.26
C GLY A 70 11.84 2.62 -28.52
N PRO A 71 12.24 2.15 -29.72
CA PRO A 71 13.64 2.13 -30.12
C PRO A 71 14.20 3.53 -30.38
N SER A 72 13.34 4.53 -30.21
CA SER A 72 13.75 5.92 -30.43
C SER A 72 14.74 6.37 -29.38
N SER A 73 16.03 6.27 -29.70
CA SER A 73 17.08 6.65 -28.78
C SER A 73 18.08 7.60 -29.46
N GLY A 74 18.66 8.51 -28.67
CA GLY A 74 19.60 9.46 -29.22
C GLY A 74 21.04 9.11 -28.86
ZN ZN B . 1.56 11.56 1.93
ZN ZN C . 7.03 5.89 -5.94
N GLY A 1 -2.26 -62.54 -13.84
CA GLY A 1 -2.68 -61.18 -14.15
C GLY A 1 -2.81 -60.33 -12.91
N SER A 2 -1.98 -59.29 -12.80
CA SER A 2 -2.01 -58.40 -11.65
C SER A 2 -2.26 -56.95 -12.09
N SER A 3 -2.70 -56.12 -11.15
CA SER A 3 -2.98 -54.72 -11.45
C SER A 3 -3.21 -53.94 -10.16
N GLY A 4 -3.12 -52.62 -10.25
CA GLY A 4 -3.32 -51.77 -9.09
C GLY A 4 -2.71 -50.39 -9.26
N SER A 5 -3.48 -49.47 -9.82
CA SER A 5 -3.01 -48.11 -10.04
C SER A 5 -3.45 -47.18 -8.91
N SER A 6 -2.51 -46.39 -8.40
CA SER A 6 -2.80 -45.47 -7.31
C SER A 6 -2.88 -44.03 -7.82
N GLY A 7 -4.07 -43.61 -8.23
CA GLY A 7 -4.26 -42.27 -8.73
C GLY A 7 -3.08 -41.80 -9.57
N PRO A 8 -2.95 -40.47 -9.70
CA PRO A 8 -3.86 -39.51 -9.09
C PRO A 8 -5.24 -39.53 -9.73
N SER A 9 -6.23 -38.98 -9.04
CA SER A 9 -7.60 -38.93 -9.55
C SER A 9 -8.46 -38.01 -8.70
N SER A 10 -9.06 -37.01 -9.34
CA SER A 10 -9.91 -36.06 -8.64
C SER A 10 -10.68 -35.20 -9.63
N SER A 11 -11.92 -34.88 -9.30
CA SER A 11 -12.78 -34.07 -10.16
C SER A 11 -12.74 -32.60 -9.73
N GLN A 12 -12.61 -31.72 -10.72
CA GLN A 12 -12.55 -30.28 -10.45
C GLN A 12 -13.78 -29.83 -9.67
N SER A 13 -13.64 -28.70 -8.97
CA SER A 13 -14.73 -28.16 -8.17
C SER A 13 -14.57 -26.65 -7.97
N GLU A 14 -15.66 -25.92 -8.17
CA GLU A 14 -15.63 -24.47 -8.00
C GLU A 14 -15.26 -24.09 -6.57
N GLU A 15 -14.45 -23.04 -6.43
CA GLU A 15 -14.02 -22.58 -5.12
C GLU A 15 -13.58 -21.12 -5.18
N LYS A 16 -13.99 -20.35 -4.17
CA LYS A 16 -13.64 -18.93 -4.10
C LYS A 16 -12.68 -18.66 -2.95
N ALA A 17 -11.49 -18.19 -3.28
CA ALA A 17 -10.48 -17.89 -2.27
C ALA A 17 -10.65 -16.47 -1.73
N PRO A 18 -10.52 -16.32 -0.41
CA PRO A 18 -10.66 -15.02 0.25
C PRO A 18 -9.49 -14.09 -0.06
N GLU A 19 -9.78 -12.79 -0.12
CA GLU A 19 -8.75 -11.80 -0.42
C GLU A 19 -7.74 -11.70 0.73
N LEU A 20 -6.48 -11.52 0.37
CA LEU A 20 -5.41 -11.42 1.37
C LEU A 20 -5.52 -10.10 2.15
N PRO A 21 -5.05 -10.12 3.40
CA PRO A 21 -5.08 -8.94 4.27
C PRO A 21 -4.10 -7.86 3.82
N LYS A 22 -4.64 -6.68 3.51
CA LYS A 22 -3.81 -5.57 3.06
C LYS A 22 -3.05 -4.94 4.23
N PRO A 23 -1.71 -4.96 4.14
CA PRO A 23 -0.84 -4.39 5.18
C PRO A 23 -0.94 -2.87 5.25
N LYS A 24 -1.58 -2.27 4.25
CA LYS A 24 -1.73 -0.82 4.20
C LYS A 24 -3.15 -0.41 4.57
N LYS A 25 -3.31 0.15 5.77
CA LYS A 25 -4.62 0.58 6.24
C LYS A 25 -5.03 1.88 5.57
N ASN A 26 -5.09 1.86 4.24
CA ASN A 26 -5.49 3.04 3.47
C ASN A 26 -4.79 4.29 4.01
N ARG A 27 -3.47 4.23 4.11
CA ARG A 27 -2.69 5.36 4.59
C ARG A 27 -1.43 5.56 3.77
N CYS A 28 -1.07 6.81 3.55
CA CYS A 28 0.12 7.15 2.77
C CYS A 28 1.30 6.26 3.16
N PHE A 29 2.21 6.03 2.21
CA PHE A 29 3.37 5.20 2.46
C PHE A 29 4.60 6.06 2.74
N MET A 30 4.40 7.37 2.79
CA MET A 30 5.49 8.30 3.06
C MET A 30 5.23 9.09 4.33
N CYS A 31 4.02 9.60 4.47
CA CYS A 31 3.64 10.39 5.64
C CYS A 31 2.68 9.60 6.53
N ARG A 32 2.12 8.52 5.99
CA ARG A 32 1.20 7.68 6.74
C ARG A 32 -0.04 8.48 7.15
N LYS A 33 -0.71 9.09 6.18
CA LYS A 33 -1.90 9.88 6.44
C LYS A 33 -3.14 9.23 5.83
N LYS A 34 -4.27 9.33 6.51
CA LYS A 34 -5.51 8.76 6.04
C LYS A 34 -5.85 9.26 4.63
N VAL A 35 -5.70 8.38 3.64
CA VAL A 35 -5.99 8.73 2.26
C VAL A 35 -7.37 8.23 1.83
N GLY A 36 -7.68 6.99 2.22
CA GLY A 36 -8.97 6.42 1.86
C GLY A 36 -9.09 6.15 0.38
N LEU A 37 -9.90 6.95 -0.29
CA LEU A 37 -10.11 6.80 -1.73
C LEU A 37 -9.17 7.71 -2.52
N THR A 38 -8.89 8.88 -1.97
CA THR A 38 -8.00 9.84 -2.62
C THR A 38 -6.59 9.27 -2.76
N GLY A 39 -6.38 8.08 -2.19
CA GLY A 39 -5.07 7.46 -2.26
C GLY A 39 -4.43 7.62 -3.63
N PHE A 40 -3.11 7.46 -3.68
CA PHE A 40 -2.36 7.59 -4.93
C PHE A 40 -1.39 6.43 -5.10
N ASP A 41 -1.64 5.59 -6.11
CA ASP A 41 -0.78 4.45 -6.38
C ASP A 41 0.37 4.84 -7.31
N CYS A 42 1.59 4.76 -6.81
CA CYS A 42 2.77 5.10 -7.59
C CYS A 42 3.27 3.90 -8.37
N ARG A 43 4.17 4.15 -9.32
CA ARG A 43 4.72 3.09 -10.15
C ARG A 43 5.55 2.13 -9.31
N CYS A 44 6.20 2.65 -8.27
CA CYS A 44 7.02 1.84 -7.39
C CYS A 44 6.16 0.84 -6.61
N GLY A 45 4.85 0.93 -6.79
CA GLY A 45 3.94 0.03 -6.11
C GLY A 45 3.69 0.44 -4.68
N ASN A 46 3.43 1.74 -4.46
CA ASN A 46 3.17 2.26 -3.13
C ASN A 46 1.93 3.15 -3.13
N LEU A 47 1.49 3.54 -1.94
CA LEU A 47 0.31 4.39 -1.80
C LEU A 47 0.69 5.73 -1.20
N PHE A 48 0.20 6.81 -1.82
CA PHE A 48 0.48 8.16 -1.34
C PHE A 48 -0.81 8.97 -1.23
N CYS A 49 -0.79 9.98 -0.36
CA CYS A 49 -1.95 10.83 -0.15
C CYS A 49 -2.00 11.94 -1.20
N GLY A 50 -1.36 11.71 -2.34
CA GLY A 50 -1.34 12.69 -3.41
C GLY A 50 -0.33 13.79 -3.16
N LEU A 51 -0.08 14.08 -1.89
CA LEU A 51 0.88 15.12 -1.52
C LEU A 51 2.32 14.66 -1.77
N HIS A 52 2.51 13.35 -1.79
CA HIS A 52 3.83 12.78 -2.02
C HIS A 52 3.84 11.92 -3.28
N ARG A 53 2.66 11.71 -3.87
CA ARG A 53 2.53 10.91 -5.08
C ARG A 53 3.73 11.12 -5.99
N TYR A 54 4.08 12.38 -6.23
CA TYR A 54 5.20 12.72 -7.09
C TYR A 54 6.40 11.82 -6.80
N SER A 55 7.28 11.67 -7.78
CA SER A 55 8.47 10.85 -7.63
C SER A 55 9.57 11.60 -6.90
N ASP A 56 9.61 12.92 -7.09
CA ASP A 56 10.60 13.76 -6.45
C ASP A 56 10.09 14.30 -5.11
N LYS A 57 9.07 13.64 -4.57
CA LYS A 57 8.48 14.05 -3.30
C LYS A 57 8.75 13.02 -2.21
N HIS A 58 8.68 11.74 -2.59
CA HIS A 58 8.92 10.66 -1.65
C HIS A 58 10.16 9.86 -2.04
N ASN A 59 11.00 10.46 -2.88
CA ASN A 59 12.23 9.81 -3.33
C ASN A 59 11.91 8.46 -3.99
N CYS A 60 10.97 8.49 -4.93
CA CYS A 60 10.58 7.28 -5.65
C CYS A 60 11.80 6.56 -6.21
N PRO A 61 12.00 5.31 -5.79
CA PRO A 61 13.13 4.48 -6.23
C PRO A 61 12.99 4.06 -7.69
N TYR A 62 11.75 3.90 -8.14
CA TYR A 62 11.48 3.49 -9.52
C TYR A 62 12.34 4.28 -10.50
N ASP A 63 12.35 3.85 -11.75
CA ASP A 63 13.13 4.52 -12.79
C ASP A 63 12.29 4.71 -14.05
N TYR A 64 10.99 4.49 -13.94
CA TYR A 64 10.09 4.63 -15.08
C TYR A 64 10.46 5.84 -15.92
N LYS A 65 10.82 6.94 -15.25
CA LYS A 65 11.21 8.17 -15.94
C LYS A 65 12.41 7.93 -16.84
N ALA A 66 13.34 7.10 -16.38
CA ALA A 66 14.53 6.79 -17.15
C ALA A 66 14.28 5.63 -18.11
N GLU A 67 13.33 4.77 -17.76
CA GLU A 67 12.99 3.62 -18.59
C GLU A 67 12.39 4.07 -19.91
N ALA A 68 11.42 4.98 -19.84
CA ALA A 68 10.76 5.48 -21.04
C ALA A 68 11.74 6.26 -21.92
N SER A 69 11.62 6.07 -23.23
CA SER A 69 12.49 6.76 -24.17
C SER A 69 12.29 8.26 -24.11
N GLY A 70 13.26 9.01 -24.64
CA GLY A 70 13.17 10.46 -24.64
C GLY A 70 13.83 11.08 -25.85
N PRO A 71 13.76 12.42 -25.95
CA PRO A 71 14.34 13.16 -27.07
C PRO A 71 15.86 13.15 -27.05
N SER A 72 16.43 12.50 -26.03
CA SER A 72 17.87 12.42 -25.88
C SER A 72 18.28 11.15 -25.15
N SER A 73 19.19 10.39 -25.76
CA SER A 73 19.65 9.13 -25.16
C SER A 73 20.84 8.58 -25.94
N GLY A 74 21.98 8.49 -25.27
CA GLY A 74 23.18 7.98 -25.92
C GLY A 74 22.98 6.59 -26.50
ZN ZN B . 1.53 11.55 2.01
ZN ZN C . 7.02 5.85 -6.03
N GLY A 1 50.46 -43.96 -12.02
CA GLY A 1 49.87 -43.11 -11.01
C GLY A 1 48.36 -43.04 -11.11
N SER A 2 47.72 -42.55 -10.06
CA SER A 2 46.27 -42.44 -10.03
C SER A 2 45.81 -41.52 -8.90
N SER A 3 44.66 -40.88 -9.09
CA SER A 3 44.12 -39.97 -8.10
C SER A 3 42.68 -39.60 -8.42
N GLY A 4 41.79 -39.75 -7.44
CA GLY A 4 40.39 -39.44 -7.65
C GLY A 4 40.13 -37.95 -7.60
N SER A 5 38.86 -37.56 -7.72
CA SER A 5 38.47 -36.16 -7.70
C SER A 5 36.95 -36.02 -7.61
N SER A 6 36.50 -35.19 -6.67
CA SER A 6 35.07 -34.96 -6.49
C SER A 6 34.76 -33.47 -6.46
N GLY A 7 34.23 -32.96 -7.57
CA GLY A 7 33.90 -31.55 -7.65
C GLY A 7 35.13 -30.67 -7.68
N PRO A 8 35.28 -29.83 -6.64
CA PRO A 8 34.32 -29.77 -5.52
C PRO A 8 32.98 -29.16 -5.94
N SER A 9 32.01 -29.21 -5.05
CA SER A 9 30.68 -28.66 -5.32
C SER A 9 29.94 -28.35 -4.02
N SER A 10 29.03 -27.39 -4.09
CA SER A 10 28.26 -26.99 -2.92
C SER A 10 27.06 -26.14 -3.33
N SER A 11 25.85 -26.68 -3.13
CA SER A 11 24.63 -25.97 -3.48
C SER A 11 23.40 -26.74 -2.99
N GLN A 12 22.60 -26.08 -2.16
CA GLN A 12 21.39 -26.69 -1.62
C GLN A 12 20.56 -25.67 -0.87
N SER A 13 19.36 -25.38 -1.39
CA SER A 13 18.47 -24.42 -0.77
C SER A 13 17.11 -24.41 -1.46
N GLU A 14 16.08 -23.98 -0.74
CA GLU A 14 14.73 -23.93 -1.28
C GLU A 14 13.79 -23.22 -0.31
N GLU A 15 13.31 -22.05 -0.71
CA GLU A 15 12.40 -21.27 0.12
C GLU A 15 11.53 -20.34 -0.74
N LYS A 16 10.27 -20.23 -0.38
CA LYS A 16 9.33 -19.38 -1.11
C LYS A 16 8.18 -18.94 -0.22
N ALA A 17 7.62 -17.76 -0.52
CA ALA A 17 6.51 -17.23 0.26
C ALA A 17 5.72 -16.20 -0.56
N PRO A 18 4.39 -16.20 -0.38
CA PRO A 18 3.49 -15.28 -1.09
C PRO A 18 3.65 -13.84 -0.61
N GLU A 19 3.18 -12.90 -1.41
CA GLU A 19 3.27 -11.48 -1.08
C GLU A 19 2.19 -11.09 -0.07
N LEU A 20 2.61 -10.42 1.00
CA LEU A 20 1.68 -10.00 2.05
C LEU A 20 1.16 -8.59 1.76
N PRO A 21 -0.08 -8.31 2.21
CA PRO A 21 -0.71 -7.00 2.02
C PRO A 21 -0.05 -5.91 2.85
N LYS A 22 0.59 -4.96 2.17
CA LYS A 22 1.27 -3.86 2.85
C LYS A 22 0.49 -3.43 4.10
N PRO A 23 1.23 -3.02 5.13
CA PRO A 23 0.63 -2.58 6.40
C PRO A 23 -0.11 -1.24 6.26
N LYS A 24 -0.20 -0.75 5.02
CA LYS A 24 -0.88 0.51 4.75
C LYS A 24 -2.08 0.29 3.85
N LYS A 25 -3.16 -0.24 4.41
CA LYS A 25 -4.38 -0.50 3.65
C LYS A 25 -4.82 0.76 2.90
N ASN A 26 -5.12 1.81 3.65
CA ASN A 26 -5.56 3.07 3.04
C ASN A 26 -4.85 4.25 3.69
N ARG A 27 -3.53 4.14 3.83
CA ARG A 27 -2.74 5.20 4.43
C ARG A 27 -1.48 5.47 3.62
N CYS A 28 -1.08 6.74 3.54
CA CYS A 28 0.11 7.12 2.79
C CYS A 28 1.31 6.25 3.19
N PHE A 29 2.22 6.06 2.24
CA PHE A 29 3.41 5.25 2.48
C PHE A 29 4.62 6.14 2.76
N MET A 30 4.40 7.45 2.76
CA MET A 30 5.46 8.40 3.01
C MET A 30 5.23 9.17 4.32
N CYS A 31 3.99 9.59 4.53
CA CYS A 31 3.63 10.33 5.74
C CYS A 31 2.77 9.47 6.66
N ARG A 32 2.17 8.42 6.11
CA ARG A 32 1.31 7.53 6.87
C ARG A 32 0.05 8.24 7.33
N LYS A 33 -0.68 8.81 6.37
CA LYS A 33 -1.92 9.52 6.67
C LYS A 33 -3.11 8.84 6.00
N LYS A 34 -4.28 8.94 6.63
CA LYS A 34 -5.49 8.34 6.10
C LYS A 34 -5.85 8.97 4.75
N VAL A 35 -5.66 8.21 3.67
CA VAL A 35 -5.96 8.69 2.33
C VAL A 35 -7.36 8.26 1.91
N GLY A 36 -7.69 6.99 2.16
CA GLY A 36 -9.00 6.48 1.81
C GLY A 36 -9.19 6.38 0.30
N LEU A 37 -9.94 7.32 -0.26
CA LEU A 37 -10.20 7.35 -1.69
C LEU A 37 -9.22 8.25 -2.41
N THR A 38 -8.82 9.34 -1.75
CA THR A 38 -7.87 10.28 -2.32
C THR A 38 -6.49 9.66 -2.47
N GLY A 39 -6.37 8.40 -2.05
CA GLY A 39 -5.09 7.71 -2.14
C GLY A 39 -4.46 7.83 -3.51
N PHE A 40 -3.18 7.49 -3.61
CA PHE A 40 -2.47 7.56 -4.89
C PHE A 40 -1.50 6.38 -5.03
N ASP A 41 -1.69 5.60 -6.09
CA ASP A 41 -0.83 4.45 -6.35
C ASP A 41 0.32 4.82 -7.29
N CYS A 42 1.54 4.75 -6.77
CA CYS A 42 2.71 5.08 -7.56
C CYS A 42 3.19 3.86 -8.35
N ARG A 43 4.08 4.11 -9.30
CA ARG A 43 4.63 3.04 -10.13
C ARG A 43 5.47 2.08 -9.30
N CYS A 44 6.15 2.62 -8.30
CA CYS A 44 6.99 1.82 -7.43
C CYS A 44 6.15 0.83 -6.61
N GLY A 45 4.84 0.93 -6.75
CA GLY A 45 3.95 0.04 -6.02
C GLY A 45 3.71 0.50 -4.60
N ASN A 46 3.47 1.79 -4.41
CA ASN A 46 3.23 2.35 -3.09
C ASN A 46 1.99 3.24 -3.10
N LEU A 47 1.53 3.61 -1.91
CA LEU A 47 0.36 4.46 -1.77
C LEU A 47 0.73 5.82 -1.18
N PHE A 48 0.19 6.88 -1.75
CA PHE A 48 0.47 8.23 -1.27
C PHE A 48 -0.80 9.07 -1.23
N CYS A 49 -0.80 10.09 -0.37
CA CYS A 49 -1.96 10.96 -0.22
C CYS A 49 -2.02 11.99 -1.35
N GLY A 50 -1.35 11.68 -2.46
CA GLY A 50 -1.34 12.59 -3.59
C GLY A 50 -0.32 13.71 -3.42
N LEU A 51 -0.13 14.15 -2.19
CA LEU A 51 0.82 15.22 -1.90
C LEU A 51 2.26 14.72 -1.99
N HIS A 52 2.42 13.40 -1.94
CA HIS A 52 3.74 12.79 -2.03
C HIS A 52 3.85 11.91 -3.28
N ARG A 53 2.71 11.62 -3.89
CA ARG A 53 2.69 10.79 -5.10
C ARG A 53 3.86 11.13 -6.01
N TYR A 54 4.34 12.36 -5.93
CA TYR A 54 5.45 12.81 -6.75
C TYR A 54 6.69 11.94 -6.50
N SER A 55 7.55 11.85 -7.52
CA SER A 55 8.76 11.06 -7.42
C SER A 55 9.82 11.79 -6.59
N ASP A 56 9.84 13.11 -6.71
CA ASP A 56 10.80 13.93 -5.97
C ASP A 56 10.24 14.33 -4.60
N LYS A 57 9.19 13.64 -4.18
CA LYS A 57 8.56 13.92 -2.90
C LYS A 57 8.86 12.82 -1.90
N HIS A 58 8.63 11.58 -2.30
CA HIS A 58 8.88 10.43 -1.43
C HIS A 58 10.12 9.66 -1.88
N ASN A 59 10.95 10.32 -2.68
CA ASN A 59 12.17 9.70 -3.19
C ASN A 59 11.85 8.40 -3.93
N CYS A 60 10.87 8.46 -4.82
CA CYS A 60 10.48 7.30 -5.60
C CYS A 60 11.69 6.60 -6.21
N PRO A 61 11.90 5.33 -5.83
CA PRO A 61 13.02 4.53 -6.32
C PRO A 61 12.86 4.17 -7.80
N TYR A 62 11.63 3.96 -8.22
CA TYR A 62 11.33 3.61 -9.60
C TYR A 62 12.14 4.47 -10.58
N ASP A 63 12.14 4.08 -11.85
CA ASP A 63 12.87 4.82 -12.87
C ASP A 63 12.01 5.02 -14.11
N TYR A 64 10.74 4.65 -14.01
CA TYR A 64 9.81 4.78 -15.12
C TYR A 64 10.15 6.01 -15.96
N LYS A 65 10.62 7.07 -15.31
CA LYS A 65 10.98 8.29 -15.99
C LYS A 65 11.99 8.02 -17.11
N ALA A 66 13.09 7.37 -16.77
CA ALA A 66 14.12 7.04 -17.74
C ALA A 66 13.67 5.93 -18.68
N GLU A 67 12.98 4.93 -18.11
CA GLU A 67 12.48 3.81 -18.90
C GLU A 67 11.84 4.30 -20.20
N ALA A 68 12.62 4.36 -21.26
CA ALA A 68 12.13 4.80 -22.56
C ALA A 68 12.71 3.96 -23.69
N SER A 69 12.15 4.10 -24.88
CA SER A 69 12.61 3.35 -26.04
C SER A 69 13.43 4.24 -26.98
N GLY A 70 14.72 3.98 -27.04
CA GLY A 70 15.59 4.76 -27.90
C GLY A 70 16.77 5.35 -27.15
N PRO A 71 16.50 6.33 -26.29
CA PRO A 71 17.52 7.00 -25.49
C PRO A 71 18.11 6.09 -24.41
N SER A 72 19.36 5.67 -24.62
CA SER A 72 20.03 4.78 -23.68
C SER A 72 20.21 5.48 -22.32
N SER A 73 19.81 4.79 -21.26
CA SER A 73 19.92 5.34 -19.91
C SER A 73 20.02 4.21 -18.89
N GLY A 74 21.05 4.29 -18.04
CA GLY A 74 21.25 3.28 -17.02
C GLY A 74 20.12 3.25 -16.01
ZN ZN B . 1.41 11.59 2.27
ZN ZN C . 6.98 5.82 -6.00
N GLY A 1 19.06 -43.67 39.67
CA GLY A 1 18.92 -42.28 39.27
C GLY A 1 17.51 -41.75 39.45
N SER A 2 17.27 -40.52 39.00
CA SER A 2 15.95 -39.92 39.11
C SER A 2 15.73 -38.92 37.98
N SER A 3 14.62 -39.09 37.26
CA SER A 3 14.29 -38.20 36.15
C SER A 3 12.77 -38.01 36.05
N GLY A 4 12.36 -36.90 35.45
CA GLY A 4 10.95 -36.61 35.29
C GLY A 4 10.66 -35.73 34.09
N SER A 5 9.86 -36.25 33.17
CA SER A 5 9.51 -35.51 31.97
C SER A 5 8.16 -35.96 31.42
N SER A 6 7.21 -35.04 31.40
CA SER A 6 5.87 -35.34 30.91
C SER A 6 5.32 -34.18 30.08
N GLY A 7 5.23 -34.39 28.76
CA GLY A 7 4.73 -33.36 27.88
C GLY A 7 5.83 -32.51 27.29
N PRO A 8 5.51 -31.25 26.97
CA PRO A 8 4.16 -30.70 27.18
C PRO A 8 3.13 -31.30 26.23
N SER A 9 1.90 -30.81 26.30
CA SER A 9 0.83 -31.31 25.45
C SER A 9 -0.27 -30.27 25.30
N SER A 10 -0.44 -29.75 24.09
CA SER A 10 -1.46 -28.74 23.81
C SER A 10 -2.44 -29.24 22.75
N SER A 11 -3.72 -29.01 23.00
CA SER A 11 -4.76 -29.43 22.06
C SER A 11 -5.84 -28.36 21.94
N GLN A 12 -6.12 -27.95 20.70
CA GLN A 12 -7.13 -26.93 20.45
C GLN A 12 -7.89 -27.23 19.17
N SER A 13 -9.13 -26.75 19.09
CA SER A 13 -9.97 -26.97 17.92
C SER A 13 -9.51 -26.11 16.75
N GLU A 14 -9.65 -26.65 15.54
CA GLU A 14 -9.25 -25.93 14.33
C GLU A 14 -10.33 -24.95 13.90
N GLU A 15 -10.04 -23.66 14.04
CA GLU A 15 -10.99 -22.62 13.65
C GLU A 15 -10.28 -21.46 12.96
N LYS A 16 -10.61 -21.26 11.69
CA LYS A 16 -10.00 -20.17 10.91
C LYS A 16 -10.97 -19.02 10.74
N ALA A 17 -10.46 -17.88 10.25
CA ALA A 17 -11.28 -16.71 10.05
C ALA A 17 -10.76 -15.86 8.88
N PRO A 18 -11.62 -15.61 7.89
CA PRO A 18 -11.26 -14.83 6.71
C PRO A 18 -11.06 -13.35 7.04
N GLU A 19 -10.09 -12.72 6.38
CA GLU A 19 -9.80 -11.31 6.60
C GLU A 19 -9.49 -10.61 5.29
N LEU A 20 -10.24 -9.55 4.99
CA LEU A 20 -10.04 -8.78 3.76
C LEU A 20 -8.63 -8.21 3.71
N PRO A 21 -8.15 -7.93 2.48
CA PRO A 21 -6.82 -7.37 2.27
C PRO A 21 -6.72 -5.92 2.74
N LYS A 22 -5.70 -5.64 3.55
CA LYS A 22 -5.49 -4.30 4.07
C LYS A 22 -4.34 -3.60 3.34
N PRO A 23 -4.68 -2.82 2.31
CA PRO A 23 -3.69 -2.09 1.51
C PRO A 23 -3.05 -0.95 2.29
N LYS A 24 -2.06 -1.28 3.10
CA LYS A 24 -1.35 -0.28 3.89
C LYS A 24 -2.34 0.57 4.69
N LYS A 25 -3.35 -0.08 5.25
CA LYS A 25 -4.36 0.61 6.04
C LYS A 25 -4.81 1.90 5.34
N ASN A 26 -4.97 1.83 4.03
CA ASN A 26 -5.39 2.99 3.25
C ASN A 26 -4.74 4.26 3.77
N ARG A 27 -3.44 4.18 4.04
CA ARG A 27 -2.70 5.33 4.53
C ARG A 27 -1.42 5.55 3.73
N CYS A 28 -1.07 6.81 3.49
CA CYS A 28 0.13 7.15 2.73
C CYS A 28 1.30 6.28 3.16
N PHE A 29 2.21 6.02 2.23
CA PHE A 29 3.39 5.21 2.50
C PHE A 29 4.61 6.09 2.77
N MET A 30 4.39 7.40 2.79
CA MET A 30 5.47 8.35 3.02
C MET A 30 5.23 9.13 4.31
N CYS A 31 4.01 9.62 4.49
CA CYS A 31 3.67 10.39 5.67
C CYS A 31 2.74 9.58 6.58
N ARG A 32 2.11 8.56 6.02
CA ARG A 32 1.19 7.71 6.78
C ARG A 32 -0.06 8.48 7.16
N LYS A 33 -0.73 9.05 6.17
CA LYS A 33 -1.96 9.81 6.41
C LYS A 33 -3.16 9.12 5.78
N LYS A 34 -4.30 9.16 6.47
CA LYS A 34 -5.51 8.54 5.98
C LYS A 34 -5.91 9.11 4.62
N VAL A 35 -5.75 8.31 3.58
CA VAL A 35 -6.09 8.72 2.22
C VAL A 35 -7.42 8.14 1.78
N GLY A 36 -7.66 6.88 2.15
CA GLY A 36 -8.91 6.22 1.78
C GLY A 36 -9.20 6.33 0.29
N LEU A 37 -10.05 7.29 -0.08
CA LEU A 37 -10.41 7.49 -1.47
C LEU A 37 -9.41 8.39 -2.17
N THR A 38 -8.82 9.32 -1.42
CA THR A 38 -7.84 10.25 -1.96
C THR A 38 -6.46 9.62 -2.00
N GLY A 39 -6.40 8.31 -2.22
CA GLY A 39 -5.13 7.62 -2.28
C GLY A 39 -4.47 7.72 -3.63
N PHE A 40 -3.15 7.54 -3.66
CA PHE A 40 -2.40 7.63 -4.91
C PHE A 40 -1.46 6.43 -5.06
N ASP A 41 -1.65 5.67 -6.13
CA ASP A 41 -0.82 4.50 -6.40
C ASP A 41 0.33 4.85 -7.32
N CYS A 42 1.55 4.79 -6.79
CA CYS A 42 2.74 5.11 -7.57
C CYS A 42 3.22 3.88 -8.35
N ARG A 43 4.12 4.11 -9.30
CA ARG A 43 4.65 3.04 -10.12
C ARG A 43 5.52 2.09 -9.29
N CYS A 44 6.17 2.63 -8.27
CA CYS A 44 7.02 1.84 -7.39
C CYS A 44 6.20 0.81 -6.62
N GLY A 45 4.89 0.88 -6.76
CA GLY A 45 4.00 -0.04 -6.07
C GLY A 45 3.74 0.38 -4.64
N ASN A 46 3.48 1.66 -4.44
CA ASN A 46 3.19 2.19 -3.11
C ASN A 46 1.97 3.10 -3.12
N LEU A 47 1.53 3.51 -1.94
CA LEU A 47 0.37 4.39 -1.82
C LEU A 47 0.77 5.75 -1.27
N PHE A 48 0.15 6.81 -1.80
CA PHE A 48 0.45 8.16 -1.35
C PHE A 48 -0.83 8.99 -1.25
N CYS A 49 -0.81 9.99 -0.37
CA CYS A 49 -1.97 10.85 -0.17
C CYS A 49 -2.00 11.96 -1.21
N GLY A 50 -1.35 11.73 -2.35
CA GLY A 50 -1.33 12.72 -3.40
C GLY A 50 -0.31 13.81 -3.15
N LEU A 51 -0.05 14.09 -1.88
CA LEU A 51 0.91 15.13 -1.50
C LEU A 51 2.34 14.66 -1.76
N HIS A 52 2.53 13.35 -1.76
CA HIS A 52 3.86 12.78 -1.99
C HIS A 52 3.86 11.90 -3.25
N ARG A 53 2.69 11.74 -3.84
CA ARG A 53 2.55 10.93 -5.05
C ARG A 53 3.74 11.12 -5.98
N TYR A 54 4.10 12.39 -6.21
CA TYR A 54 5.22 12.71 -7.09
C TYR A 54 6.43 11.81 -6.78
N SER A 55 7.30 11.65 -7.77
CA SER A 55 8.48 10.82 -7.62
C SER A 55 9.60 11.58 -6.88
N ASP A 56 9.65 12.89 -7.12
CA ASP A 56 10.66 13.73 -6.48
C ASP A 56 10.16 14.28 -5.15
N LYS A 57 9.12 13.64 -4.62
CA LYS A 57 8.54 14.06 -3.34
C LYS A 57 8.82 13.03 -2.25
N HIS A 58 8.69 11.75 -2.60
CA HIS A 58 8.93 10.67 -1.65
C HIS A 58 10.17 9.87 -2.04
N ASN A 59 11.01 10.47 -2.88
CA ASN A 59 12.23 9.81 -3.33
C ASN A 59 11.91 8.46 -3.99
N CYS A 60 10.99 8.49 -4.94
CA CYS A 60 10.58 7.29 -5.66
C CYS A 60 11.80 6.58 -6.26
N PRO A 61 12.02 5.32 -5.84
CA PRO A 61 13.13 4.51 -6.31
C PRO A 61 12.98 4.10 -7.78
N TYR A 62 11.73 3.94 -8.21
CA TYR A 62 11.45 3.55 -9.58
C TYR A 62 12.28 4.37 -10.57
N ASP A 63 12.22 4.00 -11.84
CA ASP A 63 12.97 4.69 -12.88
C ASP A 63 12.09 4.97 -14.10
N TYR A 64 10.85 4.48 -14.04
CA TYR A 64 9.91 4.67 -15.13
C TYR A 64 10.16 6.00 -15.84
N LYS A 65 10.52 7.02 -15.07
CA LYS A 65 10.79 8.35 -15.61
C LYS A 65 11.54 8.25 -16.94
N ALA A 66 12.63 7.50 -16.94
CA ALA A 66 13.43 7.32 -18.15
C ALA A 66 13.06 6.02 -18.87
N GLU A 67 11.77 5.71 -18.89
CA GLU A 67 11.29 4.51 -19.55
C GLU A 67 10.26 4.84 -20.63
N ALA A 68 9.22 5.57 -20.24
CA ALA A 68 8.17 5.96 -21.18
C ALA A 68 8.09 7.48 -21.31
N SER A 69 8.39 7.98 -22.49
CA SER A 69 8.36 9.42 -22.76
C SER A 69 7.10 10.05 -22.15
N GLY A 70 7.30 11.02 -21.26
CA GLY A 70 6.17 11.68 -20.63
C GLY A 70 6.53 13.07 -20.14
N PRO A 71 5.82 13.53 -19.10
CA PRO A 71 6.05 14.86 -18.51
C PRO A 71 7.37 14.95 -17.77
N SER A 72 8.11 13.84 -17.76
CA SER A 72 9.41 13.80 -17.08
C SER A 72 10.30 14.96 -17.53
N SER A 73 11.31 15.27 -16.72
CA SER A 73 12.22 16.36 -17.02
C SER A 73 13.61 16.09 -16.44
N GLY A 74 14.64 16.52 -17.15
CA GLY A 74 16.00 16.31 -16.69
C GLY A 74 16.62 15.04 -17.24
ZN ZN B . 1.50 11.59 2.09
ZN ZN C . 7.01 5.86 -6.01
N GLY A 1 -64.58 -9.97 36.14
CA GLY A 1 -63.66 -10.99 35.68
C GLY A 1 -62.22 -10.67 36.01
N SER A 2 -61.31 -11.56 35.64
CA SER A 2 -59.89 -11.37 35.91
C SER A 2 -59.04 -12.26 35.02
N SER A 3 -58.13 -11.64 34.26
CA SER A 3 -57.25 -12.38 33.36
C SER A 3 -55.97 -11.59 33.08
N GLY A 4 -55.05 -12.22 32.36
CA GLY A 4 -53.80 -11.57 32.04
C GLY A 4 -52.95 -12.38 31.07
N SER A 5 -52.16 -11.70 30.27
CA SER A 5 -51.30 -12.36 29.29
C SER A 5 -50.40 -11.35 28.57
N SER A 6 -49.25 -11.82 28.11
CA SER A 6 -48.30 -10.96 27.41
C SER A 6 -47.12 -11.77 26.88
N GLY A 7 -46.41 -11.21 25.91
CA GLY A 7 -45.28 -11.88 25.32
C GLY A 7 -45.66 -13.21 24.69
N PRO A 8 -44.64 -14.01 24.32
CA PRO A 8 -43.23 -13.64 24.51
C PRO A 8 -42.81 -12.51 23.59
N SER A 9 -41.53 -12.15 23.64
CA SER A 9 -41.00 -11.08 22.81
C SER A 9 -39.48 -10.99 22.95
N SER A 10 -38.81 -10.70 21.84
CA SER A 10 -37.35 -10.59 21.83
C SER A 10 -36.88 -9.78 20.63
N SER A 11 -35.58 -9.50 20.59
CA SER A 11 -34.99 -8.74 19.49
C SER A 11 -33.47 -8.87 19.49
N GLN A 12 -32.84 -8.41 18.41
CA GLN A 12 -31.39 -8.47 18.29
C GLN A 12 -30.93 -7.76 17.02
N SER A 13 -29.75 -7.14 17.10
CA SER A 13 -29.20 -6.41 15.96
C SER A 13 -27.68 -6.33 16.06
N GLU A 14 -26.99 -6.80 15.03
CA GLU A 14 -25.53 -6.78 15.00
C GLU A 14 -25.02 -6.41 13.61
N GLU A 15 -23.72 -6.13 13.52
CA GLU A 15 -23.10 -5.76 12.25
C GLU A 15 -21.73 -6.42 12.10
N LYS A 16 -21.67 -7.45 11.25
CA LYS A 16 -20.42 -8.16 11.02
C LYS A 16 -20.37 -8.73 9.61
N ALA A 17 -19.20 -8.68 8.99
CA ALA A 17 -19.03 -9.19 7.64
C ALA A 17 -17.57 -9.13 7.21
N PRO A 18 -17.16 -10.05 6.32
CA PRO A 18 -15.79 -10.12 5.81
C PRO A 18 -15.46 -8.96 4.89
N GLU A 19 -14.19 -8.84 4.51
CA GLU A 19 -13.75 -7.77 3.63
C GLU A 19 -12.61 -8.25 2.73
N LEU A 20 -12.46 -7.59 1.58
CA LEU A 20 -11.40 -7.96 0.64
C LEU A 20 -10.03 -7.68 1.23
N PRO A 21 -9.03 -8.45 0.77
CA PRO A 21 -7.64 -8.31 1.24
C PRO A 21 -6.99 -7.02 0.76
N LYS A 22 -6.60 -6.18 1.71
CA LYS A 22 -5.96 -4.91 1.38
C LYS A 22 -4.45 -4.97 1.62
N PRO A 23 -3.67 -4.58 0.61
CA PRO A 23 -2.21 -4.58 0.68
C PRO A 23 -1.68 -3.51 1.63
N LYS A 24 -2.48 -2.48 1.87
CA LYS A 24 -2.09 -1.40 2.76
C LYS A 24 -3.24 -0.99 3.66
N LYS A 25 -3.00 -0.04 4.55
CA LYS A 25 -4.02 0.44 5.47
C LYS A 25 -4.60 1.77 4.99
N ASN A 26 -4.83 1.88 3.69
CA ASN A 26 -5.39 3.09 3.11
C ASN A 26 -4.68 4.33 3.65
N ARG A 27 -3.42 4.16 4.05
CA ARG A 27 -2.63 5.25 4.59
C ARG A 27 -1.38 5.49 3.75
N CYS A 28 -1.05 6.76 3.55
CA CYS A 28 0.14 7.12 2.76
C CYS A 28 1.33 6.27 3.16
N PHE A 29 2.24 6.04 2.20
CA PHE A 29 3.42 5.24 2.45
C PHE A 29 4.63 6.14 2.70
N MET A 30 4.40 7.44 2.75
CA MET A 30 5.48 8.41 2.98
C MET A 30 5.23 9.19 4.27
N CYS A 31 3.98 9.63 4.45
CA CYS A 31 3.63 10.41 5.63
C CYS A 31 2.71 9.59 6.55
N ARG A 32 2.11 8.54 6.00
CA ARG A 32 1.21 7.69 6.76
C ARG A 32 -0.06 8.44 7.15
N LYS A 33 -0.73 9.00 6.15
CA LYS A 33 -1.96 9.74 6.39
C LYS A 33 -3.14 9.07 5.69
N LYS A 34 -4.24 8.88 6.42
CA LYS A 34 -5.43 8.26 5.88
C LYS A 34 -5.82 8.91 4.55
N VAL A 35 -5.73 8.15 3.46
CA VAL A 35 -6.08 8.65 2.15
C VAL A 35 -7.43 8.11 1.69
N GLY A 36 -7.64 6.82 1.90
CA GLY A 36 -8.89 6.19 1.51
C GLY A 36 -9.04 6.11 0.00
N LEU A 37 -9.93 6.93 -0.55
CA LEU A 37 -10.17 6.95 -1.99
C LEU A 37 -9.23 7.92 -2.69
N THR A 38 -8.92 9.04 -2.02
CA THR A 38 -8.03 10.04 -2.58
C THR A 38 -6.61 9.53 -2.66
N GLY A 39 -6.40 8.28 -2.25
CA GLY A 39 -5.07 7.69 -2.28
C GLY A 39 -4.41 7.83 -3.64
N PHE A 40 -3.11 7.58 -3.69
CA PHE A 40 -2.36 7.68 -4.93
C PHE A 40 -1.41 6.50 -5.08
N ASP A 41 -1.66 5.66 -6.09
CA ASP A 41 -0.82 4.50 -6.33
C ASP A 41 0.33 4.85 -7.28
N CYS A 42 1.55 4.79 -6.76
CA CYS A 42 2.74 5.10 -7.55
C CYS A 42 3.20 3.89 -8.34
N ARG A 43 4.11 4.12 -9.28
CA ARG A 43 4.63 3.03 -10.12
C ARG A 43 5.50 2.09 -9.29
N CYS A 44 6.13 2.62 -8.26
CA CYS A 44 6.99 1.82 -7.39
C CYS A 44 6.17 0.82 -6.57
N GLY A 45 4.85 0.87 -6.76
CA GLY A 45 3.98 -0.04 -6.03
C GLY A 45 3.73 0.41 -4.61
N ASN A 46 3.45 1.70 -4.43
CA ASN A 46 3.20 2.25 -3.11
C ASN A 46 1.96 3.14 -3.11
N LEU A 47 1.52 3.53 -1.92
CA LEU A 47 0.35 4.39 -1.79
C LEU A 47 0.73 5.75 -1.22
N PHE A 48 0.16 6.80 -1.80
CA PHE A 48 0.45 8.17 -1.35
C PHE A 48 -0.84 8.98 -1.27
N CYS A 49 -0.83 9.99 -0.39
CA CYS A 49 -2.00 10.85 -0.20
C CYS A 49 -2.03 11.96 -1.25
N GLY A 50 -1.35 11.73 -2.37
CA GLY A 50 -1.31 12.72 -3.42
C GLY A 50 -0.31 13.82 -3.15
N LEU A 51 -0.06 14.09 -1.88
CA LEU A 51 0.89 15.12 -1.49
C LEU A 51 2.32 14.67 -1.74
N HIS A 52 2.54 13.37 -1.74
CA HIS A 52 3.86 12.80 -1.97
C HIS A 52 3.87 11.93 -3.22
N ARG A 53 2.70 11.78 -3.84
CA ARG A 53 2.58 10.96 -5.04
C ARG A 53 3.78 11.15 -5.95
N TYR A 54 4.15 12.40 -6.20
CA TYR A 54 5.28 12.72 -7.06
C TYR A 54 6.47 11.80 -6.76
N SER A 55 7.38 11.70 -7.72
CA SER A 55 8.56 10.86 -7.56
C SER A 55 9.65 11.60 -6.80
N ASP A 56 9.74 12.91 -7.00
CA ASP A 56 10.74 13.72 -6.33
C ASP A 56 10.21 14.25 -5.00
N LYS A 57 9.15 13.62 -4.49
CA LYS A 57 8.55 14.03 -3.23
C LYS A 57 8.80 12.98 -2.15
N HIS A 58 8.70 11.71 -2.53
CA HIS A 58 8.93 10.61 -1.60
C HIS A 58 10.15 9.80 -1.99
N ASN A 59 11.01 10.39 -2.81
CA ASN A 59 12.22 9.72 -3.26
C ASN A 59 11.89 8.40 -3.94
N CYS A 60 10.96 8.44 -4.89
CA CYS A 60 10.55 7.25 -5.62
C CYS A 60 11.76 6.54 -6.22
N PRO A 61 11.96 5.28 -5.82
CA PRO A 61 13.07 4.45 -6.31
C PRO A 61 12.90 4.07 -7.77
N TYR A 62 11.67 3.90 -8.20
CA TYR A 62 11.38 3.53 -9.58
C TYR A 62 12.21 4.34 -10.55
N ASP A 63 12.19 3.95 -11.82
CA ASP A 63 12.94 4.65 -12.85
C ASP A 63 12.09 4.86 -14.10
N TYR A 64 10.81 4.52 -14.00
CA TYR A 64 9.89 4.67 -15.12
C TYR A 64 10.26 5.88 -15.97
N LYS A 65 10.65 6.96 -15.30
CA LYS A 65 11.04 8.19 -15.99
C LYS A 65 12.00 7.90 -17.13
N ALA A 66 13.06 7.17 -16.83
CA ALA A 66 14.06 6.82 -17.84
C ALA A 66 13.51 5.81 -18.83
N GLU A 67 12.72 4.86 -18.33
CA GLU A 67 12.13 3.82 -19.17
C GLU A 67 11.40 4.44 -20.36
N ALA A 68 12.10 4.51 -21.49
CA ALA A 68 11.51 5.07 -22.70
C ALA A 68 10.15 4.46 -22.99
N SER A 69 9.09 5.20 -22.66
CA SER A 69 7.73 4.73 -22.89
C SER A 69 7.44 4.62 -24.39
N GLY A 70 7.66 5.71 -25.11
CA GLY A 70 7.42 5.73 -26.54
C GLY A 70 6.45 6.82 -26.95
N PRO A 71 5.17 6.66 -26.61
CA PRO A 71 4.12 7.64 -26.94
C PRO A 71 4.28 8.93 -26.14
N SER A 72 4.42 10.04 -26.86
CA SER A 72 4.57 11.34 -26.23
C SER A 72 3.28 12.15 -26.32
N SER A 73 2.80 12.35 -27.54
CA SER A 73 1.58 13.11 -27.77
C SER A 73 0.44 12.58 -26.89
N GLY A 74 0.31 11.26 -26.83
CA GLY A 74 -0.73 10.65 -26.03
C GLY A 74 -0.97 11.39 -24.74
ZN ZN B . 1.44 11.57 2.04
ZN ZN C . 7.01 5.83 -5.97
N GLY A 1 4.52 -44.84 -36.90
CA GLY A 1 4.03 -44.31 -35.64
C GLY A 1 3.30 -45.35 -34.81
N SER A 2 3.94 -46.48 -34.57
CA SER A 2 3.34 -47.56 -33.80
C SER A 2 2.66 -47.01 -32.55
N SER A 3 3.36 -46.16 -31.81
CA SER A 3 2.82 -45.57 -30.60
C SER A 3 2.54 -44.08 -30.79
N GLY A 4 1.49 -43.60 -30.14
CA GLY A 4 1.13 -42.20 -30.26
C GLY A 4 0.54 -41.64 -28.98
N SER A 5 1.34 -40.87 -28.24
CA SER A 5 0.88 -40.29 -26.99
C SER A 5 1.35 -38.84 -26.87
N SER A 6 0.40 -37.93 -26.69
CA SER A 6 0.71 -36.51 -26.57
C SER A 6 -0.35 -35.79 -25.76
N GLY A 7 -0.05 -34.56 -25.36
CA GLY A 7 -1.00 -33.78 -24.57
C GLY A 7 -2.27 -33.47 -25.33
N PRO A 8 -2.14 -32.65 -26.39
CA PRO A 8 -0.86 -32.08 -26.80
C PRO A 8 -0.34 -31.04 -25.81
N SER A 9 -1.20 -30.08 -25.45
CA SER A 9 -0.83 -29.04 -24.51
C SER A 9 -2.07 -28.26 -24.04
N SER A 10 -1.91 -27.52 -22.96
CA SER A 10 -3.01 -26.73 -22.41
C SER A 10 -2.48 -25.57 -21.56
N SER A 11 -2.90 -24.36 -21.89
CA SER A 11 -2.47 -23.17 -21.17
C SER A 11 -3.50 -22.78 -20.10
N GLN A 12 -4.03 -23.79 -19.41
CA GLN A 12 -5.03 -23.54 -18.36
C GLN A 12 -4.37 -23.48 -16.99
N SER A 13 -3.23 -22.80 -16.92
CA SER A 13 -2.50 -22.66 -15.67
C SER A 13 -3.14 -21.59 -14.78
N GLU A 14 -3.93 -22.04 -13.81
CA GLU A 14 -4.60 -21.12 -12.90
C GLU A 14 -5.29 -21.89 -11.77
N GLU A 15 -5.01 -21.49 -10.53
CA GLU A 15 -5.60 -22.14 -9.36
C GLU A 15 -5.94 -21.11 -8.28
N LYS A 16 -7.11 -21.26 -7.69
CA LYS A 16 -7.56 -20.36 -6.63
C LYS A 16 -6.65 -20.43 -5.42
N ALA A 17 -6.53 -19.33 -4.70
CA ALA A 17 -5.68 -19.28 -3.50
C ALA A 17 -5.92 -18.00 -2.72
N PRO A 18 -5.87 -18.11 -1.38
CA PRO A 18 -6.08 -16.96 -0.49
C PRO A 18 -4.93 -15.97 -0.55
N GLU A 19 -5.17 -14.75 -0.06
CA GLU A 19 -4.16 -13.70 -0.06
C GLU A 19 -4.26 -12.83 1.19
N LEU A 20 -3.12 -12.40 1.70
CA LEU A 20 -3.10 -11.56 2.89
C LEU A 20 -3.36 -10.09 2.53
N PRO A 21 -3.96 -9.36 3.48
CA PRO A 21 -4.28 -7.94 3.28
C PRO A 21 -3.03 -7.06 3.26
N LYS A 22 -2.87 -6.29 2.20
CA LYS A 22 -1.72 -5.40 2.05
C LYS A 22 -1.36 -4.76 3.38
N PRO A 23 -0.06 -4.59 3.62
CA PRO A 23 0.45 -3.99 4.86
C PRO A 23 0.14 -2.49 4.95
N LYS A 24 -0.55 -1.98 3.93
CA LYS A 24 -0.91 -0.56 3.89
C LYS A 24 -2.41 -0.38 4.09
N LYS A 25 -2.79 0.14 5.25
CA LYS A 25 -4.20 0.36 5.57
C LYS A 25 -4.68 1.69 5.00
N ASN A 26 -4.90 1.73 3.70
CA ASN A 26 -5.37 2.94 3.03
C ASN A 26 -4.70 4.17 3.62
N ARG A 27 -3.40 4.07 3.88
CA ARG A 27 -2.64 5.18 4.44
C ARG A 27 -1.37 5.44 3.64
N CYS A 28 -1.02 6.72 3.50
CA CYS A 28 0.17 7.11 2.75
C CYS A 28 1.36 6.23 3.13
N PHE A 29 2.29 6.07 2.19
CA PHE A 29 3.47 5.25 2.43
C PHE A 29 4.68 6.13 2.75
N MET A 30 4.45 7.43 2.80
CA MET A 30 5.52 8.38 3.09
C MET A 30 5.25 9.13 4.39
N CYS A 31 4.00 9.58 4.56
CA CYS A 31 3.61 10.31 5.76
C CYS A 31 2.71 9.45 6.64
N ARG A 32 2.16 8.39 6.07
CA ARG A 32 1.28 7.49 6.81
C ARG A 32 0.03 8.23 7.26
N LYS A 33 -0.68 8.84 6.32
CA LYS A 33 -1.90 9.56 6.63
C LYS A 33 -3.09 8.97 5.87
N LYS A 34 -4.19 8.77 6.58
CA LYS A 34 -5.40 8.21 5.98
C LYS A 34 -5.73 8.91 4.67
N VAL A 35 -5.76 8.14 3.59
CA VAL A 35 -6.07 8.68 2.27
C VAL A 35 -7.39 8.15 1.75
N GLY A 36 -7.68 6.89 2.06
CA GLY A 36 -8.93 6.28 1.62
C GLY A 36 -9.15 6.44 0.11
N LEU A 37 -10.11 7.27 -0.26
CA LEU A 37 -10.41 7.50 -1.66
C LEU A 37 -9.38 8.43 -2.30
N THR A 38 -8.82 9.33 -1.50
CA THR A 38 -7.83 10.28 -1.99
C THR A 38 -6.44 9.64 -2.01
N GLY A 39 -6.39 8.34 -2.27
CA GLY A 39 -5.12 7.64 -2.31
C GLY A 39 -4.46 7.71 -3.67
N PHE A 40 -3.13 7.65 -3.69
CA PHE A 40 -2.38 7.72 -4.94
C PHE A 40 -1.43 6.53 -5.07
N ASP A 41 -1.63 5.74 -6.12
CA ASP A 41 -0.79 4.56 -6.35
C ASP A 41 0.34 4.89 -7.32
N CYS A 42 1.58 4.79 -6.84
CA CYS A 42 2.75 5.07 -7.66
C CYS A 42 3.22 3.83 -8.40
N ARG A 43 4.07 4.02 -9.39
CA ARG A 43 4.60 2.91 -10.17
C ARG A 43 5.46 1.99 -9.30
N CYS A 44 6.17 2.59 -8.35
CA CYS A 44 7.03 1.83 -7.45
C CYS A 44 6.21 0.83 -6.63
N GLY A 45 4.89 0.93 -6.72
CA GLY A 45 4.02 0.04 -5.99
C GLY A 45 3.78 0.50 -4.57
N ASN A 46 3.56 1.80 -4.40
CA ASN A 46 3.32 2.38 -3.08
C ASN A 46 2.07 3.27 -3.09
N LEU A 47 1.62 3.66 -1.91
CA LEU A 47 0.44 4.51 -1.79
C LEU A 47 0.82 5.88 -1.23
N PHE A 48 0.24 6.93 -1.79
CA PHE A 48 0.51 8.30 -1.35
C PHE A 48 -0.78 9.09 -1.23
N CYS A 49 -0.78 10.08 -0.35
CA CYS A 49 -1.94 10.93 -0.15
C CYS A 49 -2.00 12.05 -1.18
N GLY A 50 -1.40 11.81 -2.35
CA GLY A 50 -1.39 12.80 -3.40
C GLY A 50 -0.31 13.85 -3.19
N LEU A 51 -0.11 14.25 -1.94
CA LEU A 51 0.89 15.25 -1.62
C LEU A 51 2.30 14.72 -1.83
N HIS A 52 2.42 13.38 -1.87
CA HIS A 52 3.71 12.74 -2.07
C HIS A 52 3.69 11.87 -3.33
N ARG A 53 2.53 11.76 -3.95
CA ARG A 53 2.37 10.96 -5.16
C ARG A 53 3.59 11.11 -6.06
N TYR A 54 4.00 12.34 -6.30
CA TYR A 54 5.16 12.62 -7.15
C TYR A 54 6.32 11.69 -6.82
N SER A 55 7.36 11.74 -7.63
CA SER A 55 8.54 10.90 -7.42
C SER A 55 9.56 11.61 -6.55
N ASP A 56 9.89 12.85 -6.90
CA ASP A 56 10.85 13.63 -6.15
C ASP A 56 10.26 14.11 -4.82
N LYS A 57 9.05 13.66 -4.53
CA LYS A 57 8.36 14.02 -3.30
C LYS A 57 8.56 12.96 -2.22
N HIS A 58 8.69 11.71 -2.65
CA HIS A 58 8.89 10.59 -1.73
C HIS A 58 10.13 9.79 -2.11
N ASN A 59 11.00 10.39 -2.90
CA ASN A 59 12.22 9.72 -3.35
C ASN A 59 11.89 8.40 -4.03
N CYS A 60 10.95 8.43 -4.96
CA CYS A 60 10.55 7.23 -5.69
C CYS A 60 11.78 6.43 -6.14
N PRO A 61 11.89 5.18 -5.64
CA PRO A 61 13.00 4.30 -5.98
C PRO A 61 12.95 3.82 -7.43
N TYR A 62 11.75 3.80 -8.00
CA TYR A 62 11.57 3.37 -9.38
C TYR A 62 12.52 4.11 -10.31
N ASP A 63 12.36 3.88 -11.61
CA ASP A 63 13.21 4.52 -12.61
C ASP A 63 12.36 5.22 -13.67
N TYR A 64 11.09 4.84 -13.75
CA TYR A 64 10.18 5.41 -14.73
C TYR A 64 10.41 6.91 -14.87
N LYS A 65 10.84 7.54 -13.78
CA LYS A 65 11.10 8.98 -13.78
C LYS A 65 11.83 9.40 -15.05
N ALA A 66 12.78 8.57 -15.48
CA ALA A 66 13.55 8.86 -16.69
C ALA A 66 13.27 7.83 -17.77
N GLU A 67 13.02 6.59 -17.36
CA GLU A 67 12.74 5.52 -18.30
C GLU A 67 11.48 5.81 -19.12
N ALA A 68 10.36 5.97 -18.43
CA ALA A 68 9.09 6.27 -19.09
C ALA A 68 9.14 7.63 -19.78
N SER A 69 9.58 7.62 -21.03
CA SER A 69 9.68 8.85 -21.82
C SER A 69 8.31 9.49 -21.99
N GLY A 70 8.30 10.82 -22.15
CA GLY A 70 7.04 11.53 -22.32
C GLY A 70 6.91 12.13 -23.70
N PRO A 71 7.50 13.32 -23.90
CA PRO A 71 7.44 14.03 -25.19
C PRO A 71 8.27 13.33 -26.26
N SER A 72 7.97 13.61 -27.52
CA SER A 72 8.68 13.01 -28.64
C SER A 72 9.70 13.99 -29.22
N SER A 73 10.75 13.44 -29.82
CA SER A 73 11.80 14.26 -30.41
C SER A 73 12.17 13.76 -31.80
N GLY A 74 12.08 14.64 -32.79
CA GLY A 74 12.41 14.26 -34.15
C GLY A 74 13.78 13.65 -34.27
ZN ZN B . 1.48 11.56 2.18
ZN ZN C . 7.05 5.91 -6.24
N GLY A 1 -21.40 -54.70 42.63
CA GLY A 1 -20.29 -54.03 42.00
C GLY A 1 -20.72 -52.78 41.25
N SER A 2 -20.52 -51.62 41.87
CA SER A 2 -20.90 -50.35 41.27
C SER A 2 -20.28 -50.20 39.88
N SER A 3 -18.98 -50.48 39.80
CA SER A 3 -18.25 -50.38 38.53
C SER A 3 -18.79 -49.22 37.69
N GLY A 4 -19.01 -48.09 38.34
CA GLY A 4 -19.53 -46.92 37.64
C GLY A 4 -18.57 -45.74 37.69
N SER A 5 -17.56 -45.76 36.84
CA SER A 5 -16.58 -44.68 36.80
C SER A 5 -16.79 -43.80 35.57
N SER A 6 -17.55 -42.72 35.76
CA SER A 6 -17.84 -41.79 34.67
C SER A 6 -18.30 -40.44 35.23
N GLY A 7 -18.45 -39.47 34.34
CA GLY A 7 -18.89 -38.15 34.74
C GLY A 7 -20.36 -38.11 35.08
N PRO A 8 -21.17 -37.51 34.20
CA PRO A 8 -20.67 -36.91 32.95
C PRO A 8 -19.84 -35.65 33.21
N SER A 9 -19.10 -35.22 32.19
CA SER A 9 -18.26 -34.04 32.31
C SER A 9 -17.84 -33.53 30.93
N SER A 10 -18.42 -32.41 30.51
CA SER A 10 -18.10 -31.83 29.21
C SER A 10 -18.60 -30.39 29.12
N SER A 11 -17.68 -29.44 29.12
CA SER A 11 -18.03 -28.03 29.04
C SER A 11 -16.90 -27.22 28.41
N GLN A 12 -17.11 -26.80 27.17
CA GLN A 12 -16.11 -26.01 26.45
C GLN A 12 -16.69 -25.48 25.14
N SER A 13 -16.70 -24.15 25.01
CA SER A 13 -17.22 -23.51 23.81
C SER A 13 -16.64 -22.11 23.64
N GLU A 14 -15.75 -21.97 22.67
CA GLU A 14 -15.12 -20.67 22.40
C GLU A 14 -14.56 -20.63 20.98
N GLU A 15 -15.11 -19.72 20.17
CA GLU A 15 -14.67 -19.57 18.79
C GLU A 15 -14.21 -18.14 18.51
N LYS A 16 -13.51 -17.56 19.49
CA LYS A 16 -13.01 -16.20 19.35
C LYS A 16 -11.57 -16.20 18.86
N ALA A 17 -11.30 -15.38 17.84
CA ALA A 17 -9.96 -15.28 17.28
C ALA A 17 -9.75 -13.92 16.60
N PRO A 18 -8.54 -13.36 16.77
CA PRO A 18 -8.19 -12.06 16.18
C PRO A 18 -8.05 -12.12 14.66
N GLU A 19 -8.06 -10.96 14.02
CA GLU A 19 -7.94 -10.89 12.57
C GLU A 19 -6.52 -10.56 12.16
N LEU A 20 -6.02 -11.27 11.15
CA LEU A 20 -4.66 -11.05 10.66
C LEU A 20 -4.45 -9.59 10.26
N PRO A 21 -3.19 -9.15 10.25
CA PRO A 21 -2.83 -7.78 9.89
C PRO A 21 -3.04 -7.49 8.41
N LYS A 22 -3.24 -6.22 8.08
CA LYS A 22 -3.45 -5.81 6.69
C LYS A 22 -2.17 -5.24 6.09
N PRO A 23 -2.07 -5.27 4.76
CA PRO A 23 -0.92 -4.76 4.03
C PRO A 23 -0.83 -3.24 4.10
N LYS A 24 -1.97 -2.58 3.99
CA LYS A 24 -2.02 -1.12 4.03
C LYS A 24 -3.37 -0.64 4.56
N LYS A 25 -3.35 0.13 5.64
CA LYS A 25 -4.57 0.66 6.24
C LYS A 25 -5.02 1.92 5.52
N ASN A 26 -5.05 1.87 4.19
CA ASN A 26 -5.47 3.00 3.38
C ASN A 26 -4.81 4.29 3.87
N ARG A 27 -3.50 4.25 4.04
CA ARG A 27 -2.74 5.41 4.50
C ARG A 27 -1.48 5.60 3.67
N CYS A 28 -1.06 6.85 3.52
CA CYS A 28 0.13 7.18 2.75
C CYS A 28 1.31 6.30 3.17
N PHE A 29 2.21 6.03 2.23
CA PHE A 29 3.37 5.20 2.50
C PHE A 29 4.60 6.06 2.79
N MET A 30 4.40 7.38 2.83
CA MET A 30 5.49 8.31 3.10
C MET A 30 5.22 9.10 4.37
N CYS A 31 4.00 9.61 4.50
CA CYS A 31 3.63 10.39 5.67
C CYS A 31 2.71 9.59 6.59
N ARG A 32 2.11 8.53 6.05
CA ARG A 32 1.22 7.68 6.84
C ARG A 32 -0.05 8.43 7.20
N LYS A 33 -0.65 9.09 6.21
CA LYS A 33 -1.89 9.85 6.43
C LYS A 33 -3.08 9.12 5.83
N LYS A 34 -4.25 9.33 6.43
CA LYS A 34 -5.48 8.69 5.95
C LYS A 34 -5.84 9.19 4.56
N VAL A 35 -5.74 8.31 3.57
CA VAL A 35 -6.06 8.65 2.19
C VAL A 35 -7.40 8.07 1.77
N GLY A 36 -7.65 6.82 2.19
CA GLY A 36 -8.90 6.16 1.85
C GLY A 36 -9.20 6.23 0.36
N LEU A 37 -10.00 7.22 -0.03
CA LEU A 37 -10.37 7.39 -1.43
C LEU A 37 -9.38 8.29 -2.15
N THR A 38 -8.80 9.23 -1.42
CA THR A 38 -7.83 10.16 -1.98
C THR A 38 -6.44 9.54 -2.03
N GLY A 39 -6.39 8.22 -2.23
CA GLY A 39 -5.11 7.53 -2.29
C GLY A 39 -4.46 7.63 -3.66
N PHE A 40 -3.14 7.54 -3.68
CA PHE A 40 -2.39 7.63 -4.93
C PHE A 40 -1.45 6.44 -5.08
N ASP A 41 -1.64 5.67 -6.14
CA ASP A 41 -0.81 4.49 -6.40
C ASP A 41 0.35 4.86 -7.32
N CYS A 42 1.56 4.79 -6.80
CA CYS A 42 2.75 5.10 -7.58
C CYS A 42 3.23 3.88 -8.37
N ARG A 43 4.14 4.11 -9.31
CA ARG A 43 4.67 3.04 -10.13
C ARG A 43 5.53 2.08 -9.29
N CYS A 44 6.17 2.62 -8.27
CA CYS A 44 7.02 1.83 -7.39
C CYS A 44 6.18 0.83 -6.59
N GLY A 45 4.87 0.88 -6.77
CA GLY A 45 3.98 -0.01 -6.05
C GLY A 45 3.74 0.43 -4.62
N ASN A 46 3.46 1.72 -4.44
CA ASN A 46 3.20 2.26 -3.11
C ASN A 46 1.97 3.16 -3.11
N LEU A 47 1.51 3.53 -1.93
CA LEU A 47 0.34 4.39 -1.79
C LEU A 47 0.72 5.74 -1.19
N PHE A 48 0.19 6.81 -1.79
CA PHE A 48 0.48 8.16 -1.32
C PHE A 48 -0.81 8.97 -1.20
N CYS A 49 -0.77 9.99 -0.36
CA CYS A 49 -1.93 10.85 -0.15
C CYS A 49 -1.99 11.96 -1.21
N GLY A 50 -1.36 11.71 -2.35
CA GLY A 50 -1.34 12.69 -3.42
C GLY A 50 -0.33 13.79 -3.18
N LEU A 51 -0.05 14.08 -1.91
CA LEU A 51 0.90 15.11 -1.55
C LEU A 51 2.34 14.65 -1.80
N HIS A 52 2.54 13.33 -1.78
CA HIS A 52 3.86 12.75 -2.01
C HIS A 52 3.87 11.88 -3.25
N ARG A 53 2.70 11.72 -3.86
CA ARG A 53 2.56 10.91 -5.07
C ARG A 53 3.76 11.12 -5.99
N TYR A 54 4.10 12.38 -6.22
CA TYR A 54 5.23 12.71 -7.10
C TYR A 54 6.43 11.83 -6.80
N SER A 55 7.31 11.67 -7.78
CA SER A 55 8.51 10.86 -7.62
C SER A 55 9.60 11.62 -6.89
N ASP A 56 9.64 12.94 -7.10
CA ASP A 56 10.64 13.79 -6.46
C ASP A 56 10.13 14.31 -5.13
N LYS A 57 9.11 13.65 -4.59
CA LYS A 57 8.52 14.06 -3.32
C LYS A 57 8.80 13.02 -2.23
N HIS A 58 8.68 11.74 -2.58
CA HIS A 58 8.92 10.66 -1.65
C HIS A 58 10.16 9.86 -2.05
N ASN A 59 10.99 10.46 -2.89
CA ASN A 59 12.21 9.80 -3.35
C ASN A 59 11.89 8.47 -4.02
N CYS A 60 10.95 8.50 -4.96
CA CYS A 60 10.55 7.29 -5.67
C CYS A 60 11.77 6.59 -6.28
N PRO A 61 11.99 5.33 -5.88
CA PRO A 61 13.11 4.53 -6.38
C PRO A 61 12.94 4.14 -7.84
N TYR A 62 11.70 3.95 -8.26
CA TYR A 62 11.39 3.58 -9.64
C TYR A 62 12.20 4.42 -10.61
N ASP A 63 12.20 4.02 -11.88
CA ASP A 63 12.91 4.75 -12.92
C ASP A 63 12.05 4.92 -14.16
N TYR A 64 10.79 4.51 -14.06
CA TYR A 64 9.86 4.62 -15.18
C TYR A 64 10.19 5.84 -16.05
N LYS A 65 10.60 6.92 -15.41
CA LYS A 65 10.95 8.15 -16.12
C LYS A 65 11.88 7.85 -17.28
N ALA A 66 12.97 7.15 -17.01
CA ALA A 66 13.93 6.79 -18.04
C ALA A 66 13.39 5.70 -18.96
N GLU A 67 12.73 4.71 -18.37
CA GLU A 67 12.16 3.61 -19.13
C GLU A 67 11.39 4.13 -20.34
N ALA A 68 11.46 3.39 -21.44
CA ALA A 68 10.76 3.77 -22.66
C ALA A 68 10.45 2.56 -23.53
N SER A 69 9.34 2.62 -24.27
CA SER A 69 8.93 1.52 -25.13
C SER A 69 8.64 2.01 -26.54
N GLY A 70 9.67 2.03 -27.38
CA GLY A 70 9.50 2.49 -28.75
C GLY A 70 10.74 3.16 -29.29
N PRO A 71 10.56 4.07 -30.26
CA PRO A 71 11.66 4.80 -30.89
C PRO A 71 12.29 5.80 -29.94
N SER A 72 13.59 6.04 -30.12
CA SER A 72 14.31 6.98 -29.28
C SER A 72 13.88 8.42 -29.57
N SER A 73 13.85 9.24 -28.52
CA SER A 73 13.45 10.64 -28.66
C SER A 73 14.66 11.56 -28.63
N GLY A 74 15.02 12.09 -29.79
CA GLY A 74 16.16 12.99 -29.89
C GLY A 74 17.03 12.69 -31.08
ZN ZN B . 1.54 11.58 2.01
ZN ZN C . 7.01 5.83 -5.97
N GLY A 1 -32.51 5.57 -8.54
CA GLY A 1 -32.16 4.84 -7.34
C GLY A 1 -32.75 3.43 -7.33
N SER A 2 -31.98 2.48 -6.80
CA SER A 2 -32.42 1.10 -6.73
C SER A 2 -31.56 0.30 -5.76
N SER A 3 -31.98 -0.93 -5.47
CA SER A 3 -31.25 -1.80 -4.56
C SER A 3 -31.51 -3.27 -4.88
N GLY A 4 -30.81 -4.16 -4.17
CA GLY A 4 -30.98 -5.58 -4.39
C GLY A 4 -30.68 -6.39 -3.14
N SER A 5 -30.80 -7.71 -3.26
CA SER A 5 -30.56 -8.60 -2.13
C SER A 5 -30.63 -10.06 -2.58
N SER A 6 -30.01 -10.94 -1.79
CA SER A 6 -30.01 -12.37 -2.09
C SER A 6 -29.41 -13.17 -0.93
N GLY A 7 -30.00 -14.33 -0.67
CA GLY A 7 -29.53 -15.17 0.41
C GLY A 7 -29.17 -14.38 1.65
N PRO A 8 -28.40 -15.00 2.55
CA PRO A 8 -27.91 -16.37 2.37
C PRO A 8 -29.03 -17.39 2.47
N SER A 9 -28.68 -18.67 2.31
CA SER A 9 -29.66 -19.75 2.38
C SER A 9 -29.17 -20.86 3.30
N SER A 10 -28.04 -21.46 2.94
CA SER A 10 -27.47 -22.55 3.73
C SER A 10 -26.08 -22.93 3.21
N SER A 11 -25.23 -23.41 4.10
CA SER A 11 -23.87 -23.82 3.74
C SER A 11 -23.17 -24.48 4.91
N GLN A 12 -22.56 -25.63 4.66
CA GLN A 12 -21.85 -26.37 5.70
C GLN A 12 -20.34 -26.26 5.50
N SER A 13 -19.75 -25.21 6.05
CA SER A 13 -18.31 -24.98 5.93
C SER A 13 -17.85 -23.89 6.88
N GLU A 14 -17.14 -24.30 7.93
CA GLU A 14 -16.64 -23.35 8.93
C GLU A 14 -15.32 -22.75 8.48
N GLU A 15 -15.18 -22.53 7.17
CA GLU A 15 -13.96 -21.95 6.62
C GLU A 15 -13.82 -20.48 7.02
N LYS A 16 -13.16 -20.26 8.15
CA LYS A 16 -12.95 -18.90 8.65
C LYS A 16 -11.47 -18.51 8.58
N ALA A 17 -11.20 -17.35 8.00
CA ALA A 17 -9.83 -16.86 7.86
C ALA A 17 -9.80 -15.37 7.56
N PRO A 18 -8.67 -14.73 7.89
CA PRO A 18 -8.49 -13.29 7.66
C PRO A 18 -8.39 -12.94 6.18
N GLU A 19 -8.93 -11.78 5.81
CA GLU A 19 -8.90 -11.34 4.42
C GLU A 19 -7.47 -11.31 3.89
N LEU A 20 -7.33 -11.15 2.58
CA LEU A 20 -6.01 -11.12 1.94
C LEU A 20 -5.07 -10.19 2.71
N PRO A 21 -3.76 -10.43 2.55
CA PRO A 21 -2.73 -9.63 3.21
C PRO A 21 -2.64 -8.21 2.66
N LYS A 22 -2.92 -7.23 3.52
CA LYS A 22 -2.87 -5.83 3.11
C LYS A 22 -2.02 -5.02 4.08
N PRO A 23 -0.71 -4.90 3.77
CA PRO A 23 0.23 -4.14 4.60
C PRO A 23 -0.04 -2.63 4.55
N LYS A 24 -1.09 -2.25 3.84
CA LYS A 24 -1.44 -0.83 3.71
C LYS A 24 -2.92 -0.62 4.01
N LYS A 25 -3.19 -0.05 5.18
CA LYS A 25 -4.56 0.22 5.60
C LYS A 25 -5.08 1.51 4.96
N ASN A 26 -4.81 1.67 3.67
CA ASN A 26 -5.25 2.87 2.95
C ASN A 26 -4.60 4.13 3.52
N ARG A 27 -3.34 4.00 3.93
CA ARG A 27 -2.61 5.13 4.50
C ARG A 27 -1.35 5.42 3.68
N CYS A 28 -1.05 6.70 3.51
CA CYS A 28 0.12 7.11 2.75
C CYS A 28 1.33 6.26 3.12
N PHE A 29 2.26 6.11 2.17
CA PHE A 29 3.46 5.32 2.41
C PHE A 29 4.66 6.22 2.69
N MET A 30 4.41 7.52 2.73
CA MET A 30 5.46 8.50 3.00
C MET A 30 5.19 9.27 4.28
N CYS A 31 3.91 9.59 4.50
CA CYS A 31 3.51 10.33 5.70
C CYS A 31 2.64 9.47 6.61
N ARG A 32 2.10 8.38 6.04
CA ARG A 32 1.24 7.48 6.81
C ARG A 32 -0.03 8.18 7.27
N LYS A 33 -0.75 8.77 6.32
CA LYS A 33 -1.99 9.47 6.62
C LYS A 33 -3.17 8.86 5.87
N LYS A 34 -4.29 8.68 6.56
CA LYS A 34 -5.48 8.11 5.95
C LYS A 34 -5.83 8.83 4.65
N VAL A 35 -5.73 8.11 3.54
CA VAL A 35 -6.04 8.69 2.23
C VAL A 35 -7.40 8.21 1.73
N GLY A 36 -7.73 6.95 2.03
CA GLY A 36 -8.99 6.40 1.60
C GLY A 36 -9.20 6.52 0.11
N LEU A 37 -10.14 7.39 -0.29
CA LEU A 37 -10.44 7.60 -1.70
C LEU A 37 -9.40 8.51 -2.35
N THR A 38 -8.83 9.41 -1.55
CA THR A 38 -7.82 10.34 -2.04
C THR A 38 -6.44 9.70 -2.06
N GLY A 39 -6.41 8.38 -2.29
CA GLY A 39 -5.14 7.67 -2.33
C GLY A 39 -4.47 7.75 -3.68
N PHE A 40 -3.16 7.57 -3.70
CA PHE A 40 -2.40 7.63 -4.95
C PHE A 40 -1.47 6.42 -5.08
N ASP A 41 -1.66 5.65 -6.14
CA ASP A 41 -0.85 4.47 -6.38
C ASP A 41 0.31 4.78 -7.33
N CYS A 42 1.53 4.75 -6.81
CA CYS A 42 2.71 5.03 -7.61
C CYS A 42 3.17 3.79 -8.37
N ARG A 43 4.07 3.98 -9.32
CA ARG A 43 4.59 2.88 -10.13
C ARG A 43 5.46 1.95 -9.27
N CYS A 44 6.13 2.54 -8.27
CA CYS A 44 6.99 1.77 -7.39
C CYS A 44 6.19 0.82 -6.52
N GLY A 45 4.87 0.85 -6.70
CA GLY A 45 4.00 -0.03 -5.92
C GLY A 45 3.79 0.48 -4.50
N ASN A 46 3.50 1.77 -4.37
CA ASN A 46 3.28 2.38 -3.07
C ASN A 46 2.03 3.25 -3.08
N LEU A 47 1.57 3.65 -1.89
CA LEU A 47 0.39 4.49 -1.76
C LEU A 47 0.76 5.86 -1.20
N PHE A 48 0.19 6.91 -1.79
CA PHE A 48 0.45 8.27 -1.36
C PHE A 48 -0.84 9.09 -1.29
N CYS A 49 -0.86 10.07 -0.40
CA CYS A 49 -2.03 10.93 -0.23
C CYS A 49 -2.07 12.01 -1.31
N GLY A 50 -1.34 11.79 -2.39
CA GLY A 50 -1.31 12.75 -3.48
C GLY A 50 -0.31 13.86 -3.24
N LEU A 51 -0.06 14.18 -1.98
CA LEU A 51 0.89 15.22 -1.61
C LEU A 51 2.33 14.74 -1.78
N HIS A 52 2.51 13.43 -1.74
CA HIS A 52 3.83 12.84 -1.90
C HIS A 52 3.90 11.95 -3.13
N ARG A 53 2.75 11.74 -3.77
CA ARG A 53 2.67 10.91 -4.96
C ARG A 53 3.88 11.14 -5.86
N TYR A 54 4.15 12.40 -6.17
CA TYR A 54 5.27 12.76 -7.03
C TYR A 54 6.47 11.88 -6.73
N SER A 55 7.35 11.74 -7.73
CA SER A 55 8.55 10.92 -7.57
C SER A 55 9.63 11.68 -6.80
N ASP A 56 9.65 13.01 -6.98
CA ASP A 56 10.64 13.85 -6.29
C ASP A 56 10.09 14.35 -4.96
N LYS A 57 9.06 13.67 -4.46
CA LYS A 57 8.44 14.06 -3.19
C LYS A 57 8.64 12.96 -2.14
N HIS A 58 8.60 11.71 -2.58
CA HIS A 58 8.78 10.57 -1.68
C HIS A 58 10.00 9.76 -2.08
N ASN A 59 10.88 10.35 -2.89
CA ASN A 59 12.09 9.67 -3.34
C ASN A 59 11.75 8.35 -4.03
N CYS A 60 10.88 8.43 -5.04
CA CYS A 60 10.47 7.24 -5.78
C CYS A 60 11.69 6.52 -6.35
N PRO A 61 11.89 5.27 -5.92
CA PRO A 61 13.02 4.45 -6.38
C PRO A 61 12.86 4.01 -7.83
N TYR A 62 11.61 3.80 -8.25
CA TYR A 62 11.32 3.38 -9.62
C TYR A 62 12.12 4.21 -10.62
N ASP A 63 12.04 3.82 -11.88
CA ASP A 63 12.75 4.52 -12.94
C ASP A 63 11.84 4.74 -14.16
N TYR A 64 10.57 4.44 -13.99
CA TYR A 64 9.60 4.59 -15.07
C TYR A 64 9.91 5.82 -15.92
N LYS A 65 10.51 6.83 -15.29
CA LYS A 65 10.87 8.06 -15.99
C LYS A 65 11.91 7.78 -17.07
N ALA A 66 12.95 7.04 -16.70
CA ALA A 66 14.01 6.71 -17.65
C ALA A 66 14.15 5.20 -17.80
N GLU A 67 13.04 4.52 -18.05
CA GLU A 67 13.05 3.07 -18.21
C GLU A 67 12.87 2.69 -19.67
N ALA A 68 12.44 3.64 -20.49
CA ALA A 68 12.23 3.41 -21.91
C ALA A 68 13.22 4.22 -22.75
N SER A 69 14.31 3.57 -23.15
CA SER A 69 15.33 4.24 -23.96
C SER A 69 14.99 4.16 -25.44
N GLY A 70 14.83 2.93 -25.94
CA GLY A 70 14.50 2.74 -27.35
C GLY A 70 14.83 1.34 -27.83
N PRO A 71 16.10 1.12 -28.19
CA PRO A 71 16.58 -0.17 -28.68
C PRO A 71 16.60 -1.24 -27.58
N SER A 72 17.05 -2.44 -27.94
CA SER A 72 17.12 -3.54 -26.99
C SER A 72 18.41 -3.48 -26.18
N SER A 73 18.77 -2.28 -25.74
CA SER A 73 19.99 -2.09 -24.96
C SER A 73 19.69 -1.36 -23.65
N GLY A 74 19.42 -2.14 -22.61
CA GLY A 74 19.11 -1.56 -21.31
C GLY A 74 18.67 -2.61 -20.31
ZN ZN B . 1.36 11.59 2.16
ZN ZN C . 6.99 5.81 -6.12
N GLY A 1 -12.69 -35.22 59.50
CA GLY A 1 -13.48 -35.54 58.33
C GLY A 1 -14.34 -34.40 57.87
N SER A 2 -14.18 -33.98 56.62
CA SER A 2 -14.95 -32.88 56.06
C SER A 2 -14.75 -32.78 54.56
N SER A 3 -15.69 -32.13 53.88
CA SER A 3 -15.62 -31.96 52.44
C SER A 3 -15.76 -30.50 52.05
N GLY A 4 -14.84 -30.02 51.20
CA GLY A 4 -14.87 -28.64 50.76
C GLY A 4 -13.56 -28.19 50.16
N SER A 5 -12.97 -29.05 49.33
CA SER A 5 -11.70 -28.74 48.69
C SER A 5 -11.91 -28.38 47.22
N SER A 6 -12.19 -27.11 46.96
CA SER A 6 -12.41 -26.64 45.60
C SER A 6 -12.39 -25.11 45.53
N GLY A 7 -11.35 -24.57 44.92
CA GLY A 7 -11.23 -23.13 44.81
C GLY A 7 -9.85 -22.62 45.20
N PRO A 8 -9.56 -21.36 44.86
CA PRO A 8 -10.49 -20.49 44.14
C PRO A 8 -10.71 -20.94 42.71
N SER A 9 -11.68 -20.32 42.03
CA SER A 9 -12.00 -20.65 40.65
C SER A 9 -11.49 -19.57 39.70
N SER A 10 -10.60 -19.95 38.79
CA SER A 10 -10.04 -19.01 37.84
C SER A 10 -9.59 -19.73 36.57
N SER A 11 -9.37 -18.96 35.50
CA SER A 11 -8.94 -19.53 34.23
C SER A 11 -8.18 -18.50 33.41
N GLN A 12 -7.05 -18.92 32.85
CA GLN A 12 -6.21 -18.03 32.04
C GLN A 12 -5.53 -18.80 30.92
N SER A 13 -5.31 -18.13 29.79
CA SER A 13 -4.68 -18.75 28.64
C SER A 13 -4.06 -17.71 27.72
N GLU A 14 -2.77 -17.84 27.44
CA GLU A 14 -2.07 -16.91 26.57
C GLU A 14 -1.27 -17.64 25.50
N GLU A 15 -1.81 -17.66 24.28
CA GLU A 15 -1.15 -18.34 23.17
C GLU A 15 -1.66 -17.81 21.83
N LYS A 16 -0.74 -17.46 20.94
CA LYS A 16 -1.10 -16.95 19.63
C LYS A 16 0.12 -16.88 18.72
N ALA A 17 -0.10 -16.55 17.45
CA ALA A 17 0.97 -16.45 16.48
C ALA A 17 1.00 -15.08 15.82
N PRO A 18 2.17 -14.68 15.31
CA PRO A 18 2.36 -13.39 14.66
C PRO A 18 1.66 -13.33 13.31
N GLU A 19 0.66 -12.45 13.19
CA GLU A 19 -0.10 -12.30 11.96
C GLU A 19 -0.84 -10.96 11.93
N LEU A 20 -0.57 -10.16 10.91
CA LEU A 20 -1.21 -8.86 10.78
C LEU A 20 -1.52 -8.56 9.32
N PRO A 21 -2.55 -7.74 9.08
CA PRO A 21 -2.97 -7.34 7.73
C PRO A 21 -1.97 -6.42 7.06
N LYS A 22 -2.26 -6.04 5.82
CA LYS A 22 -1.38 -5.15 5.06
C LYS A 22 -0.86 -4.03 5.95
N PRO A 23 0.32 -3.49 5.59
CA PRO A 23 0.96 -2.40 6.33
C PRO A 23 0.21 -1.08 6.18
N LYS A 24 -0.06 -0.69 4.94
CA LYS A 24 -0.77 0.54 4.66
C LYS A 24 -1.93 0.30 3.70
N LYS A 25 -3.02 -0.24 4.23
CA LYS A 25 -4.20 -0.53 3.42
C LYS A 25 -4.68 0.73 2.70
N ASN A 26 -5.04 1.75 3.47
CA ASN A 26 -5.52 3.00 2.89
C ASN A 26 -4.82 4.19 3.54
N ARG A 27 -3.52 4.08 3.74
CA ARG A 27 -2.73 5.14 4.36
C ARG A 27 -1.46 5.42 3.56
N CYS A 28 -1.08 6.68 3.47
CA CYS A 28 0.11 7.08 2.74
C CYS A 28 1.30 6.21 3.13
N PHE A 29 2.23 6.04 2.20
CA PHE A 29 3.42 5.22 2.44
C PHE A 29 4.62 6.11 2.75
N MET A 30 4.40 7.41 2.78
CA MET A 30 5.47 8.37 3.07
C MET A 30 5.20 9.10 4.38
N CYS A 31 3.98 9.59 4.56
CA CYS A 31 3.60 10.30 5.77
C CYS A 31 2.71 9.44 6.65
N ARG A 32 2.11 8.41 6.06
CA ARG A 32 1.24 7.51 6.80
C ARG A 32 -0.02 8.24 7.25
N LYS A 33 -0.72 8.86 6.30
CA LYS A 33 -1.94 9.58 6.60
C LYS A 33 -3.14 8.94 5.91
N LYS A 34 -4.27 8.91 6.62
CA LYS A 34 -5.49 8.31 6.08
C LYS A 34 -5.88 8.98 4.76
N VAL A 35 -5.70 8.25 3.66
CA VAL A 35 -6.02 8.77 2.34
C VAL A 35 -7.37 8.26 1.87
N GLY A 36 -7.67 7.00 2.18
CA GLY A 36 -8.93 6.41 1.77
C GLY A 36 -9.18 6.52 0.29
N LEU A 37 -10.14 7.35 -0.09
CA LEU A 37 -10.48 7.54 -1.50
C LEU A 37 -9.49 8.49 -2.17
N THR A 38 -8.91 9.39 -1.38
CA THR A 38 -7.95 10.36 -1.90
C THR A 38 -6.55 9.78 -1.91
N GLY A 39 -6.46 8.48 -2.16
CA GLY A 39 -5.16 7.82 -2.21
C GLY A 39 -4.50 7.91 -3.56
N PHE A 40 -3.23 7.56 -3.63
CA PHE A 40 -2.48 7.61 -4.88
C PHE A 40 -1.53 6.42 -5.00
N ASP A 41 -1.68 5.67 -6.10
CA ASP A 41 -0.84 4.51 -6.34
C ASP A 41 0.32 4.85 -7.28
N CYS A 42 1.54 4.77 -6.75
CA CYS A 42 2.73 5.08 -7.54
C CYS A 42 3.19 3.85 -8.32
N ARG A 43 4.09 4.06 -9.28
CA ARG A 43 4.62 2.98 -10.09
C ARG A 43 5.51 2.06 -9.26
N CYS A 44 6.13 2.62 -8.23
CA CYS A 44 7.02 1.86 -7.35
C CYS A 44 6.22 0.87 -6.52
N GLY A 45 4.91 0.88 -6.69
CA GLY A 45 4.05 -0.03 -5.94
C GLY A 45 3.81 0.44 -4.51
N ASN A 46 3.49 1.73 -4.36
CA ASN A 46 3.24 2.30 -3.04
C ASN A 46 2.03 3.21 -3.06
N LEU A 47 1.56 3.61 -1.89
CA LEU A 47 0.40 4.48 -1.77
C LEU A 47 0.80 5.84 -1.23
N PHE A 48 0.19 6.89 -1.77
CA PHE A 48 0.49 8.26 -1.33
C PHE A 48 -0.79 9.08 -1.24
N CYS A 49 -0.78 10.09 -0.38
CA CYS A 49 -1.94 10.96 -0.20
C CYS A 49 -1.98 12.05 -1.27
N GLY A 50 -1.34 11.77 -2.41
CA GLY A 50 -1.32 12.73 -3.50
C GLY A 50 -0.29 13.82 -3.29
N LEU A 51 -0.05 14.18 -2.03
CA LEU A 51 0.92 15.21 -1.70
C LEU A 51 2.35 14.71 -1.91
N HIS A 52 2.52 13.40 -1.87
CA HIS A 52 3.83 12.79 -2.05
C HIS A 52 3.86 11.93 -3.31
N ARG A 53 2.69 11.67 -3.87
CA ARG A 53 2.58 10.85 -5.07
C ARG A 53 3.78 11.09 -5.99
N TYR A 54 4.09 12.36 -6.24
CA TYR A 54 5.22 12.72 -7.09
C TYR A 54 6.44 11.89 -6.76
N SER A 55 7.28 11.65 -7.76
CA SER A 55 8.49 10.85 -7.58
C SER A 55 9.55 11.66 -6.84
N ASP A 56 9.63 12.95 -7.16
CA ASP A 56 10.61 13.83 -6.53
C ASP A 56 10.07 14.39 -5.21
N LYS A 57 9.07 13.71 -4.66
CA LYS A 57 8.47 14.13 -3.40
C LYS A 57 8.72 13.11 -2.31
N HIS A 58 8.69 11.84 -2.66
CA HIS A 58 8.92 10.76 -1.71
C HIS A 58 10.15 9.93 -2.10
N ASN A 59 11.02 10.53 -2.91
CA ASN A 59 12.23 9.85 -3.36
C ASN A 59 11.89 8.51 -4.01
N CYS A 60 10.95 8.54 -4.95
CA CYS A 60 10.53 7.33 -5.65
C CYS A 60 11.73 6.61 -6.27
N PRO A 61 11.94 5.35 -5.86
CA PRO A 61 13.05 4.53 -6.35
C PRO A 61 12.88 4.14 -7.82
N TYR A 62 11.63 3.96 -8.24
CA TYR A 62 11.32 3.59 -9.60
C TYR A 62 12.15 4.40 -10.59
N ASP A 63 12.15 3.98 -11.86
CA ASP A 63 12.90 4.67 -12.90
C ASP A 63 12.06 4.84 -14.15
N TYR A 64 10.76 4.58 -14.02
CA TYR A 64 9.84 4.71 -15.15
C TYR A 64 10.18 5.93 -16.01
N LYS A 65 10.71 6.96 -15.36
CA LYS A 65 11.08 8.19 -16.05
C LYS A 65 12.13 7.91 -17.11
N ALA A 66 13.14 7.11 -16.76
CA ALA A 66 14.21 6.78 -17.68
C ALA A 66 13.99 5.40 -18.29
N GLU A 67 12.74 5.09 -18.61
CA GLU A 67 12.39 3.80 -19.21
C GLU A 67 11.58 3.98 -20.48
N ALA A 68 10.47 4.71 -20.37
CA ALA A 68 9.60 4.96 -21.52
C ALA A 68 8.67 6.14 -21.25
N SER A 69 8.35 6.88 -22.31
CA SER A 69 7.47 8.04 -22.18
C SER A 69 7.89 8.91 -21.01
N GLY A 70 9.17 9.22 -20.94
CA GLY A 70 9.68 10.05 -19.86
C GLY A 70 10.52 11.21 -20.35
N PRO A 71 9.88 12.14 -21.08
CA PRO A 71 10.55 13.31 -21.63
C PRO A 71 10.97 14.30 -20.55
N SER A 72 11.59 15.40 -20.96
CA SER A 72 12.05 16.42 -20.03
C SER A 72 11.11 17.63 -20.06
N SER A 73 10.15 17.64 -19.15
CA SER A 73 9.19 18.74 -19.07
C SER A 73 9.80 19.96 -18.37
N GLY A 74 9.43 21.15 -18.83
CA GLY A 74 9.96 22.36 -18.24
C GLY A 74 9.20 22.77 -17.00
ZN ZN B . 1.48 11.54 2.20
ZN ZN C . 6.98 5.88 -5.98
N GLY A 1 -58.83 5.12 46.13
CA GLY A 1 -57.85 5.27 45.07
C GLY A 1 -57.14 3.97 44.75
N SER A 2 -56.75 3.79 43.50
CA SER A 2 -56.06 2.58 43.07
C SER A 2 -55.19 2.86 41.84
N SER A 3 -54.07 2.14 41.74
CA SER A 3 -53.16 2.32 40.63
C SER A 3 -52.05 1.26 40.66
N GLY A 4 -51.28 1.18 39.58
CA GLY A 4 -50.21 0.21 39.50
C GLY A 4 -49.15 0.59 38.48
N SER A 5 -47.89 0.58 38.89
CA SER A 5 -46.79 0.92 38.00
C SER A 5 -45.87 -0.27 37.79
N SER A 6 -45.51 -0.53 36.54
CA SER A 6 -44.64 -1.64 36.20
C SER A 6 -43.83 -1.34 34.95
N GLY A 7 -42.94 -2.26 34.58
CA GLY A 7 -42.12 -2.07 33.40
C GLY A 7 -42.85 -2.45 32.12
N PRO A 8 -42.36 -3.49 31.44
CA PRO A 8 -41.18 -4.24 31.88
C PRO A 8 -39.89 -3.44 31.76
N SER A 9 -38.78 -4.05 32.13
CA SER A 9 -37.48 -3.38 32.06
C SER A 9 -36.47 -4.23 31.29
N SER A 10 -35.60 -3.57 30.55
CA SER A 10 -34.58 -4.26 29.77
C SER A 10 -33.59 -3.28 29.18
N SER A 11 -32.31 -3.66 29.15
CA SER A 11 -31.26 -2.81 28.61
C SER A 11 -30.85 -3.27 27.21
N GLN A 12 -30.01 -2.47 26.56
CA GLN A 12 -29.55 -2.80 25.21
C GLN A 12 -28.22 -2.11 24.92
N SER A 13 -27.22 -2.90 24.55
CA SER A 13 -25.89 -2.37 24.24
C SER A 13 -25.37 -2.94 22.92
N GLU A 14 -24.24 -2.41 22.46
CA GLU A 14 -23.63 -2.87 21.23
C GLU A 14 -22.18 -3.30 21.45
N GLU A 15 -21.70 -4.24 20.64
CA GLU A 15 -20.34 -4.73 20.76
C GLU A 15 -19.61 -4.63 19.42
N LYS A 16 -19.16 -3.43 19.08
CA LYS A 16 -18.44 -3.21 17.84
C LYS A 16 -17.24 -4.14 17.72
N ALA A 17 -16.86 -4.45 16.48
CA ALA A 17 -15.72 -5.33 16.23
C ALA A 17 -15.12 -5.06 14.85
N PRO A 18 -13.79 -5.19 14.75
CA PRO A 18 -13.06 -4.97 13.50
C PRO A 18 -13.34 -6.07 12.47
N GLU A 19 -12.91 -5.83 11.24
CA GLU A 19 -13.12 -6.78 10.16
C GLU A 19 -11.80 -7.41 9.72
N LEU A 20 -11.87 -8.35 8.79
CA LEU A 20 -10.69 -9.02 8.28
C LEU A 20 -9.53 -8.05 8.15
N PRO A 21 -8.30 -8.58 8.25
CA PRO A 21 -7.08 -7.77 8.14
C PRO A 21 -6.85 -7.25 6.72
N LYS A 22 -6.10 -6.16 6.60
CA LYS A 22 -5.80 -5.57 5.31
C LYS A 22 -4.31 -5.30 5.16
N PRO A 23 -3.81 -5.38 3.92
CA PRO A 23 -2.40 -5.15 3.61
C PRO A 23 -2.01 -3.67 3.79
N LYS A 24 -2.94 -2.78 3.50
CA LYS A 24 -2.70 -1.35 3.62
C LYS A 24 -3.95 -0.62 4.11
N LYS A 25 -3.82 0.07 5.23
CA LYS A 25 -4.94 0.80 5.81
C LYS A 25 -5.14 2.13 5.09
N ASN A 26 -5.31 2.06 3.77
CA ASN A 26 -5.51 3.25 2.96
C ASN A 26 -4.77 4.44 3.54
N ARG A 27 -3.51 4.21 3.93
CA ARG A 27 -2.69 5.27 4.51
C ARG A 27 -1.43 5.50 3.67
N CYS A 28 -1.05 6.76 3.52
CA CYS A 28 0.13 7.11 2.74
C CYS A 28 1.32 6.24 3.13
N PHE A 29 2.23 6.06 2.19
CA PHE A 29 3.42 5.24 2.43
C PHE A 29 4.64 6.12 2.70
N MET A 30 4.42 7.43 2.74
CA MET A 30 5.49 8.38 2.99
C MET A 30 5.24 9.16 4.28
N CYS A 31 4.01 9.62 4.46
CA CYS A 31 3.64 10.37 5.65
C CYS A 31 2.70 9.56 6.54
N ARG A 32 2.13 8.50 5.98
CA ARG A 32 1.21 7.64 6.72
C ARG A 32 -0.04 8.42 7.14
N LYS A 33 -0.71 9.02 6.16
CA LYS A 33 -1.92 9.79 6.41
C LYS A 33 -3.13 9.11 5.79
N LYS A 34 -4.26 9.16 6.50
CA LYS A 34 -5.50 8.56 6.02
C LYS A 34 -5.87 9.12 4.65
N VAL A 35 -5.73 8.30 3.62
CA VAL A 35 -6.07 8.72 2.26
C VAL A 35 -7.42 8.17 1.83
N GLY A 36 -7.80 7.04 2.42
CA GLY A 36 -9.07 6.42 2.09
C GLY A 36 -9.34 6.40 0.60
N LEU A 37 -10.01 7.44 0.11
CA LEU A 37 -10.33 7.54 -1.32
C LEU A 37 -9.33 8.45 -2.03
N THR A 38 -8.76 9.39 -1.29
CA THR A 38 -7.78 10.32 -1.86
C THR A 38 -6.39 9.69 -1.91
N GLY A 39 -6.35 8.39 -2.19
CA GLY A 39 -5.07 7.69 -2.26
C GLY A 39 -4.42 7.84 -3.62
N PHE A 40 -3.12 7.53 -3.68
CA PHE A 40 -2.37 7.62 -4.93
C PHE A 40 -1.42 6.44 -5.08
N ASP A 41 -1.65 5.63 -6.10
CA ASP A 41 -0.82 4.46 -6.36
C ASP A 41 0.34 4.82 -7.30
N CYS A 42 1.55 4.77 -6.78
CA CYS A 42 2.74 5.08 -7.57
C CYS A 42 3.23 3.85 -8.35
N ARG A 43 4.12 4.08 -9.30
CA ARG A 43 4.66 3.00 -10.12
C ARG A 43 5.50 2.06 -9.27
N CYS A 44 6.17 2.60 -8.27
CA CYS A 44 7.02 1.82 -7.38
C CYS A 44 6.19 0.82 -6.59
N GLY A 45 4.87 0.90 -6.73
CA GLY A 45 3.99 0.00 -6.02
C GLY A 45 3.73 0.44 -4.59
N ASN A 46 3.47 1.73 -4.41
CA ASN A 46 3.21 2.27 -3.08
C ASN A 46 1.97 3.17 -3.10
N LEU A 47 1.52 3.54 -1.91
CA LEU A 47 0.34 4.40 -1.78
C LEU A 47 0.72 5.77 -1.22
N PHE A 48 0.18 6.82 -1.81
CA PHE A 48 0.46 8.18 -1.37
C PHE A 48 -0.83 9.00 -1.27
N CYS A 49 -0.83 9.99 -0.39
CA CYS A 49 -2.00 10.85 -0.20
C CYS A 49 -2.03 11.96 -1.24
N GLY A 50 -1.36 11.74 -2.36
CA GLY A 50 -1.32 12.73 -3.42
C GLY A 50 -0.31 13.82 -3.15
N LEU A 51 -0.06 14.10 -1.88
CA LEU A 51 0.89 15.13 -1.49
C LEU A 51 2.32 14.68 -1.74
N HIS A 52 2.54 13.38 -1.74
CA HIS A 52 3.85 12.81 -1.97
C HIS A 52 3.87 11.95 -3.23
N ARG A 53 2.69 11.75 -3.82
CA ARG A 53 2.57 10.94 -5.03
C ARG A 53 3.76 11.14 -5.95
N TYR A 54 4.12 12.40 -6.18
CA TYR A 54 5.24 12.73 -7.05
C TYR A 54 6.43 11.82 -6.76
N SER A 55 7.36 11.74 -7.72
CA SER A 55 8.54 10.91 -7.57
C SER A 55 9.64 11.63 -6.79
N ASP A 56 9.71 12.95 -6.98
CA ASP A 56 10.70 13.77 -6.30
C ASP A 56 10.16 14.28 -4.97
N LYS A 57 9.11 13.63 -4.48
CA LYS A 57 8.49 14.03 -3.21
C LYS A 57 8.75 12.97 -2.13
N HIS A 58 8.68 11.70 -2.52
CA HIS A 58 8.90 10.60 -1.59
C HIS A 58 10.13 9.79 -1.99
N ASN A 59 10.99 10.40 -2.81
CA ASN A 59 12.21 9.73 -3.28
C ASN A 59 11.88 8.42 -3.96
N CYS A 60 10.95 8.46 -4.91
CA CYS A 60 10.55 7.27 -5.65
C CYS A 60 11.76 6.56 -6.24
N PRO A 61 11.97 5.30 -5.83
CA PRO A 61 13.10 4.49 -6.31
C PRO A 61 12.93 4.08 -7.76
N TYR A 62 11.69 3.91 -8.19
CA TYR A 62 11.39 3.52 -9.57
C TYR A 62 12.24 4.32 -10.56
N ASP A 63 12.18 3.94 -11.82
CA ASP A 63 12.95 4.61 -12.86
C ASP A 63 12.08 4.88 -14.09
N TYR A 64 10.83 4.45 -14.02
CA TYR A 64 9.89 4.64 -15.12
C TYR A 64 10.14 5.96 -15.84
N LYS A 65 10.36 7.01 -15.05
CA LYS A 65 10.62 8.34 -15.61
C LYS A 65 11.34 8.23 -16.95
N ALA A 66 12.31 7.33 -17.03
CA ALA A 66 13.07 7.14 -18.26
C ALA A 66 13.17 5.66 -18.61
N GLU A 67 13.64 4.86 -17.67
CA GLU A 67 13.78 3.42 -17.88
C GLU A 67 14.10 3.12 -19.34
N ALA A 68 15.00 3.91 -19.92
CA ALA A 68 15.39 3.72 -21.31
C ALA A 68 15.55 2.25 -21.65
N SER A 69 16.28 1.52 -20.82
CA SER A 69 16.51 0.10 -21.02
C SER A 69 15.49 -0.73 -20.25
N GLY A 70 14.92 -1.72 -20.93
CA GLY A 70 13.93 -2.58 -20.29
C GLY A 70 12.53 -2.01 -20.38
N PRO A 71 11.77 -2.46 -21.39
CA PRO A 71 10.40 -2.01 -21.61
C PRO A 71 9.44 -2.52 -20.54
N SER A 72 9.93 -3.43 -19.71
CA SER A 72 9.11 -4.01 -18.64
C SER A 72 9.85 -3.95 -17.30
N SER A 73 11.07 -4.46 -17.29
CA SER A 73 11.88 -4.47 -16.07
C SER A 73 13.28 -3.94 -16.36
N GLY A 74 13.57 -2.74 -15.84
CA GLY A 74 14.87 -2.15 -16.04
C GLY A 74 16.01 -3.05 -15.60
ZN ZN B . 1.44 11.57 2.09
ZN ZN C . 7.00 5.84 -6.02
N GLY A 1 -46.61 33.75 23.51
CA GLY A 1 -45.67 32.99 22.70
C GLY A 1 -45.63 31.52 23.09
N SER A 2 -45.20 30.68 22.16
CA SER A 2 -45.14 29.24 22.39
C SER A 2 -44.07 28.59 21.51
N SER A 3 -43.84 27.30 21.74
CA SER A 3 -42.83 26.56 20.96
C SER A 3 -42.97 25.06 21.20
N GLY A 4 -42.37 24.28 20.32
CA GLY A 4 -42.44 22.83 20.44
C GLY A 4 -41.14 22.16 20.03
N SER A 5 -40.89 20.98 20.58
CA SER A 5 -39.67 20.24 20.28
C SER A 5 -39.74 18.82 20.86
N SER A 6 -39.65 17.83 19.99
CA SER A 6 -39.70 16.43 20.42
C SER A 6 -39.17 15.51 19.32
N GLY A 7 -38.51 14.42 19.73
CA GLY A 7 -37.97 13.48 18.78
C GLY A 7 -39.04 12.60 18.16
N PRO A 8 -38.97 11.29 18.44
CA PRO A 8 -37.93 10.72 19.30
C PRO A 8 -36.56 10.75 18.65
N SER A 9 -35.55 10.27 19.37
CA SER A 9 -34.18 10.25 18.86
C SER A 9 -33.38 9.13 19.53
N SER A 10 -33.07 8.09 18.75
CA SER A 10 -32.31 6.95 19.27
C SER A 10 -31.87 6.03 18.13
N SER A 11 -30.58 5.70 18.11
CA SER A 11 -30.04 4.84 17.07
C SER A 11 -28.77 4.14 17.56
N GLN A 12 -28.61 2.88 17.20
CA GLN A 12 -27.44 2.10 17.60
C GLN A 12 -27.14 1.02 16.57
N SER A 13 -26.09 1.22 15.77
CA SER A 13 -25.69 0.27 14.75
C SER A 13 -24.27 0.53 14.28
N GLU A 14 -23.53 -0.53 13.99
CA GLU A 14 -22.17 -0.41 13.52
C GLU A 14 -21.60 -1.78 13.14
N GLU A 15 -20.98 -1.85 11.97
CA GLU A 15 -20.39 -3.09 11.49
C GLU A 15 -19.24 -2.82 10.53
N LYS A 16 -18.08 -3.39 10.82
CA LYS A 16 -16.90 -3.20 9.99
C LYS A 16 -16.84 -4.26 8.89
N ALA A 17 -16.36 -3.86 7.72
CA ALA A 17 -16.25 -4.77 6.58
C ALA A 17 -14.80 -5.14 6.31
N PRO A 18 -14.55 -6.43 6.04
CA PRO A 18 -13.21 -6.95 5.77
C PRO A 18 -12.67 -6.47 4.42
N GLU A 19 -11.37 -6.66 4.21
CA GLU A 19 -10.73 -6.25 2.97
C GLU A 19 -9.52 -7.11 2.66
N LEU A 20 -9.37 -7.48 1.39
CA LEU A 20 -8.25 -8.31 0.96
C LEU A 20 -6.95 -7.87 1.64
N PRO A 21 -6.01 -8.80 1.77
CA PRO A 21 -4.71 -8.54 2.39
C PRO A 21 -3.83 -7.64 1.53
N LYS A 22 -3.65 -6.40 1.97
CA LYS A 22 -2.83 -5.44 1.24
C LYS A 22 -1.54 -5.13 2.01
N PRO A 23 -0.43 -4.99 1.26
CA PRO A 23 0.87 -4.68 1.84
C PRO A 23 0.95 -3.28 2.41
N LYS A 24 -0.02 -2.45 2.05
CA LYS A 24 -0.07 -1.06 2.52
C LYS A 24 -1.50 -0.64 2.81
N LYS A 25 -1.82 -0.45 4.09
CA LYS A 25 -3.15 -0.05 4.50
C LYS A 25 -3.61 1.18 3.72
N ASN A 26 -4.81 1.66 4.03
CA ASN A 26 -5.36 2.83 3.35
C ASN A 26 -4.73 4.12 3.87
N ARG A 27 -3.40 4.12 3.96
CA ARG A 27 -2.67 5.28 4.45
C ARG A 27 -1.41 5.52 3.61
N CYS A 28 -1.02 6.79 3.49
CA CYS A 28 0.16 7.15 2.72
C CYS A 28 1.36 6.29 3.13
N PHE A 29 2.28 6.10 2.19
CA PHE A 29 3.47 5.30 2.44
C PHE A 29 4.67 6.19 2.71
N MET A 30 4.43 7.50 2.76
CA MET A 30 5.50 8.46 3.01
C MET A 30 5.22 9.26 4.28
N CYS A 31 3.96 9.65 4.46
CA CYS A 31 3.56 10.43 5.63
C CYS A 31 2.64 9.61 6.54
N ARG A 32 2.09 8.52 5.99
CA ARG A 32 1.21 7.65 6.75
C ARG A 32 -0.07 8.41 7.16
N LYS A 33 -0.75 8.98 6.17
CA LYS A 33 -1.98 9.72 6.42
C LYS A 33 -3.17 9.03 5.76
N LYS A 34 -4.30 9.02 6.46
CA LYS A 34 -5.51 8.39 5.95
C LYS A 34 -5.88 8.98 4.59
N VAL A 35 -5.76 8.18 3.54
CA VAL A 35 -6.08 8.62 2.19
C VAL A 35 -7.42 8.04 1.73
N GLY A 36 -7.62 6.75 2.00
CA GLY A 36 -8.86 6.10 1.61
C GLY A 36 -9.13 6.22 0.13
N LEU A 37 -10.02 7.13 -0.24
CA LEU A 37 -10.37 7.34 -1.64
C LEU A 37 -9.37 8.29 -2.31
N THR A 38 -8.82 9.21 -1.53
CA THR A 38 -7.85 10.17 -2.05
C THR A 38 -6.45 9.58 -2.08
N GLY A 39 -6.37 8.28 -2.30
CA GLY A 39 -5.07 7.61 -2.35
C GLY A 39 -4.40 7.75 -3.69
N PHE A 40 -3.09 7.56 -3.72
CA PHE A 40 -2.32 7.66 -4.95
C PHE A 40 -1.36 6.48 -5.10
N ASP A 41 -1.66 5.61 -6.05
CA ASP A 41 -0.82 4.43 -6.31
C ASP A 41 0.28 4.76 -7.31
N CYS A 42 1.52 4.73 -6.83
CA CYS A 42 2.67 5.01 -7.68
C CYS A 42 3.14 3.75 -8.40
N ARG A 43 3.99 3.93 -9.41
CA ARG A 43 4.51 2.82 -10.19
C ARG A 43 5.40 1.93 -9.32
N CYS A 44 6.11 2.54 -8.38
CA CYS A 44 7.00 1.81 -7.49
C CYS A 44 6.22 0.80 -6.65
N GLY A 45 4.89 0.87 -6.74
CA GLY A 45 4.06 -0.05 -5.97
C GLY A 45 3.82 0.43 -4.56
N ASN A 46 3.56 1.73 -4.40
CA ASN A 46 3.31 2.30 -3.09
C ASN A 46 2.06 3.18 -3.11
N LEU A 47 1.60 3.57 -1.92
CA LEU A 47 0.42 4.41 -1.79
C LEU A 47 0.77 5.78 -1.24
N PHE A 48 0.22 6.83 -1.84
CA PHE A 48 0.49 8.20 -1.39
C PHE A 48 -0.82 8.99 -1.30
N CYS A 49 -0.83 9.98 -0.41
CA CYS A 49 -2.01 10.81 -0.20
C CYS A 49 -2.07 11.94 -1.24
N GLY A 50 -1.35 11.74 -2.35
CA GLY A 50 -1.33 12.75 -3.40
C GLY A 50 -0.35 13.86 -3.11
N LEU A 51 -0.11 14.12 -1.83
CA LEU A 51 0.81 15.17 -1.41
C LEU A 51 2.26 14.75 -1.65
N HIS A 52 2.49 13.44 -1.66
CA HIS A 52 3.84 12.91 -1.87
C HIS A 52 3.87 12.03 -3.13
N ARG A 53 2.72 11.84 -3.75
CA ARG A 53 2.62 11.02 -4.95
C ARG A 53 3.83 11.25 -5.85
N TYR A 54 4.15 12.52 -6.10
CA TYR A 54 5.29 12.86 -6.95
C TYR A 54 6.47 11.94 -6.69
N SER A 55 7.31 11.75 -7.71
CA SER A 55 8.48 10.89 -7.59
C SER A 55 9.60 11.59 -6.83
N ASP A 56 9.64 12.91 -6.93
CA ASP A 56 10.65 13.71 -6.25
C ASP A 56 10.14 14.21 -4.90
N LYS A 57 9.10 13.56 -4.39
CA LYS A 57 8.51 13.94 -3.11
C LYS A 57 8.68 12.83 -2.09
N HIS A 58 8.70 11.59 -2.56
CA HIS A 58 8.84 10.43 -1.69
C HIS A 58 10.05 9.61 -2.08
N ASN A 59 10.96 10.21 -2.85
CA ASN A 59 12.17 9.53 -3.29
C ASN A 59 11.82 8.23 -4.01
N CYS A 60 10.96 8.32 -5.02
CA CYS A 60 10.53 7.16 -5.78
C CYS A 60 11.74 6.40 -6.32
N PRO A 61 11.89 5.15 -5.86
CA PRO A 61 13.00 4.28 -6.27
C PRO A 61 12.88 3.84 -7.72
N TYR A 62 11.65 3.79 -8.23
CA TYR A 62 11.41 3.38 -9.60
C TYR A 62 12.34 4.11 -10.56
N ASP A 63 12.23 3.78 -11.84
CA ASP A 63 13.06 4.41 -12.87
C ASP A 63 12.20 5.01 -13.97
N TYR A 64 10.95 4.58 -14.05
CA TYR A 64 10.03 5.07 -15.06
C TYR A 64 10.26 6.56 -15.32
N LYS A 65 10.68 7.28 -14.29
CA LYS A 65 10.94 8.71 -14.40
C LYS A 65 11.59 9.05 -15.73
N ALA A 66 12.54 8.21 -16.15
CA ALA A 66 13.23 8.41 -17.42
C ALA A 66 12.51 7.70 -18.56
N GLU A 67 12.01 6.51 -18.29
CA GLU A 67 11.30 5.73 -19.30
C GLU A 67 10.17 6.54 -19.92
N ALA A 68 10.47 7.23 -21.03
CA ALA A 68 9.49 8.05 -21.71
C ALA A 68 9.95 8.37 -23.14
N SER A 69 9.11 8.04 -24.11
CA SER A 69 9.43 8.29 -25.51
C SER A 69 10.89 8.01 -25.79
N GLY A 70 11.41 6.93 -25.22
CA GLY A 70 12.80 6.56 -25.42
C GLY A 70 13.57 6.46 -24.12
N PRO A 71 14.39 5.41 -23.99
CA PRO A 71 15.19 5.18 -22.79
C PRO A 71 16.31 6.20 -22.63
N SER A 72 16.87 6.64 -23.75
CA SER A 72 17.95 7.62 -23.74
C SER A 72 17.83 8.58 -24.92
N SER A 73 18.03 9.87 -24.65
CA SER A 73 17.94 10.89 -25.68
C SER A 73 19.30 11.14 -26.32
N GLY A 74 20.05 10.07 -26.57
CA GLY A 74 21.36 10.20 -27.17
C GLY A 74 22.44 9.52 -26.35
ZN ZN B . 1.42 11.59 1.99
ZN ZN C . 6.99 5.90 -6.32
N GLY A 1 37.88 -11.25 41.59
CA GLY A 1 38.84 -11.62 42.60
C GLY A 1 39.18 -10.49 43.54
N SER A 2 38.16 -9.75 43.97
CA SER A 2 38.36 -8.62 44.87
C SER A 2 37.03 -8.12 45.42
N SER A 3 37.04 -7.65 46.66
CA SER A 3 35.83 -7.15 47.30
C SER A 3 35.19 -6.04 46.47
N GLY A 4 33.87 -5.92 46.57
CA GLY A 4 33.15 -4.91 45.82
C GLY A 4 31.83 -4.55 46.45
N SER A 5 31.53 -3.26 46.50
CA SER A 5 30.28 -2.78 47.08
C SER A 5 29.79 -1.52 46.37
N SER A 6 28.66 -1.61 45.70
CA SER A 6 28.09 -0.48 44.99
C SER A 6 26.57 -0.48 45.07
N GLY A 7 25.95 0.59 44.59
CA GLY A 7 24.50 0.69 44.62
C GLY A 7 23.98 1.20 45.94
N PRO A 8 22.67 1.00 46.18
CA PRO A 8 21.78 0.32 45.23
C PRO A 8 21.52 1.18 43.99
N SER A 9 21.61 0.54 42.82
CA SER A 9 21.38 1.24 41.56
C SER A 9 20.65 0.35 40.57
N SER A 10 20.16 0.95 39.49
CA SER A 10 19.43 0.22 38.46
C SER A 10 19.78 0.73 37.07
N SER A 11 19.80 -0.18 36.10
CA SER A 11 20.12 0.19 34.72
C SER A 11 18.96 -0.15 33.80
N GLN A 12 18.30 0.88 33.28
CA GLN A 12 17.18 0.70 32.37
C GLN A 12 17.16 1.78 31.30
N SER A 13 17.11 1.35 30.04
CA SER A 13 17.09 2.28 28.92
C SER A 13 16.35 1.68 27.72
N GLU A 14 15.54 2.49 27.06
CA GLU A 14 14.77 2.04 25.90
C GLU A 14 14.44 3.21 24.99
N GLU A 15 14.86 3.10 23.72
CA GLU A 15 14.61 4.15 22.74
C GLU A 15 13.82 3.60 21.56
N LYS A 16 12.84 2.75 21.84
CA LYS A 16 12.02 2.15 20.80
C LYS A 16 10.60 1.91 21.30
N ALA A 17 9.76 1.34 20.45
CA ALA A 17 8.38 1.05 20.81
C ALA A 17 7.83 -0.11 19.99
N PRO A 18 6.96 -0.93 20.60
CA PRO A 18 6.35 -2.08 19.95
C PRO A 18 5.34 -1.66 18.87
N GLU A 19 5.71 -1.86 17.61
CA GLU A 19 4.84 -1.51 16.50
C GLU A 19 4.78 -2.63 15.47
N LEU A 20 3.67 -2.71 14.76
CA LEU A 20 3.48 -3.75 13.75
C LEU A 20 3.46 -3.15 12.35
N PRO A 21 3.86 -3.95 11.35
CA PRO A 21 3.89 -3.51 9.95
C PRO A 21 2.50 -3.32 9.37
N LYS A 22 2.21 -2.11 8.91
CA LYS A 22 0.91 -1.80 8.33
C LYS A 22 0.97 -1.86 6.81
N PRO A 23 0.06 -2.63 6.22
CA PRO A 23 -0.02 -2.80 4.75
C PRO A 23 -0.51 -1.53 4.06
N LYS A 24 -0.38 -0.40 4.75
CA LYS A 24 -0.81 0.88 4.20
C LYS A 24 -2.06 0.70 3.33
N LYS A 25 -2.97 -0.15 3.78
CA LYS A 25 -4.21 -0.40 3.05
C LYS A 25 -4.76 0.90 2.46
N ASN A 26 -5.03 1.87 3.31
CA ASN A 26 -5.56 3.15 2.87
C ASN A 26 -4.83 4.32 3.55
N ARG A 27 -3.54 4.13 3.79
CA ARG A 27 -2.73 5.15 4.43
C ARG A 27 -1.45 5.41 3.65
N CYS A 28 -1.10 6.69 3.51
CA CYS A 28 0.11 7.08 2.77
C CYS A 28 1.30 6.20 3.17
N PHE A 29 2.23 6.03 2.24
CA PHE A 29 3.41 5.22 2.50
C PHE A 29 4.62 6.10 2.81
N MET A 30 4.40 7.41 2.85
CA MET A 30 5.46 8.36 3.13
C MET A 30 5.19 9.09 4.44
N CYS A 31 3.97 9.57 4.61
CA CYS A 31 3.58 10.29 5.83
C CYS A 31 2.67 9.44 6.69
N ARG A 32 2.08 8.40 6.10
CA ARG A 32 1.20 7.51 6.83
C ARG A 32 -0.05 8.25 7.29
N LYS A 33 -0.75 8.87 6.35
CA LYS A 33 -1.97 9.62 6.66
C LYS A 33 -3.17 9.01 5.95
N LYS A 34 -4.30 8.94 6.66
CA LYS A 34 -5.52 8.39 6.10
C LYS A 34 -5.86 9.06 4.76
N VAL A 35 -5.71 8.31 3.68
CA VAL A 35 -6.01 8.82 2.34
C VAL A 35 -7.36 8.32 1.85
N GLY A 36 -7.65 7.05 2.11
CA GLY A 36 -8.91 6.47 1.68
C GLY A 36 -9.06 6.46 0.18
N LEU A 37 -9.91 7.33 -0.35
CA LEU A 37 -10.14 7.40 -1.79
C LEU A 37 -9.13 8.32 -2.45
N THR A 38 -8.73 9.37 -1.74
CA THR A 38 -7.76 10.33 -2.26
C THR A 38 -6.38 9.70 -2.41
N GLY A 39 -6.28 8.42 -2.04
CA GLY A 39 -5.01 7.72 -2.13
C GLY A 39 -4.39 7.84 -3.51
N PHE A 40 -3.10 7.54 -3.60
CA PHE A 40 -2.39 7.62 -4.86
C PHE A 40 -1.44 6.42 -5.03
N ASP A 41 -1.70 5.62 -6.06
CA ASP A 41 -0.88 4.44 -6.34
C ASP A 41 0.25 4.77 -7.31
N CYS A 42 1.48 4.76 -6.80
CA CYS A 42 2.65 5.06 -7.61
C CYS A 42 3.12 3.82 -8.37
N ARG A 43 4.00 4.03 -9.34
CA ARG A 43 4.53 2.93 -10.14
C ARG A 43 5.43 2.03 -9.29
N CYS A 44 6.13 2.63 -8.34
CA CYS A 44 7.03 1.89 -7.46
C CYS A 44 6.26 0.87 -6.63
N GLY A 45 4.93 0.93 -6.71
CA GLY A 45 4.10 0.00 -5.96
C GLY A 45 3.85 0.48 -4.54
N ASN A 46 3.57 1.77 -4.38
CA ASN A 46 3.31 2.34 -3.07
C ASN A 46 2.06 3.22 -3.10
N LEU A 47 1.62 3.64 -1.92
CA LEU A 47 0.44 4.49 -1.80
C LEU A 47 0.81 5.84 -1.20
N PHE A 48 0.27 6.91 -1.79
CA PHE A 48 0.53 8.26 -1.32
C PHE A 48 -0.76 9.07 -1.24
N CYS A 49 -0.76 10.09 -0.37
CA CYS A 49 -1.93 10.94 -0.20
C CYS A 49 -1.99 12.01 -1.29
N GLY A 50 -1.34 11.74 -2.41
CA GLY A 50 -1.33 12.69 -3.50
C GLY A 50 -0.30 13.79 -3.32
N LEU A 51 -0.07 14.17 -2.07
CA LEU A 51 0.89 15.22 -1.75
C LEU A 51 2.32 14.71 -1.91
N HIS A 52 2.47 13.39 -1.89
CA HIS A 52 3.79 12.77 -2.03
C HIS A 52 3.86 11.93 -3.29
N ARG A 53 2.71 11.68 -3.91
CA ARG A 53 2.65 10.89 -5.13
C ARG A 53 3.86 11.15 -6.01
N TYR A 54 4.11 12.42 -6.30
CA TYR A 54 5.25 12.80 -7.13
C TYR A 54 6.47 11.92 -6.82
N SER A 55 7.37 11.82 -7.80
CA SER A 55 8.58 11.02 -7.63
C SER A 55 9.63 11.77 -6.84
N ASP A 56 9.67 13.09 -7.03
CA ASP A 56 10.63 13.92 -6.32
C ASP A 56 10.05 14.42 -4.99
N LYS A 57 9.01 13.74 -4.52
CA LYS A 57 8.37 14.12 -3.26
C LYS A 57 8.60 13.05 -2.21
N HIS A 58 8.55 11.78 -2.62
CA HIS A 58 8.76 10.67 -1.70
C HIS A 58 9.99 9.87 -2.09
N ASN A 59 10.86 10.48 -2.89
CA ASN A 59 12.09 9.81 -3.33
C ASN A 59 11.77 8.49 -4.02
N CYS A 60 10.85 8.53 -4.98
CA CYS A 60 10.46 7.33 -5.71
C CYS A 60 11.68 6.60 -6.26
N PRO A 61 11.87 5.35 -5.81
CA PRO A 61 13.00 4.51 -6.24
C PRO A 61 12.88 4.09 -7.71
N TYR A 62 11.64 4.01 -8.19
CA TYR A 62 11.39 3.61 -9.58
C TYR A 62 12.31 4.38 -10.54
N ASP A 63 12.18 4.08 -11.83
CA ASP A 63 12.98 4.74 -12.84
C ASP A 63 12.10 5.28 -13.96
N TYR A 64 10.86 4.78 -14.03
CA TYR A 64 9.92 5.21 -15.06
C TYR A 64 10.12 6.69 -15.39
N LYS A 65 10.53 7.47 -14.39
CA LYS A 65 10.75 8.89 -14.57
C LYS A 65 11.42 9.18 -15.91
N ALA A 66 12.43 8.38 -16.24
CA ALA A 66 13.16 8.53 -17.50
C ALA A 66 12.92 7.35 -18.43
N GLU A 67 11.65 6.96 -18.55
CA GLU A 67 11.29 5.85 -19.42
C GLU A 67 11.06 6.31 -20.85
N ALA A 68 11.92 7.22 -21.31
CA ALA A 68 11.81 7.74 -22.67
C ALA A 68 13.11 7.49 -23.45
N SER A 69 14.22 7.97 -22.91
CA SER A 69 15.52 7.80 -23.55
C SER A 69 15.88 6.33 -23.66
N GLY A 70 16.49 5.96 -24.78
CA GLY A 70 16.89 4.57 -24.99
C GLY A 70 17.41 4.32 -26.39
N PRO A 71 18.53 4.99 -26.73
CA PRO A 71 19.17 4.85 -28.05
C PRO A 71 19.79 3.48 -28.25
N SER A 72 20.45 3.30 -29.39
CA SER A 72 21.10 2.02 -29.71
C SER A 72 22.55 2.02 -29.23
N SER A 73 22.74 1.70 -27.95
CA SER A 73 24.07 1.66 -27.37
C SER A 73 24.48 0.23 -27.05
N GLY A 74 25.20 -0.39 -27.98
CA GLY A 74 25.64 -1.76 -27.79
C GLY A 74 26.89 -2.08 -28.57
ZN ZN B . 1.45 11.53 2.24
ZN ZN C . 6.92 5.93 -6.16
N GLY A 1 -26.48 -33.86 -26.96
CA GLY A 1 -26.54 -34.17 -25.55
C GLY A 1 -27.23 -33.08 -24.75
N SER A 2 -27.93 -33.48 -23.69
CA SER A 2 -28.64 -32.53 -22.84
C SER A 2 -28.99 -33.16 -21.50
N SER A 3 -28.98 -32.35 -20.45
CA SER A 3 -29.29 -32.82 -19.11
C SER A 3 -29.55 -31.66 -18.16
N GLY A 4 -29.96 -31.97 -16.94
CA GLY A 4 -30.24 -30.94 -15.96
C GLY A 4 -30.26 -31.48 -14.54
N SER A 5 -30.53 -30.60 -13.59
CA SER A 5 -30.58 -30.99 -12.18
C SER A 5 -31.15 -29.87 -11.32
N SER A 6 -31.33 -30.15 -10.04
CA SER A 6 -31.88 -29.17 -9.10
C SER A 6 -31.46 -29.48 -7.67
N GLY A 7 -31.34 -28.43 -6.86
CA GLY A 7 -30.94 -28.61 -5.48
C GLY A 7 -29.69 -29.47 -5.34
N PRO A 8 -29.41 -29.91 -4.11
CA PRO A 8 -30.26 -29.62 -2.94
C PRO A 8 -30.18 -28.16 -2.53
N SER A 9 -30.93 -27.79 -1.49
CA SER A 9 -30.94 -26.42 -1.00
C SER A 9 -30.91 -26.40 0.52
N SER A 10 -30.26 -25.37 1.07
CA SER A 10 -30.15 -25.24 2.52
C SER A 10 -30.36 -23.79 2.94
N SER A 11 -30.39 -23.56 4.25
CA SER A 11 -30.59 -22.21 4.79
C SER A 11 -29.79 -22.02 6.07
N GLN A 12 -28.73 -21.22 5.98
CA GLN A 12 -27.88 -20.95 7.13
C GLN A 12 -27.45 -19.48 7.17
N SER A 13 -27.17 -18.98 8.36
CA SER A 13 -26.75 -17.59 8.53
C SER A 13 -25.36 -17.51 9.17
N GLU A 14 -24.42 -16.93 8.44
CA GLU A 14 -23.06 -16.78 8.94
C GLU A 14 -22.23 -15.90 8.00
N GLU A 15 -21.52 -14.94 8.59
CA GLU A 15 -20.69 -14.02 7.81
C GLU A 15 -19.35 -13.78 8.51
N LYS A 16 -18.28 -14.33 7.93
CA LYS A 16 -16.95 -14.17 8.49
C LYS A 16 -16.14 -13.16 7.70
N ALA A 17 -15.02 -12.72 8.26
CA ALA A 17 -14.15 -11.75 7.60
C ALA A 17 -12.77 -11.73 8.23
N PRO A 18 -11.73 -11.84 7.39
CA PRO A 18 -10.34 -11.84 7.85
C PRO A 18 -9.90 -10.47 8.37
N GLU A 19 -9.62 -10.40 9.67
CA GLU A 19 -9.20 -9.16 10.29
C GLU A 19 -7.67 -9.10 10.41
N LEU A 20 -6.99 -9.43 9.31
CA LEU A 20 -5.52 -9.43 9.30
C LEU A 20 -5.00 -8.00 9.19
N PRO A 21 -3.73 -7.80 9.61
CA PRO A 21 -3.08 -6.49 9.58
C PRO A 21 -2.78 -6.03 8.16
N LYS A 22 -3.09 -4.77 7.87
CA LYS A 22 -2.85 -4.20 6.55
C LYS A 22 -1.61 -3.31 6.55
N PRO A 23 -0.63 -3.66 5.71
CA PRO A 23 0.62 -2.89 5.60
C PRO A 23 0.41 -1.53 4.95
N LYS A 24 -0.84 -1.21 4.64
CA LYS A 24 -1.18 0.06 4.01
C LYS A 24 -2.30 0.76 4.78
N LYS A 25 -3.21 -0.02 5.33
CA LYS A 25 -4.33 0.52 6.09
C LYS A 25 -4.86 1.80 5.44
N ASN A 26 -4.94 1.79 4.11
CA ASN A 26 -5.44 2.94 3.37
C ASN A 26 -4.79 4.23 3.87
N ARG A 27 -3.46 4.21 3.98
CA ARG A 27 -2.72 5.37 4.44
C ARG A 27 -1.46 5.58 3.61
N CYS A 28 -1.02 6.83 3.51
CA CYS A 28 0.16 7.17 2.74
C CYS A 28 1.34 6.29 3.15
N PHE A 29 2.24 6.05 2.19
CA PHE A 29 3.42 5.22 2.45
C PHE A 29 4.65 6.09 2.73
N MET A 30 4.44 7.40 2.77
CA MET A 30 5.52 8.34 3.03
C MET A 30 5.26 9.14 4.30
N CYS A 31 4.03 9.61 4.45
CA CYS A 31 3.65 10.40 5.63
C CYS A 31 2.74 9.59 6.54
N ARG A 32 2.16 8.52 6.00
CA ARG A 32 1.26 7.67 6.77
C ARG A 32 0.00 8.43 7.17
N LYS A 33 -0.68 8.99 6.17
CA LYS A 33 -1.90 9.75 6.42
C LYS A 33 -3.11 9.04 5.82
N LYS A 34 -4.26 9.18 6.47
CA LYS A 34 -5.49 8.56 6.00
C LYS A 34 -5.89 9.08 4.62
N VAL A 35 -5.72 8.25 3.60
CA VAL A 35 -6.06 8.63 2.24
C VAL A 35 -7.39 8.03 1.82
N GLY A 36 -7.63 6.79 2.22
CA GLY A 36 -8.87 6.12 1.87
C GLY A 36 -9.19 6.21 0.40
N LEU A 37 -10.02 7.17 0.03
CA LEU A 37 -10.40 7.37 -1.37
C LEU A 37 -9.41 8.28 -2.09
N THR A 38 -8.80 9.19 -1.33
CA THR A 38 -7.84 10.13 -1.89
C THR A 38 -6.45 9.52 -1.95
N GLY A 39 -6.39 8.21 -2.17
CA GLY A 39 -5.11 7.52 -2.24
C GLY A 39 -4.47 7.64 -3.61
N PHE A 40 -3.15 7.48 -3.65
CA PHE A 40 -2.41 7.58 -4.90
C PHE A 40 -1.46 6.39 -5.06
N ASP A 41 -1.65 5.63 -6.13
CA ASP A 41 -0.82 4.46 -6.40
C ASP A 41 0.33 4.82 -7.34
N CYS A 42 1.54 4.80 -6.80
CA CYS A 42 2.74 5.13 -7.58
C CYS A 42 3.22 3.92 -8.37
N ARG A 43 4.12 4.16 -9.32
CA ARG A 43 4.66 3.08 -10.14
C ARG A 43 5.52 2.14 -9.30
N CYS A 44 6.16 2.68 -8.28
CA CYS A 44 7.02 1.89 -7.41
C CYS A 44 6.19 0.88 -6.61
N GLY A 45 4.88 0.94 -6.77
CA GLY A 45 4.00 0.03 -6.06
C GLY A 45 3.74 0.45 -4.63
N ASN A 46 3.46 1.74 -4.44
CA ASN A 46 3.20 2.27 -3.11
C ASN A 46 1.98 3.18 -3.12
N LEU A 47 1.51 3.55 -1.94
CA LEU A 47 0.35 4.42 -1.81
C LEU A 47 0.74 5.78 -1.22
N PHE A 48 0.17 6.84 -1.79
CA PHE A 48 0.46 8.19 -1.33
C PHE A 48 -0.82 9.01 -1.22
N CYS A 49 -0.80 10.02 -0.35
CA CYS A 49 -1.96 10.88 -0.14
C CYS A 49 -2.00 11.99 -1.19
N GLY A 50 -1.38 11.73 -2.34
CA GLY A 50 -1.36 12.72 -3.41
C GLY A 50 -0.34 13.81 -3.17
N LEU A 51 -0.06 14.10 -1.90
CA LEU A 51 0.90 15.13 -1.54
C LEU A 51 2.33 14.66 -1.82
N HIS A 52 2.53 13.35 -1.79
CA HIS A 52 3.84 12.77 -2.03
C HIS A 52 3.82 11.88 -3.28
N ARG A 53 2.64 11.73 -3.87
CA ARG A 53 2.49 10.91 -5.06
C ARG A 53 3.69 11.08 -6.00
N TYR A 54 4.14 12.33 -6.14
CA TYR A 54 5.28 12.62 -7.01
C TYR A 54 6.44 11.68 -6.72
N SER A 55 7.54 11.87 -7.46
CA SER A 55 8.72 11.04 -7.29
C SER A 55 9.73 11.71 -6.37
N ASP A 56 10.12 12.94 -6.73
CA ASP A 56 11.09 13.70 -5.94
C ASP A 56 10.50 14.10 -4.60
N LYS A 57 9.25 13.72 -4.38
CA LYS A 57 8.55 14.04 -3.13
C LYS A 57 8.82 12.98 -2.07
N HIS A 58 8.70 11.71 -2.48
CA HIS A 58 8.92 10.60 -1.57
C HIS A 58 10.16 9.80 -1.97
N ASN A 59 11.01 10.41 -2.78
CA ASN A 59 12.22 9.76 -3.26
C ASN A 59 11.90 8.43 -3.94
N CYS A 60 10.94 8.46 -4.85
CA CYS A 60 10.54 7.27 -5.58
C CYS A 60 11.75 6.53 -6.13
N PRO A 61 11.92 5.27 -5.71
CA PRO A 61 13.04 4.42 -6.13
C PRO A 61 12.91 4.00 -7.60
N TYR A 62 11.67 3.93 -8.08
CA TYR A 62 11.42 3.54 -9.47
C TYR A 62 12.35 4.29 -10.41
N ASP A 63 12.28 3.92 -11.69
CA ASP A 63 13.12 4.56 -12.71
C ASP A 63 12.27 5.01 -13.90
N TYR A 64 10.99 4.63 -13.90
CA TYR A 64 10.09 5.00 -14.97
C TYR A 64 10.34 6.42 -15.45
N LYS A 65 10.66 7.31 -14.51
CA LYS A 65 10.95 8.70 -14.84
C LYS A 65 11.61 8.82 -16.21
N ALA A 66 12.51 7.87 -16.51
CA ALA A 66 13.21 7.87 -17.78
C ALA A 66 13.04 6.54 -18.50
N GLU A 67 11.80 6.09 -18.62
CA GLU A 67 11.50 4.82 -19.29
C GLU A 67 11.44 5.00 -20.80
N ALA A 68 12.57 4.81 -21.47
CA ALA A 68 12.63 4.95 -22.91
C ALA A 68 14.00 4.51 -23.45
N SER A 69 14.01 4.05 -24.69
CA SER A 69 15.25 3.58 -25.32
C SER A 69 15.58 4.41 -26.55
N GLY A 70 16.79 4.94 -26.60
CA GLY A 70 17.20 5.75 -27.73
C GLY A 70 17.55 7.17 -27.34
N PRO A 71 18.36 7.84 -28.17
CA PRO A 71 18.78 9.23 -27.93
C PRO A 71 17.63 10.22 -28.08
N SER A 72 16.45 9.71 -28.45
CA SER A 72 15.28 10.55 -28.62
C SER A 72 15.21 11.64 -27.56
N SER A 73 15.21 12.89 -27.99
CA SER A 73 15.14 14.01 -27.06
C SER A 73 13.90 13.93 -26.18
N GLY A 74 14.06 14.30 -24.92
CA GLY A 74 12.94 14.26 -23.99
C GLY A 74 13.34 14.65 -22.58
ZN ZN B . 1.53 11.58 1.99
ZN ZN C . 6.99 5.90 -6.02
#